data_6JZQ
#
_entry.id   6JZQ
#
_cell.length_a   92.167
_cell.length_b   201.442
_cell.length_c   124.580
_cell.angle_alpha   90.00
_cell.angle_beta   105.90
_cell.angle_gamma   90.00
#
_symmetry.space_group_name_H-M   'C 1 2 1'
#
loop_
_entity.id
_entity.type
_entity.pdbx_description
1 polymer 'Long-chain acyl-[acyl-carrier-protein] reductase'
2 water water
#
_entity_poly.entity_id   1
_entity_poly.type   'polypeptide(L)'
_entity_poly.pdbx_seq_one_letter_code
;MFGLIGHLTSLEQARDVSRRMGYDEYADQGLEFWSSAPPQIVDEITVTSATGKVIHGRYIESCFLPEMLAARRFKTATRK
VLNAMSHAQKHGIDISALGGFTSIIFENFDLASLRQVRDTTLEFERFTTGNTHTAYVICRQVEAAAKTLGIDITQATVAV
VGATGDIGSAVCRWLDLKLGVGDLILTARNQERLDNLQAELGRGKILPLEAALPEADFIVWVASMPQGVVIDPATLKQPC
VLIDGGYPKNLGSKVQGEGIYVLNGGVVEHCFDIDWQIMSAAEMARPERQMFACFAEAMLLEFEGWHTNFSWGRNQITIE
KMEAIGEASVRHGFQPLALAIENLYFQ
;
_entity_poly.pdbx_strand_id   A,B,C,D,E
#
# COMPACT_ATOMS: atom_id res chain seq x y z
N MET A 1 -7.87 -12.32 15.94
CA MET A 1 -6.74 -12.60 15.06
C MET A 1 -7.28 -13.39 13.86
N PHE A 2 -7.20 -12.82 12.66
CA PHE A 2 -7.56 -13.61 11.50
C PHE A 2 -6.31 -14.26 10.94
N GLY A 3 -6.50 -15.28 10.09
CA GLY A 3 -5.41 -15.96 9.42
C GLY A 3 -5.66 -16.02 7.94
N LEU A 4 -4.58 -15.94 7.17
CA LEU A 4 -4.66 -16.15 5.72
C LEU A 4 -3.73 -17.31 5.39
N ILE A 5 -4.31 -18.47 5.06
CA ILE A 5 -3.47 -19.62 4.75
C ILE A 5 -3.24 -19.67 3.26
N GLY A 6 -1.99 -19.60 2.87
CA GLY A 6 -1.73 -19.67 1.47
C GLY A 6 -0.61 -20.59 1.08
N HIS A 7 -0.15 -20.46 -0.15
CA HIS A 7 0.77 -21.47 -0.58
C HIS A 7 1.68 -20.89 -1.61
N LEU A 8 2.76 -21.59 -1.90
CA LEU A 8 3.66 -21.20 -2.96
C LEU A 8 3.02 -21.39 -4.34
N THR A 9 3.64 -20.83 -5.37
CA THR A 9 3.05 -20.89 -6.70
C THR A 9 3.93 -21.59 -7.74
N SER A 10 5.23 -21.61 -7.47
CA SER A 10 6.16 -22.35 -8.30
C SER A 10 7.42 -22.53 -7.48
N LEU A 11 8.33 -23.39 -7.96
CA LEU A 11 9.56 -23.63 -7.24
C LEU A 11 10.42 -22.38 -7.22
N GLU A 12 10.30 -21.60 -8.28
CA GLU A 12 11.11 -20.41 -8.42
C GLU A 12 10.58 -19.36 -7.44
N GLN A 13 9.26 -19.13 -7.41
CA GLN A 13 8.68 -18.20 -6.43
C GLN A 13 8.96 -18.60 -4.98
N ALA A 14 9.14 -19.88 -4.72
CA ALA A 14 9.46 -20.29 -3.37
C ALA A 14 10.88 -19.89 -3.03
N ARG A 15 11.76 -19.89 -4.03
CA ARG A 15 13.13 -19.48 -3.76
C ARG A 15 13.20 -17.98 -3.51
N ASP A 16 12.38 -17.21 -4.22
CA ASP A 16 12.23 -15.80 -3.89
C ASP A 16 11.84 -15.56 -2.43
N VAL A 17 10.73 -16.16 -1.99
CA VAL A 17 10.24 -16.06 -0.61
C VAL A 17 11.05 -16.90 0.34
N SER A 18 12.08 -17.54 -0.18
CA SER A 18 12.83 -18.47 0.63
C SER A 18 13.50 -17.80 1.86
N ARG A 19 14.20 -16.69 1.63
CA ARG A 19 15.04 -16.06 2.66
C ARG A 19 14.18 -15.60 3.82
N ARG A 20 13.07 -14.98 3.48
CA ARG A 20 12.20 -14.39 4.47
C ARG A 20 11.66 -15.49 5.42
N MET A 21 11.92 -16.74 5.08
CA MET A 21 11.42 -17.86 5.87
C MET A 21 12.53 -18.50 6.66
N GLY A 22 13.68 -17.83 6.75
CA GLY A 22 14.77 -18.38 7.52
C GLY A 22 15.69 -19.36 6.78
N TYR A 23 15.46 -19.55 5.48
CA TYR A 23 16.22 -20.53 4.69
C TYR A 23 17.28 -19.86 3.82
N ASP A 24 18.12 -20.69 3.20
CA ASP A 24 19.24 -20.20 2.40
C ASP A 24 18.82 -20.04 0.96
N GLU A 25 18.90 -18.80 0.49
CA GLU A 25 18.35 -18.41 -0.81
C GLU A 25 19.02 -19.11 -1.97
N TYR A 26 20.28 -19.51 -1.76
CA TYR A 26 21.05 -20.15 -2.83
C TYR A 26 21.33 -21.63 -2.59
N ALA A 27 20.69 -22.22 -1.58
CA ALA A 27 20.82 -23.65 -1.32
C ALA A 27 20.07 -24.51 -2.35
N ASP A 28 20.27 -25.82 -2.28
CA ASP A 28 19.49 -26.75 -3.09
C ASP A 28 18.12 -26.93 -2.40
N GLN A 29 17.06 -26.43 -3.04
CA GLN A 29 15.72 -26.55 -2.49
C GLN A 29 14.94 -27.30 -3.51
N GLY A 30 14.77 -28.59 -3.30
CA GLY A 30 14.02 -29.36 -4.29
C GLY A 30 12.59 -29.47 -3.89
N LEU A 31 11.82 -30.22 -4.66
CA LEU A 31 10.42 -30.45 -4.34
C LEU A 31 10.41 -31.13 -2.99
N GLU A 32 11.42 -31.94 -2.74
CA GLU A 32 11.49 -32.70 -1.51
C GLU A 32 11.79 -31.80 -0.32
N PHE A 33 12.55 -30.73 -0.56
CA PHE A 33 12.79 -29.71 0.45
C PHE A 33 11.47 -29.08 0.97
N TRP A 34 10.66 -28.55 0.04
CA TRP A 34 9.40 -27.91 0.40
C TRP A 34 8.35 -28.92 0.87
N SER A 35 8.48 -30.18 0.47
CA SER A 35 7.61 -31.21 1.02
C SER A 35 7.81 -31.37 2.51
N SER A 36 9.06 -31.24 2.96
CA SER A 36 9.38 -31.38 4.38
C SER A 36 9.44 -30.08 5.10
N ALA A 37 9.38 -28.97 4.39
CA ALA A 37 9.33 -27.67 5.06
C ALA A 37 8.04 -27.60 5.87
N PRO A 38 8.14 -27.21 7.14
CA PRO A 38 6.96 -27.11 8.02
C PRO A 38 6.21 -25.80 7.76
N PRO A 39 4.99 -25.68 8.26
CA PRO A 39 4.29 -24.42 8.07
C PRO A 39 4.89 -23.31 8.92
N GLN A 40 4.83 -22.06 8.44
CA GLN A 40 5.36 -20.89 9.16
C GLN A 40 4.36 -19.75 9.08
N ILE A 41 4.13 -19.08 10.22
CA ILE A 41 3.57 -17.74 10.20
C ILE A 41 4.67 -16.88 9.65
N VAL A 42 4.36 -16.05 8.68
CA VAL A 42 5.44 -15.39 7.96
C VAL A 42 5.30 -13.86 7.94
N ASP A 43 4.07 -13.37 7.95
CA ASP A 43 3.84 -11.95 7.87
C ASP A 43 2.74 -11.59 8.85
N GLU A 44 2.97 -10.50 9.60
CA GLU A 44 1.96 -9.92 10.52
C GLU A 44 1.22 -8.83 9.77
N ILE A 45 -0.10 -8.75 9.97
CA ILE A 45 -0.97 -7.95 9.14
C ILE A 45 -1.88 -7.06 10.00
N THR A 46 -2.02 -5.80 9.65
CA THR A 46 -2.90 -4.89 10.37
C THR A 46 -3.77 -4.23 9.34
N VAL A 47 -5.05 -4.47 9.36
CA VAL A 47 -5.99 -3.92 8.37
C VAL A 47 -6.86 -2.92 9.11
N THR A 48 -7.27 -1.85 8.45
CA THR A 48 -8.04 -0.83 9.12
C THR A 48 -9.33 -0.65 8.36
N SER A 49 -10.47 -0.88 8.99
CA SER A 49 -11.73 -0.76 8.23
C SER A 49 -12.13 0.68 7.99
N ALA A 50 -13.09 0.86 7.10
CA ALA A 50 -13.62 2.20 6.87
C ALA A 50 -14.36 2.68 8.08
N THR A 51 -14.82 1.78 8.92
CA THR A 51 -15.42 2.25 10.17
C THR A 51 -14.40 2.77 11.20
N GLY A 52 -13.11 2.51 11.01
CA GLY A 52 -12.12 2.86 12.02
C GLY A 52 -11.59 1.68 12.84
N LYS A 53 -12.30 0.55 12.77
CA LYS A 53 -11.92 -0.62 13.57
C LYS A 53 -10.62 -1.26 13.06
N VAL A 54 -9.71 -1.57 13.99
CA VAL A 54 -8.45 -2.15 13.58
C VAL A 54 -8.39 -3.63 13.93
N ILE A 55 -7.92 -4.45 12.99
CA ILE A 55 -7.83 -5.87 13.26
C ILE A 55 -6.44 -6.36 12.94
N HIS A 56 -6.12 -7.56 13.44
CA HIS A 56 -4.78 -8.13 13.27
C HIS A 56 -4.82 -9.54 12.73
N GLY A 57 -3.97 -9.83 11.75
CA GLY A 57 -3.97 -11.16 11.17
C GLY A 57 -2.58 -11.72 11.08
N ARG A 58 -2.50 -12.97 10.63
CA ARG A 58 -1.21 -13.59 10.37
C ARG A 58 -1.33 -14.30 9.02
N TYR A 59 -0.34 -14.12 8.16
CA TYR A 59 -0.29 -14.87 6.92
C TYR A 59 0.51 -16.13 7.16
N ILE A 60 -0.13 -17.27 6.94
CA ILE A 60 0.51 -18.53 7.24
C ILE A 60 0.91 -19.18 5.95
N GLU A 61 2.21 -19.45 5.84
CA GLU A 61 2.75 -20.13 4.66
C GLU A 61 2.68 -21.64 4.79
N SER A 62 1.88 -22.26 3.95
CA SER A 62 1.70 -23.72 4.05
C SER A 62 2.76 -24.54 3.34
N CYS A 63 3.49 -23.92 2.41
CA CYS A 63 4.52 -24.55 1.59
C CYS A 63 3.95 -25.59 0.60
N PHE A 64 2.63 -25.58 0.37
CA PHE A 64 2.13 -26.40 -0.70
C PHE A 64 2.59 -25.82 -2.03
N LEU A 65 2.89 -26.70 -2.97
CA LEU A 65 3.43 -26.33 -4.26
C LEU A 65 2.58 -27.08 -5.29
N PRO A 66 2.09 -26.41 -6.34
CA PRO A 66 1.31 -27.10 -7.38
C PRO A 66 2.09 -28.19 -8.09
N GLU A 67 3.42 -28.14 -7.98
CA GLU A 67 4.28 -29.23 -8.46
C GLU A 67 4.07 -30.50 -7.61
N MET A 68 3.67 -30.37 -6.35
CA MET A 68 3.37 -31.55 -5.57
C MET A 68 2.19 -32.31 -6.18
N LEU A 69 1.24 -31.60 -6.79
CA LEU A 69 0.19 -32.27 -7.56
C LEU A 69 0.78 -32.90 -8.80
N ALA A 70 1.54 -32.12 -9.55
CA ALA A 70 2.07 -32.61 -10.82
C ALA A 70 2.86 -33.89 -10.64
N ALA A 71 3.55 -33.98 -9.51
CA ALA A 71 4.34 -35.16 -9.21
C ALA A 71 3.53 -36.25 -8.49
N ARG A 72 2.20 -36.12 -8.56
CA ARG A 72 1.27 -37.14 -8.05
C ARG A 72 1.48 -37.38 -6.55
N ARG A 73 2.10 -36.41 -5.89
CA ARG A 73 2.35 -36.48 -4.45
C ARG A 73 1.17 -35.94 -3.63
N PHE A 74 0.01 -36.57 -3.80
CA PHE A 74 -1.24 -36.06 -3.27
C PHE A 74 -1.34 -36.19 -1.77
N LYS A 75 -0.68 -37.19 -1.18
CA LYS A 75 -0.75 -37.28 0.28
C LYS A 75 0.16 -36.21 0.91
N THR A 76 1.35 -36.00 0.35
CA THR A 76 2.17 -34.86 0.74
C THR A 76 1.42 -33.55 0.60
N ALA A 77 0.68 -33.40 -0.51
CA ALA A 77 -0.08 -32.18 -0.75
C ALA A 77 -1.19 -31.99 0.26
N THR A 78 -1.83 -33.07 0.64
CA THR A 78 -2.88 -33.05 1.64
C THR A 78 -2.33 -32.64 2.97
N ARG A 79 -1.11 -33.10 3.23
CA ARG A 79 -0.49 -32.92 4.53
C ARG A 79 -0.17 -31.44 4.77
N LYS A 80 0.32 -30.79 3.73
CA LYS A 80 0.66 -29.39 3.83
C LYS A 80 -0.54 -28.57 4.31
N VAL A 81 -1.68 -28.76 3.67
CA VAL A 81 -2.88 -28.03 4.03
C VAL A 81 -3.24 -28.29 5.49
N LEU A 82 -3.32 -29.55 5.89
CA LEU A 82 -3.77 -29.88 7.24
C LEU A 82 -2.79 -29.39 8.32
N ASN A 83 -1.50 -29.52 8.05
CA ASN A 83 -0.48 -28.97 8.92
C ASN A 83 -0.69 -27.47 9.08
N ALA A 84 -0.81 -26.79 7.93
CA ALA A 84 -1.04 -25.36 7.94
C ALA A 84 -2.27 -25.03 8.79
N MET A 85 -3.33 -25.83 8.64
CA MET A 85 -4.51 -25.56 9.44
C MET A 85 -4.24 -25.80 10.92
N SER A 86 -3.51 -26.86 11.20
CA SER A 86 -3.20 -27.23 12.57
C SER A 86 -2.27 -26.16 13.22
N HIS A 87 -1.43 -25.52 12.40
CA HIS A 87 -0.48 -24.47 12.84
C HIS A 87 -1.20 -23.18 13.17
N ALA A 88 -2.12 -22.81 12.28
CA ALA A 88 -3.04 -21.74 12.56
C ALA A 88 -3.58 -21.87 13.96
N GLN A 89 -4.14 -23.04 14.26
CA GLN A 89 -4.87 -23.27 15.51
C GLN A 89 -3.97 -23.24 16.76
N LYS A 90 -2.81 -23.90 16.71
CA LYS A 90 -1.96 -23.92 17.89
C LYS A 90 -1.55 -22.49 18.24
N HIS A 91 -1.35 -21.62 17.25
CA HIS A 91 -1.04 -20.24 17.55
C HIS A 91 -2.26 -19.38 17.80
N GLY A 92 -3.42 -20.01 18.00
CA GLY A 92 -4.56 -19.29 18.53
C GLY A 92 -5.24 -18.32 17.60
N ILE A 93 -4.98 -18.46 16.31
CA ILE A 93 -5.71 -17.66 15.37
C ILE A 93 -7.20 -18.03 15.39
N ASP A 94 -8.07 -17.03 15.37
CA ASP A 94 -9.50 -17.29 15.57
C ASP A 94 -10.28 -17.72 14.33
N ILE A 95 -9.89 -17.18 13.17
CA ILE A 95 -10.60 -17.45 11.94
C ILE A 95 -9.57 -17.31 10.83
N SER A 96 -9.43 -18.35 10.01
CA SER A 96 -8.43 -18.34 8.93
C SER A 96 -9.08 -18.73 7.59
N ALA A 97 -8.60 -18.11 6.52
CA ALA A 97 -9.08 -18.44 5.21
C ALA A 97 -8.14 -19.41 4.50
N LEU A 98 -8.68 -20.37 3.75
CA LEU A 98 -7.80 -21.17 2.92
C LEU A 98 -7.84 -20.64 1.50
N GLY A 99 -6.75 -20.03 1.04
CA GLY A 99 -6.76 -19.40 -0.27
C GLY A 99 -6.12 -20.20 -1.39
N GLY A 100 -6.50 -19.94 -2.64
CA GLY A 100 -5.88 -20.68 -3.73
C GLY A 100 -6.22 -22.16 -3.68
N PHE A 101 -5.21 -23.00 -3.91
CA PHE A 101 -5.45 -24.48 -4.01
C PHE A 101 -5.92 -25.03 -2.68
N THR A 102 -5.39 -24.49 -1.58
CA THR A 102 -5.74 -24.89 -0.22
C THR A 102 -7.16 -25.37 -0.02
N SER A 103 -8.15 -24.66 -0.53
CA SER A 103 -9.52 -25.10 -0.31
C SER A 103 -10.00 -26.09 -1.37
N ILE A 104 -9.55 -25.92 -2.61
CA ILE A 104 -9.77 -26.92 -3.63
C ILE A 104 -9.25 -28.25 -3.13
N ILE A 105 -7.99 -28.27 -2.67
CA ILE A 105 -7.42 -29.50 -2.14
C ILE A 105 -8.28 -30.04 -1.00
N PHE A 106 -8.54 -29.23 0.02
CA PHE A 106 -9.40 -29.67 1.13
C PHE A 106 -10.74 -30.31 0.75
N GLU A 107 -11.19 -30.02 -0.46
CA GLU A 107 -12.48 -30.51 -0.90
C GLU A 107 -12.37 -31.83 -1.68
N ASN A 108 -11.52 -31.85 -2.71
CA ASN A 108 -11.33 -32.98 -3.61
C ASN A 108 -10.61 -34.14 -2.96
N PHE A 109 -10.22 -33.99 -1.71
CA PHE A 109 -9.69 -35.10 -0.92
C PHE A 109 -10.44 -35.26 0.39
N ASP A 110 -11.63 -34.63 0.49
CA ASP A 110 -12.56 -34.85 1.60
C ASP A 110 -11.88 -34.84 2.94
N LEU A 111 -11.07 -33.82 3.16
CA LEU A 111 -10.22 -33.73 4.34
C LEU A 111 -11.01 -33.51 5.62
N ALA A 112 -12.28 -33.17 5.48
CA ALA A 112 -13.15 -33.15 6.64
C ALA A 112 -13.19 -34.55 7.30
N SER A 113 -13.14 -35.59 6.47
CA SER A 113 -13.12 -36.98 6.92
C SER A 113 -11.82 -37.37 7.67
N ARG A 118 -3.41 -35.48 13.14
CA ARG A 118 -2.23 -35.17 13.97
C ARG A 118 -2.52 -35.20 15.47
N ASP A 119 -1.81 -34.33 16.18
CA ASP A 119 -1.82 -34.29 17.65
C ASP A 119 -3.21 -34.05 18.27
N THR A 120 -3.73 -32.84 18.10
CA THR A 120 -5.08 -32.53 18.58
C THR A 120 -6.08 -32.56 17.40
N THR A 121 -7.34 -32.32 17.73
CA THR A 121 -8.39 -32.30 16.73
C THR A 121 -8.61 -30.85 16.27
N LEU A 122 -8.90 -30.71 14.97
CA LEU A 122 -9.11 -29.41 14.36
C LEU A 122 -10.52 -28.89 14.67
N GLU A 123 -10.66 -27.62 15.06
CA GLU A 123 -12.00 -27.03 15.19
C GLU A 123 -12.37 -26.37 13.85
N PHE A 124 -13.39 -26.87 13.16
CA PHE A 124 -13.65 -26.32 11.83
C PHE A 124 -14.31 -24.96 11.88
N GLU A 125 -14.81 -24.53 13.03
CA GLU A 125 -15.34 -23.16 13.09
C GLU A 125 -14.21 -22.14 13.17
N ARG A 126 -12.98 -22.63 13.20
CA ARG A 126 -11.85 -21.73 13.18
C ARG A 126 -11.37 -21.36 11.78
N PHE A 127 -12.03 -21.92 10.75
CA PHE A 127 -11.61 -21.77 9.36
C PHE A 127 -12.78 -21.48 8.40
N THR A 128 -12.50 -21.02 7.19
CA THR A 128 -13.53 -20.75 6.19
C THR A 128 -12.88 -20.84 4.86
N THR A 129 -13.65 -21.18 3.84
CA THR A 129 -13.12 -21.24 2.48
C THR A 129 -13.13 -19.89 1.83
N GLY A 130 -13.87 -18.97 2.44
CA GLY A 130 -14.09 -17.66 1.86
C GLY A 130 -14.85 -17.67 0.56
N ASN A 131 -15.50 -18.79 0.25
CA ASN A 131 -16.19 -18.92 -1.02
C ASN A 131 -17.47 -18.07 -1.11
N THR A 132 -18.24 -17.98 -0.02
CA THR A 132 -19.44 -17.15 0.02
C THR A 132 -19.05 -15.75 -0.47
N HIS A 133 -18.00 -15.19 0.14
CA HIS A 133 -17.54 -13.89 -0.33
C HIS A 133 -17.07 -13.94 -1.78
N THR A 134 -16.31 -14.96 -2.16
CA THR A 134 -15.84 -15.01 -3.53
C THR A 134 -17.00 -15.00 -4.51
N ALA A 135 -18.04 -15.75 -4.18
CA ALA A 135 -19.22 -15.78 -5.05
C ALA A 135 -19.88 -14.41 -5.04
N TYR A 136 -19.92 -13.75 -3.86
CA TYR A 136 -20.59 -12.45 -3.81
C TYR A 136 -19.90 -11.43 -4.70
N VAL A 137 -18.58 -11.34 -4.61
CA VAL A 137 -17.78 -10.46 -5.45
C VAL A 137 -17.96 -10.71 -6.93
N ILE A 138 -17.87 -11.99 -7.32
CA ILE A 138 -18.03 -12.40 -8.73
C ILE A 138 -19.35 -11.85 -9.24
N CYS A 139 -20.41 -11.99 -8.46
CA CYS A 139 -21.71 -11.48 -8.91
C CYS A 139 -21.72 -9.95 -9.01
N ARG A 140 -21.03 -9.25 -8.09
CA ARG A 140 -21.00 -7.78 -8.22
C ARG A 140 -20.21 -7.45 -9.46
N GLN A 141 -19.28 -8.32 -9.83
CA GLN A 141 -18.55 -8.02 -11.04
C GLN A 141 -19.40 -8.15 -12.28
N VAL A 142 -20.27 -9.15 -12.34
CA VAL A 142 -21.17 -9.30 -13.49
C VAL A 142 -22.04 -8.05 -13.60
N GLU A 143 -22.72 -7.72 -12.50
CA GLU A 143 -23.57 -6.53 -12.42
C GLU A 143 -22.86 -5.23 -12.85
N ALA A 144 -21.72 -4.98 -12.23
CA ALA A 144 -20.87 -3.86 -12.62
C ALA A 144 -20.59 -3.87 -14.11
N ALA A 145 -20.09 -5.01 -14.59
CA ALA A 145 -19.65 -5.11 -15.99
C ALA A 145 -20.80 -4.75 -16.92
N ALA A 146 -21.93 -5.42 -16.72
CA ALA A 146 -23.10 -5.15 -17.53
C ALA A 146 -23.49 -3.64 -17.55
N LYS A 147 -23.45 -2.96 -16.39
CA LYS A 147 -23.72 -1.51 -16.36
C LYS A 147 -22.71 -0.79 -17.23
N THR A 148 -21.43 -1.11 -17.05
CA THR A 148 -20.36 -0.45 -17.83
C THR A 148 -20.56 -0.64 -19.34
N LEU A 149 -21.07 -1.79 -19.76
CA LEU A 149 -21.16 -2.05 -21.20
C LEU A 149 -22.54 -1.73 -21.77
N GLY A 150 -23.40 -1.14 -20.96
CA GLY A 150 -24.72 -0.82 -21.46
C GLY A 150 -25.64 -2.01 -21.65
N ILE A 151 -25.34 -3.12 -20.98
CA ILE A 151 -26.08 -4.38 -21.18
C ILE A 151 -27.06 -4.61 -20.03
N ASP A 152 -28.34 -4.56 -20.36
CA ASP A 152 -29.39 -4.96 -19.46
C ASP A 152 -29.14 -6.42 -19.09
N ILE A 153 -28.81 -6.68 -17.83
CA ILE A 153 -28.59 -8.03 -17.35
C ILE A 153 -29.91 -8.82 -17.38
N THR A 154 -31.04 -8.13 -17.36
CA THR A 154 -32.35 -8.78 -17.35
C THR A 154 -32.64 -9.41 -18.69
N GLN A 155 -31.89 -9.02 -19.72
CA GLN A 155 -32.10 -9.56 -21.05
C GLN A 155 -30.92 -10.37 -21.49
N ALA A 156 -29.87 -10.38 -20.69
CA ALA A 156 -28.62 -10.91 -21.18
C ALA A 156 -28.44 -12.38 -20.81
N THR A 157 -27.32 -12.93 -21.26
CA THR A 157 -27.00 -14.33 -21.07
C THR A 157 -25.65 -14.51 -20.36
N VAL A 158 -25.69 -15.26 -19.26
CA VAL A 158 -24.51 -15.57 -18.46
C VAL A 158 -24.26 -17.05 -18.39
N ALA A 159 -23.08 -17.49 -18.82
CA ALA A 159 -22.70 -18.89 -18.71
C ALA A 159 -21.86 -19.12 -17.48
N VAL A 160 -22.30 -20.00 -16.59
CA VAL A 160 -21.49 -20.28 -15.39
C VAL A 160 -20.77 -21.63 -15.62
N VAL A 161 -19.50 -21.58 -16.01
CA VAL A 161 -18.74 -22.80 -16.23
C VAL A 161 -18.20 -23.32 -14.90
N GLY A 162 -18.60 -24.53 -14.55
CA GLY A 162 -18.39 -24.98 -13.21
C GLY A 162 -19.58 -24.69 -12.32
N ALA A 163 -20.75 -24.57 -12.92
CA ALA A 163 -21.95 -24.21 -12.17
C ALA A 163 -22.33 -25.18 -11.03
N THR A 164 -21.64 -26.31 -10.91
CA THR A 164 -21.96 -27.24 -9.83
C THR A 164 -20.98 -27.15 -8.64
N GLY A 165 -19.91 -26.38 -8.81
CA GLY A 165 -18.98 -26.12 -7.73
C GLY A 165 -19.61 -25.31 -6.63
N ASP A 166 -18.89 -25.22 -5.51
CA ASP A 166 -19.38 -24.44 -4.38
C ASP A 166 -19.54 -22.99 -4.77
N ILE A 167 -18.53 -22.44 -5.45
CA ILE A 167 -18.60 -21.04 -5.88
C ILE A 167 -19.66 -20.89 -6.96
N GLY A 168 -19.57 -21.71 -8.01
CA GLY A 168 -20.46 -21.62 -9.14
C GLY A 168 -21.93 -21.68 -8.77
N SER A 169 -22.29 -22.62 -7.91
CA SER A 169 -23.69 -22.82 -7.56
C SER A 169 -24.22 -21.66 -6.78
N ALA A 170 -23.33 -21.03 -5.99
CA ALA A 170 -23.70 -19.81 -5.29
C ALA A 170 -23.89 -18.68 -6.29
N VAL A 171 -23.05 -18.58 -7.31
CA VAL A 171 -23.23 -17.54 -8.30
C VAL A 171 -24.57 -17.64 -9.02
N CYS A 172 -25.03 -18.86 -9.27
CA CYS A 172 -26.28 -19.04 -10.00
C CYS A 172 -27.46 -18.68 -9.15
N ARG A 173 -27.39 -19.01 -7.86
CA ARG A 173 -28.48 -18.62 -6.98
C ARG A 173 -28.62 -17.10 -6.97
N TRP A 174 -27.50 -16.38 -6.99
CA TRP A 174 -27.56 -14.93 -6.93
C TRP A 174 -27.96 -14.29 -8.27
N LEU A 175 -27.28 -14.72 -9.34
CA LEU A 175 -27.65 -14.26 -10.68
C LEU A 175 -29.12 -14.48 -11.00
N ASP A 176 -29.73 -15.50 -10.41
CA ASP A 176 -31.14 -15.74 -10.60
C ASP A 176 -32.02 -14.82 -9.76
N LEU A 177 -31.84 -14.90 -8.46
CA LEU A 177 -32.72 -14.20 -7.52
C LEU A 177 -32.41 -12.71 -7.37
N LYS A 178 -31.14 -12.34 -7.56
CA LYS A 178 -30.71 -10.98 -7.24
C LYS A 178 -30.66 -10.07 -8.48
N LEU A 179 -29.88 -10.47 -9.49
CA LEU A 179 -29.84 -9.69 -10.71
C LEU A 179 -30.99 -9.96 -11.65
N GLY A 180 -31.76 -11.01 -11.40
CA GLY A 180 -32.80 -11.45 -12.33
C GLY A 180 -32.35 -11.65 -13.78
N VAL A 181 -31.32 -12.46 -13.99
CA VAL A 181 -30.69 -12.60 -15.30
C VAL A 181 -31.68 -13.21 -16.29
N GLY A 182 -31.46 -12.97 -17.58
CA GLY A 182 -32.40 -13.38 -18.61
C GLY A 182 -32.31 -14.84 -18.96
N ASP A 183 -31.13 -15.23 -19.43
CA ASP A 183 -30.81 -16.60 -19.73
C ASP A 183 -29.58 -17.01 -18.92
N LEU A 184 -29.72 -18.14 -18.24
CA LEU A 184 -28.64 -18.68 -17.42
C LEU A 184 -28.22 -20.01 -18.00
N ILE A 185 -26.98 -20.10 -18.47
CA ILE A 185 -26.46 -21.35 -19.01
C ILE A 185 -25.62 -22.04 -17.92
N LEU A 186 -25.94 -23.31 -17.67
CA LEU A 186 -25.24 -24.15 -16.70
C LEU A 186 -24.27 -25.04 -17.43
N THR A 187 -23.09 -25.17 -16.92
CA THR A 187 -22.10 -25.97 -17.58
C THR A 187 -21.23 -26.62 -16.55
N ALA A 188 -20.94 -27.90 -16.73
CA ALA A 188 -20.16 -28.65 -15.76
C ALA A 188 -19.96 -30.05 -16.30
N ARG A 189 -19.27 -30.89 -15.54
CA ARG A 189 -18.85 -32.18 -16.03
C ARG A 189 -19.84 -33.30 -15.68
N ASN A 190 -20.48 -33.17 -14.51
CA ASN A 190 -21.33 -34.19 -13.92
C ASN A 190 -22.80 -33.90 -14.21
N GLN A 191 -23.37 -34.64 -15.14
CA GLN A 191 -24.76 -34.50 -15.53
C GLN A 191 -25.80 -34.61 -14.38
N GLU A 192 -25.54 -35.45 -13.39
CA GLU A 192 -26.49 -35.63 -12.29
C GLU A 192 -26.64 -34.33 -11.56
N ARG A 193 -25.51 -33.75 -11.13
CA ARG A 193 -25.50 -32.52 -10.34
C ARG A 193 -26.07 -31.34 -11.14
N LEU A 194 -25.70 -31.25 -12.43
CA LEU A 194 -26.31 -30.28 -13.34
C LEU A 194 -27.83 -30.39 -13.32
N ASP A 195 -28.37 -31.61 -13.29
CA ASP A 195 -29.82 -31.78 -13.17
C ASP A 195 -30.34 -31.26 -11.82
N ASN A 196 -29.63 -31.60 -10.74
CA ASN A 196 -30.08 -31.20 -9.41
C ASN A 196 -29.98 -29.69 -9.19
N LEU A 197 -28.96 -29.08 -9.80
CA LEU A 197 -28.81 -27.64 -9.77
C LEU A 197 -30.01 -26.97 -10.47
N GLN A 198 -30.31 -27.38 -11.70
CA GLN A 198 -31.41 -26.75 -12.43
C GLN A 198 -32.76 -26.97 -11.76
N ALA A 199 -32.88 -28.09 -11.06
CA ALA A 199 -34.10 -28.35 -10.29
C ALA A 199 -34.24 -27.36 -9.11
N GLU A 200 -33.18 -27.15 -8.33
CA GLU A 200 -33.22 -26.13 -7.27
C GLU A 200 -33.52 -24.74 -7.83
N LEU A 201 -32.81 -24.38 -8.88
CA LEU A 201 -32.98 -23.08 -9.51
C LEU A 201 -34.38 -22.88 -10.10
N GLY A 202 -34.97 -23.94 -10.63
CA GLY A 202 -36.19 -23.76 -11.40
C GLY A 202 -35.96 -23.25 -12.80
N ARG A 203 -34.70 -23.18 -13.22
CA ARG A 203 -34.34 -22.57 -14.49
C ARG A 203 -32.94 -22.92 -14.93
N GLY A 204 -32.53 -22.37 -16.06
CA GLY A 204 -31.18 -22.63 -16.54
C GLY A 204 -31.11 -23.68 -17.63
N LYS A 205 -30.41 -23.35 -18.70
CA LYS A 205 -30.26 -24.25 -19.82
C LYS A 205 -28.91 -24.97 -19.74
N ILE A 206 -28.95 -26.26 -19.46
CA ILE A 206 -27.74 -27.08 -19.39
C ILE A 206 -27.14 -27.24 -20.75
N LEU A 207 -25.84 -26.98 -20.88
CA LEU A 207 -25.24 -26.99 -22.20
C LEU A 207 -23.81 -27.47 -22.11
N PRO A 208 -23.33 -28.13 -23.16
CA PRO A 208 -21.91 -28.40 -23.16
C PRO A 208 -21.12 -27.12 -23.46
N LEU A 209 -19.87 -27.12 -23.00
CA LEU A 209 -19.02 -25.97 -23.09
C LEU A 209 -19.11 -25.31 -24.47
N GLU A 210 -18.92 -26.05 -25.56
CA GLU A 210 -18.72 -25.36 -26.85
C GLU A 210 -20.03 -24.89 -27.46
N ALA A 211 -21.15 -25.25 -26.83
CA ALA A 211 -22.44 -24.61 -27.08
C ALA A 211 -22.71 -23.44 -26.11
N ALA A 212 -22.17 -23.51 -24.89
CA ALA A 212 -22.39 -22.45 -23.87
C ALA A 212 -21.74 -21.11 -24.23
N LEU A 213 -20.42 -21.15 -24.34
CA LEU A 213 -19.64 -19.96 -24.59
C LEU A 213 -20.25 -19.06 -25.68
N PRO A 214 -20.58 -19.61 -26.86
CA PRO A 214 -21.04 -18.64 -27.88
C PRO A 214 -22.43 -18.04 -27.66
N GLU A 215 -23.12 -18.33 -26.57
CA GLU A 215 -24.38 -17.64 -26.31
C GLU A 215 -24.23 -16.47 -25.35
N ALA A 216 -23.03 -16.32 -24.78
CA ALA A 216 -22.88 -15.63 -23.50
C ALA A 216 -22.33 -14.22 -23.62
N ASP A 217 -23.06 -13.29 -23.00
CA ASP A 217 -22.50 -11.95 -22.80
C ASP A 217 -21.43 -11.95 -21.73
N PHE A 218 -21.69 -12.71 -20.68
CA PHE A 218 -20.76 -12.87 -19.57
C PHE A 218 -20.41 -14.33 -19.33
N ILE A 219 -19.13 -14.60 -19.18
CA ILE A 219 -18.78 -15.96 -18.80
C ILE A 219 -18.09 -15.95 -17.47
N VAL A 220 -18.66 -16.72 -16.53
CA VAL A 220 -18.10 -16.87 -15.20
C VAL A 220 -17.38 -18.22 -15.15
N TRP A 221 -16.06 -18.16 -15.30
CA TRP A 221 -15.18 -19.32 -15.22
C TRP A 221 -14.81 -19.70 -13.81
N VAL A 222 -15.50 -20.68 -13.25
CA VAL A 222 -15.20 -21.10 -11.89
C VAL A 222 -15.09 -22.62 -11.71
N ALA A 223 -14.22 -23.24 -12.49
CA ALA A 223 -14.02 -24.68 -12.31
C ALA A 223 -12.59 -25.02 -12.68
N SER A 224 -12.14 -26.19 -12.23
CA SER A 224 -10.84 -26.72 -12.62
C SER A 224 -10.77 -26.82 -14.14
N MET A 225 -9.97 -25.95 -14.73
CA MET A 225 -9.89 -25.85 -16.17
C MET A 225 -9.42 -27.18 -16.74
N PRO A 226 -10.23 -27.78 -17.62
CA PRO A 226 -9.83 -29.09 -18.14
C PRO A 226 -8.55 -28.99 -19.00
N GLN A 227 -8.09 -30.13 -19.50
CA GLN A 227 -6.92 -30.19 -20.38
C GLN A 227 -7.35 -30.45 -21.81
N GLY A 228 -6.67 -29.79 -22.74
CA GLY A 228 -7.16 -29.72 -24.10
C GLY A 228 -8.46 -28.94 -24.22
N VAL A 229 -8.50 -27.77 -23.60
CA VAL A 229 -9.66 -26.90 -23.70
C VAL A 229 -9.39 -25.78 -24.67
N VAL A 230 -10.17 -25.81 -25.75
CA VAL A 230 -10.00 -24.86 -26.82
C VAL A 230 -10.94 -23.69 -26.54
N ILE A 231 -10.39 -22.57 -26.07
CA ILE A 231 -11.20 -21.37 -26.10
C ILE A 231 -10.80 -20.52 -27.28
N ASP A 232 -11.70 -20.51 -28.27
CA ASP A 232 -11.51 -19.78 -29.50
C ASP A 232 -12.13 -18.39 -29.36
N PRO A 233 -11.30 -17.35 -29.28
CA PRO A 233 -11.79 -15.97 -29.26
C PRO A 233 -12.86 -15.69 -30.32
N ALA A 234 -12.74 -16.33 -31.48
CA ALA A 234 -13.54 -15.93 -32.62
C ALA A 234 -14.96 -16.44 -32.54
N THR A 235 -15.24 -17.32 -31.59
CA THR A 235 -16.62 -17.77 -31.46
C THR A 235 -17.44 -16.95 -30.47
N LEU A 236 -16.76 -16.07 -29.72
CA LEU A 236 -17.40 -15.30 -28.66
C LEU A 236 -18.10 -14.06 -29.19
N LYS A 237 -19.24 -13.69 -28.60
CA LYS A 237 -19.90 -12.38 -28.85
C LYS A 237 -18.89 -11.24 -28.69
N GLN A 238 -19.14 -10.13 -29.38
CA GLN A 238 -18.10 -9.14 -29.62
C GLN A 238 -17.95 -8.13 -28.50
N PRO A 239 -19.03 -7.85 -27.77
CA PRO A 239 -18.65 -7.44 -26.41
C PRO A 239 -18.77 -8.66 -25.51
N CYS A 240 -17.66 -9.15 -24.95
CA CYS A 240 -17.70 -10.32 -24.08
C CYS A 240 -16.84 -10.16 -22.85
N VAL A 241 -17.38 -10.53 -21.67
CA VAL A 241 -16.61 -10.45 -20.42
C VAL A 241 -16.39 -11.83 -19.80
N LEU A 242 -15.13 -12.20 -19.60
CA LEU A 242 -14.81 -13.47 -18.97
C LEU A 242 -14.21 -13.24 -17.61
N ILE A 243 -14.93 -13.70 -16.61
CA ILE A 243 -14.61 -13.49 -15.23
C ILE A 243 -13.93 -14.72 -14.70
N ASP A 244 -12.61 -14.65 -14.58
CA ASP A 244 -11.85 -15.77 -14.14
C ASP A 244 -11.97 -15.83 -12.60
N GLY A 245 -12.86 -16.68 -12.09
CA GLY A 245 -13.08 -16.78 -10.64
C GLY A 245 -12.50 -17.88 -9.76
N GLY A 246 -11.94 -18.90 -10.39
CA GLY A 246 -11.31 -20.02 -9.72
C GLY A 246 -9.88 -19.74 -9.33
N TYR A 247 -9.22 -20.65 -8.62
CA TYR A 247 -7.78 -20.58 -8.61
C TYR A 247 -7.36 -21.79 -9.44
N PRO A 248 -6.25 -21.69 -10.20
CA PRO A 248 -5.49 -20.47 -10.50
C PRO A 248 -6.15 -19.69 -11.64
N LYS A 249 -5.82 -18.40 -11.80
CA LYS A 249 -6.41 -17.65 -12.90
C LYS A 249 -5.41 -17.61 -14.05
N ASN A 250 -5.85 -18.09 -15.22
CA ASN A 250 -4.98 -18.22 -16.40
C ASN A 250 -5.59 -17.69 -17.70
N LEU A 251 -6.88 -17.38 -17.66
CA LEU A 251 -7.60 -16.89 -18.82
C LEU A 251 -6.96 -15.65 -19.44
N GLY A 252 -6.51 -14.74 -18.58
CA GLY A 252 -5.81 -13.55 -19.02
C GLY A 252 -4.84 -13.80 -20.15
N SER A 253 -4.15 -14.94 -20.11
CA SER A 253 -3.15 -15.26 -21.12
C SER A 253 -3.54 -16.34 -22.15
N LYS A 254 -4.62 -17.07 -21.91
CA LYS A 254 -5.07 -18.15 -22.80
C LYS A 254 -6.22 -17.73 -23.73
N VAL A 255 -6.83 -16.59 -23.43
CA VAL A 255 -7.88 -15.99 -24.24
C VAL A 255 -7.50 -14.55 -24.52
N GLN A 256 -7.46 -14.16 -25.80
CA GLN A 256 -7.18 -12.76 -26.16
C GLN A 256 -7.92 -12.44 -27.44
N GLY A 257 -8.44 -11.23 -27.58
CA GLY A 257 -9.19 -10.88 -28.77
C GLY A 257 -10.06 -9.64 -28.64
N GLU A 258 -10.28 -8.96 -29.76
CA GLU A 258 -10.92 -7.66 -29.79
C GLU A 258 -12.35 -7.74 -29.29
N GLY A 259 -12.68 -6.91 -28.30
CA GLY A 259 -13.99 -6.94 -27.67
C GLY A 259 -14.16 -8.06 -26.64
N ILE A 260 -13.08 -8.77 -26.41
CA ILE A 260 -13.05 -9.76 -25.35
C ILE A 260 -12.32 -9.17 -24.16
N TYR A 261 -13.00 -9.12 -23.03
CA TYR A 261 -12.39 -8.59 -21.83
C TYR A 261 -12.30 -9.66 -20.76
N VAL A 262 -11.08 -10.00 -20.40
CA VAL A 262 -10.85 -10.87 -19.26
C VAL A 262 -10.66 -10.01 -17.97
N LEU A 263 -11.34 -10.46 -16.92
CA LEU A 263 -11.37 -9.76 -15.66
C LEU A 263 -11.13 -10.75 -14.53
N ASN A 264 -10.14 -10.47 -13.70
CA ASN A 264 -9.91 -11.31 -12.53
C ASN A 264 -11.12 -11.32 -11.59
N GLY A 265 -11.76 -12.47 -11.45
CA GLY A 265 -12.96 -12.54 -10.65
C GLY A 265 -12.68 -12.81 -9.20
N GLY A 266 -13.61 -12.42 -8.35
CA GLY A 266 -13.43 -12.60 -6.92
C GLY A 266 -12.22 -11.89 -6.32
N VAL A 267 -11.80 -10.78 -6.92
CA VAL A 267 -10.74 -9.98 -6.34
C VAL A 267 -11.33 -8.70 -5.75
N VAL A 268 -10.80 -8.22 -4.63
CA VAL A 268 -11.30 -7.00 -3.99
C VAL A 268 -10.19 -5.96 -3.78
N GLU A 269 -10.59 -4.70 -3.89
CA GLU A 269 -9.72 -3.59 -3.55
C GLU A 269 -10.23 -2.98 -2.27
N HIS A 270 -9.31 -2.83 -1.32
CA HIS A 270 -9.58 -2.16 -0.07
C HIS A 270 -9.45 -0.65 -0.21
N CYS A 271 -10.02 0.09 0.73
CA CYS A 271 -9.94 1.54 0.67
C CYS A 271 -8.64 2.15 1.26
N PHE A 272 -7.87 1.40 2.05
CA PHE A 272 -6.59 1.90 2.58
C PHE A 272 -5.51 0.90 2.29
N ASP A 273 -4.27 1.40 2.22
CA ASP A 273 -3.11 0.56 2.03
C ASP A 273 -2.99 -0.48 3.15
N ILE A 274 -2.55 -1.68 2.78
CA ILE A 274 -2.21 -2.73 3.72
C ILE A 274 -0.75 -3.09 3.55
N ASP A 275 -0.02 -3.27 4.65
CA ASP A 275 1.40 -3.59 4.55
C ASP A 275 1.64 -5.08 4.72
N TRP A 276 1.92 -5.76 3.62
CA TRP A 276 2.15 -7.20 3.65
C TRP A 276 2.89 -7.68 2.41
N GLN A 277 3.28 -8.93 2.42
CA GLN A 277 3.74 -9.55 1.19
C GLN A 277 3.07 -10.94 1.11
N ILE A 278 1.90 -10.94 0.47
CA ILE A 278 1.06 -12.13 0.34
C ILE A 278 1.36 -13.05 -0.84
N MET A 279 0.48 -14.04 -0.97
CA MET A 279 0.59 -15.13 -1.91
C MET A 279 0.60 -14.81 -3.39
N SER A 280 -0.29 -13.93 -3.84
CA SER A 280 -0.30 -13.58 -5.26
C SER A 280 0.07 -12.13 -5.53
N ALA A 281 0.72 -11.49 -4.55
CA ALA A 281 1.07 -10.08 -4.64
C ALA A 281 1.54 -9.70 -6.05
N ALA A 282 2.20 -10.64 -6.75
CA ALA A 282 2.81 -10.38 -8.07
C ALA A 282 1.79 -10.32 -9.22
N GLU A 283 0.62 -10.89 -9.00
CA GLU A 283 -0.48 -10.87 -9.97
C GLU A 283 -1.53 -9.83 -9.67
N MET A 284 -1.28 -9.03 -8.65
CA MET A 284 -2.21 -7.97 -8.33
C MET A 284 -1.68 -6.68 -8.95
N ALA A 285 -2.54 -5.94 -9.67
CA ALA A 285 -2.22 -4.57 -10.14
C ALA A 285 -1.73 -3.72 -8.98
N ARG A 286 -2.53 -3.69 -7.91
CA ARG A 286 -2.22 -2.92 -6.73
C ARG A 286 -2.10 -3.84 -5.51
N PRO A 287 -0.92 -4.46 -5.32
CA PRO A 287 -0.76 -5.41 -4.23
C PRO A 287 -1.15 -4.88 -2.85
N GLU A 288 -0.75 -3.66 -2.51
CA GLU A 288 -1.00 -3.13 -1.17
C GLU A 288 -2.48 -2.94 -0.83
N ARG A 289 -3.36 -3.14 -1.81
CA ARG A 289 -4.80 -2.97 -1.60
C ARG A 289 -5.71 -4.03 -2.22
N GLN A 290 -5.12 -4.94 -2.99
CA GLN A 290 -5.90 -5.93 -3.72
C GLN A 290 -5.60 -7.33 -3.22
N MET A 291 -6.65 -8.13 -3.07
CA MET A 291 -6.51 -9.45 -2.51
C MET A 291 -7.63 -10.34 -3.01
N PHE A 292 -7.46 -11.66 -2.90
CA PHE A 292 -8.53 -12.61 -3.10
C PHE A 292 -9.67 -12.29 -2.18
N ALA A 293 -10.91 -12.49 -2.60
CA ALA A 293 -12.08 -12.31 -1.75
C ALA A 293 -12.16 -13.31 -0.60
N CYS A 294 -11.57 -14.47 -0.78
CA CYS A 294 -11.69 -15.47 0.27
C CYS A 294 -10.87 -15.05 1.46
N PHE A 295 -9.69 -14.48 1.19
CA PHE A 295 -8.87 -13.85 2.24
C PHE A 295 -9.56 -12.68 2.90
N ALA A 296 -10.21 -11.85 2.07
CA ALA A 296 -10.96 -10.72 2.57
C ALA A 296 -12.12 -11.23 3.38
N GLU A 297 -12.67 -12.38 3.05
CA GLU A 297 -13.70 -12.90 3.94
C GLU A 297 -13.22 -13.07 5.37
N ALA A 298 -12.07 -13.75 5.51
CA ALA A 298 -11.49 -13.93 6.81
C ALA A 298 -11.38 -12.58 7.53
N MET A 299 -11.01 -11.51 6.80
CA MET A 299 -10.98 -10.21 7.42
C MET A 299 -12.37 -9.74 7.80
N LEU A 300 -13.36 -9.94 6.95
CA LEU A 300 -14.70 -9.46 7.29
C LEU A 300 -15.20 -10.22 8.52
N LEU A 301 -14.93 -11.53 8.62
CA LEU A 301 -15.45 -12.20 9.80
C LEU A 301 -14.84 -11.70 11.06
N GLU A 302 -13.58 -11.32 11.01
CA GLU A 302 -12.92 -10.79 12.19
C GLU A 302 -13.33 -9.33 12.51
N PHE A 303 -13.55 -8.52 11.47
CA PHE A 303 -14.11 -7.18 11.68
C PHE A 303 -15.45 -7.30 12.43
N GLU A 304 -16.31 -8.19 11.98
CA GLU A 304 -17.66 -8.35 12.51
C GLU A 304 -17.69 -9.21 13.78
N GLY A 305 -16.63 -9.92 14.07
CA GLY A 305 -16.67 -10.80 15.23
C GLY A 305 -17.52 -12.02 15.06
N TRP A 306 -17.54 -12.56 13.85
CA TRP A 306 -18.24 -13.79 13.51
C TRP A 306 -17.23 -14.91 13.40
N HIS A 307 -16.89 -15.51 14.52
CA HIS A 307 -15.86 -16.53 14.51
C HIS A 307 -16.45 -17.92 14.25
N THR A 308 -16.60 -18.25 12.97
CA THR A 308 -17.28 -19.47 12.60
C THR A 308 -16.88 -19.82 11.16
N ASN A 309 -17.16 -21.05 10.73
CA ASN A 309 -16.85 -21.42 9.36
C ASN A 309 -17.97 -20.95 8.49
N PHE A 310 -17.95 -19.65 8.21
CA PHE A 310 -19.04 -18.98 7.50
C PHE A 310 -19.25 -19.61 6.11
N SER A 311 -18.14 -19.91 5.46
CA SER A 311 -18.14 -20.59 4.20
C SER A 311 -17.54 -21.98 4.38
N TRP A 312 -18.25 -23.05 4.01
CA TRP A 312 -17.75 -24.41 4.25
C TRP A 312 -18.50 -25.51 3.52
N GLY A 313 -17.80 -26.57 3.14
CA GLY A 313 -18.43 -27.62 2.36
C GLY A 313 -18.74 -27.22 0.94
N ARG A 314 -19.48 -28.06 0.23
CA ARG A 314 -19.90 -27.79 -1.14
C ARG A 314 -21.42 -27.52 -1.18
N ASN A 315 -21.84 -26.55 -2.00
CA ASN A 315 -23.25 -26.13 -2.18
C ASN A 315 -24.01 -25.87 -0.89
N GLN A 316 -23.37 -25.24 0.07
CA GLN A 316 -24.07 -24.79 1.26
C GLN A 316 -24.29 -23.29 1.27
N ILE A 317 -23.53 -22.58 0.45
CA ILE A 317 -23.64 -21.13 0.37
C ILE A 317 -25.09 -20.78 0.04
N THR A 318 -25.68 -19.92 0.85
CA THR A 318 -27.05 -19.48 0.68
C THR A 318 -27.13 -18.02 0.34
N ILE A 319 -28.25 -17.59 -0.25
CA ILE A 319 -28.42 -16.18 -0.57
C ILE A 319 -28.18 -15.34 0.67
N GLU A 320 -28.78 -15.74 1.80
CA GLU A 320 -28.69 -14.93 3.02
C GLU A 320 -27.26 -14.73 3.53
N LYS A 321 -26.45 -15.78 3.53
CA LYS A 321 -25.05 -15.64 3.88
C LYS A 321 -24.34 -14.69 2.92
N MET A 322 -24.58 -14.86 1.63
CA MET A 322 -24.01 -13.94 0.62
C MET A 322 -24.40 -12.50 0.89
N GLU A 323 -25.64 -12.28 1.33
CA GLU A 323 -26.08 -10.92 1.59
C GLU A 323 -25.29 -10.36 2.77
N ALA A 324 -25.16 -11.15 3.82
CA ALA A 324 -24.54 -10.67 5.03
C ALA A 324 -23.07 -10.38 4.83
N ILE A 325 -22.38 -11.28 4.15
CA ILE A 325 -20.98 -11.01 3.92
C ILE A 325 -20.80 -9.86 2.92
N GLY A 326 -21.77 -9.67 2.04
CA GLY A 326 -21.65 -8.60 1.05
C GLY A 326 -21.65 -7.22 1.67
N GLU A 327 -22.57 -6.99 2.57
CA GLU A 327 -22.68 -5.64 3.06
C GLU A 327 -21.68 -5.41 4.14
N ALA A 328 -21.17 -6.49 4.73
CA ALA A 328 -19.94 -6.39 5.53
C ALA A 328 -18.78 -5.97 4.66
N SER A 329 -18.76 -6.45 3.43
CA SER A 329 -17.67 -6.14 2.54
C SER A 329 -17.64 -4.64 2.24
N VAL A 330 -18.81 -4.07 2.05
CA VAL A 330 -18.95 -2.68 1.63
C VAL A 330 -18.70 -1.72 2.80
N ARG A 331 -19.37 -2.05 3.90
CA ARG A 331 -19.27 -1.29 5.13
C ARG A 331 -17.80 -1.20 5.54
N HIS A 332 -17.03 -2.27 5.34
CA HIS A 332 -15.65 -2.19 5.82
C HIS A 332 -14.65 -1.61 4.80
N GLY A 333 -15.08 -1.39 3.57
CA GLY A 333 -14.24 -0.65 2.64
C GLY A 333 -13.71 -1.44 1.45
N PHE A 334 -14.39 -2.56 1.15
CA PHE A 334 -13.97 -3.44 0.07
C PHE A 334 -14.82 -3.19 -1.17
N GLN A 335 -14.18 -2.97 -2.30
CA GLN A 335 -14.88 -2.85 -3.59
C GLN A 335 -14.43 -3.97 -4.44
N PRO A 336 -15.34 -4.53 -5.26
CA PRO A 336 -14.95 -5.50 -6.29
C PRO A 336 -13.97 -4.90 -7.30
N LEU A 337 -13.04 -5.70 -7.77
CA LEU A 337 -12.18 -5.26 -8.84
C LEU A 337 -13.00 -5.07 -10.10
N ALA A 338 -12.64 -4.14 -10.96
CA ALA A 338 -13.47 -3.86 -12.08
C ALA A 338 -12.71 -3.74 -13.33
N LEU A 339 -13.44 -3.63 -14.41
CA LEU A 339 -12.84 -3.56 -15.72
C LEU A 339 -12.01 -2.34 -15.75
N ALA A 340 -10.87 -2.40 -16.36
CA ALA A 340 -10.09 -1.22 -16.47
C ALA A 340 -10.11 -0.71 -17.87
N ILE A 341 -10.67 0.46 -18.07
CA ILE A 341 -10.84 0.92 -19.41
C ILE A 341 -9.61 1.55 -20.00
N GLU A 342 -8.67 0.66 -20.21
CA GLU A 342 -7.56 0.72 -21.14
C GLU A 342 -7.89 -0.30 -22.20
N ASN A 343 -9.17 -0.51 -22.48
CA ASN A 343 -9.63 -1.61 -23.27
C ASN A 343 -9.43 -1.26 -24.73
N LEU A 344 -8.84 -0.09 -24.96
CA LEU A 344 -8.39 0.26 -26.28
C LEU A 344 -9.62 0.52 -27.09
N MET B 1 30.11 31.87 20.00
CA MET B 1 29.78 31.94 18.59
C MET B 1 28.91 30.76 18.07
N PHE B 2 27.87 31.04 17.29
CA PHE B 2 26.97 29.99 16.84
C PHE B 2 26.93 29.80 15.32
N GLY B 3 26.57 28.59 14.90
CA GLY B 3 26.56 28.33 13.50
C GLY B 3 25.16 28.07 13.01
N LEU B 4 24.83 28.64 11.86
CA LEU B 4 23.62 28.25 11.20
C LEU B 4 24.05 27.56 9.91
N ILE B 5 24.13 26.23 9.98
CA ILE B 5 24.48 25.47 8.81
C ILE B 5 23.26 25.36 7.92
N GLY B 6 23.42 25.84 6.70
CA GLY B 6 22.30 25.93 5.80
C GLY B 6 22.61 25.34 4.46
N HIS B 7 21.63 25.37 3.56
CA HIS B 7 21.84 24.90 2.21
C HIS B 7 20.95 25.70 1.27
N LEU B 8 21.09 25.48 -0.02
CA LEU B 8 20.32 26.25 -0.97
C LEU B 8 18.97 25.59 -1.10
N THR B 9 18.07 26.16 -1.88
CA THR B 9 16.74 25.61 -1.93
C THR B 9 16.33 25.17 -3.32
N SER B 10 17.00 25.69 -4.34
CA SER B 10 16.74 25.35 -5.75
C SER B 10 17.94 25.77 -6.56
N LEU B 11 18.04 25.23 -7.77
CA LEU B 11 18.97 25.75 -8.75
C LEU B 11 18.68 27.23 -9.02
N GLU B 12 17.40 27.55 -9.15
CA GLU B 12 16.98 28.93 -9.39
C GLU B 12 17.54 29.87 -8.30
N GLN B 13 17.30 29.56 -7.03
CA GLN B 13 17.80 30.38 -5.92
C GLN B 13 19.31 30.36 -5.85
N ALA B 14 19.88 29.27 -6.34
CA ALA B 14 21.33 29.13 -6.38
C ALA B 14 21.99 30.25 -7.16
N ARG B 15 21.30 30.75 -8.19
CA ARG B 15 21.80 31.89 -8.95
C ARG B 15 21.67 33.20 -8.16
N ASP B 16 20.58 33.34 -7.43
CA ASP B 16 20.29 34.60 -6.74
C ASP B 16 21.32 34.93 -5.67
N VAL B 17 21.87 33.90 -5.05
CA VAL B 17 22.83 34.05 -3.99
C VAL B 17 24.26 33.75 -4.46
N SER B 18 24.37 33.23 -5.68
CA SER B 18 25.67 32.82 -6.22
C SER B 18 26.70 33.93 -6.20
N ARG B 19 26.26 35.16 -6.48
CA ARG B 19 27.14 36.32 -6.53
C ARG B 19 27.79 36.60 -5.18
N ARG B 20 26.98 36.54 -4.14
CA ARG B 20 27.37 36.84 -2.76
C ARG B 20 28.38 35.82 -2.19
N MET B 21 28.59 34.73 -2.91
CA MET B 21 29.49 33.69 -2.44
C MET B 21 30.86 33.76 -3.08
N GLY B 22 31.01 34.63 -4.07
CA GLY B 22 32.29 34.75 -4.76
C GLY B 22 32.28 34.09 -6.13
N TYR B 23 31.08 33.94 -6.71
CA TYR B 23 30.93 33.27 -8.03
C TYR B 23 30.12 34.12 -8.99
N ASP B 24 30.37 33.89 -10.28
CA ASP B 24 29.66 34.60 -11.37
C ASP B 24 28.26 33.98 -11.47
N GLU B 25 27.21 34.81 -11.45
CA GLU B 25 25.82 34.30 -11.53
C GLU B 25 25.41 34.05 -12.98
N TYR B 26 26.24 34.50 -13.92
CA TYR B 26 26.03 34.30 -15.37
C TYR B 26 27.08 33.31 -15.88
N ALA B 27 27.67 32.53 -14.98
CA ALA B 27 28.72 31.52 -15.29
C ALA B 27 28.09 30.18 -15.68
N ASP B 28 26.75 30.11 -15.69
CA ASP B 28 25.98 28.89 -16.06
C ASP B 28 26.39 27.73 -15.14
N GLN B 29 26.30 28.01 -13.82
CA GLN B 29 26.59 27.03 -12.76
C GLN B 29 25.55 25.92 -12.83
N GLY B 30 25.99 24.68 -12.64
CA GLY B 30 25.18 23.49 -12.69
C GLY B 30 25.24 22.68 -11.41
N LEU B 31 24.49 21.59 -11.39
CA LEU B 31 24.54 20.68 -10.26
C LEU B 31 25.96 20.18 -10.06
N GLU B 32 26.67 19.95 -11.16
CA GLU B 32 28.04 19.49 -11.06
C GLU B 32 28.91 20.56 -10.45
N PHE B 33 28.58 21.82 -10.72
CA PHE B 33 29.29 22.94 -10.06
C PHE B 33 29.07 22.88 -8.56
N TRP B 34 27.82 22.91 -8.15
CA TRP B 34 27.48 22.93 -6.73
C TRP B 34 27.97 21.69 -5.98
N SER B 35 28.10 20.59 -6.70
CA SER B 35 28.60 19.36 -6.08
C SER B 35 30.05 19.47 -5.69
N SER B 36 30.83 20.12 -6.53
CA SER B 36 32.25 20.38 -6.25
C SER B 36 32.51 21.66 -5.44
N ALA B 37 31.49 22.52 -5.29
CA ALA B 37 31.63 23.79 -4.55
C ALA B 37 31.84 23.56 -3.05
N PRO B 38 32.78 24.26 -2.44
CA PRO B 38 33.08 24.05 -1.02
C PRO B 38 32.13 24.83 -0.08
N PRO B 39 32.16 24.50 1.22
CA PRO B 39 31.40 25.30 2.17
C PRO B 39 32.05 26.65 2.34
N GLN B 40 31.27 27.67 2.70
CA GLN B 40 31.80 29.02 2.83
C GLN B 40 30.96 29.88 3.76
N ILE B 41 31.58 30.57 4.69
CA ILE B 41 30.83 31.45 5.60
C ILE B 41 30.32 32.69 4.85
N VAL B 42 29.02 32.93 4.93
CA VAL B 42 28.38 33.93 4.08
C VAL B 42 28.04 35.21 4.82
N ASP B 43 27.84 35.09 6.12
CA ASP B 43 27.26 36.19 6.86
C ASP B 43 27.63 36.09 8.34
N GLU B 44 28.00 37.22 8.94
CA GLU B 44 28.10 37.31 10.39
C GLU B 44 26.86 37.99 10.91
N ILE B 45 26.43 37.53 12.08
CA ILE B 45 25.10 37.78 12.60
C ILE B 45 25.19 38.35 13.98
N THR B 46 24.41 39.40 14.23
CA THR B 46 24.33 39.90 15.60
C THR B 46 22.91 39.77 16.10
N VAL B 47 22.75 39.19 17.29
CA VAL B 47 21.43 39.00 17.88
C VAL B 47 21.45 39.44 19.32
N THR B 48 20.45 40.26 19.66
CA THR B 48 20.30 40.79 21.00
C THR B 48 19.15 40.06 21.68
N SER B 49 19.42 39.42 22.81
CA SER B 49 18.38 38.81 23.60
C SER B 49 17.37 39.87 24.08
N ALA B 50 16.21 39.43 24.54
CA ALA B 50 15.31 40.31 25.29
C ALA B 50 15.87 40.64 26.65
N THR B 51 16.92 39.95 27.08
CA THR B 51 17.53 40.21 28.38
C THR B 51 18.72 41.21 28.30
N GLY B 52 18.93 41.78 27.11
CA GLY B 52 20.05 42.64 26.88
C GLY B 52 21.27 41.95 26.30
N LYS B 53 21.46 40.68 26.65
CA LYS B 53 22.66 39.93 26.24
C LYS B 53 22.85 39.85 24.71
N VAL B 54 24.08 40.11 24.24
CA VAL B 54 24.42 40.08 22.80
C VAL B 54 25.27 38.88 22.46
N ILE B 55 24.95 38.21 21.35
CA ILE B 55 25.73 37.08 20.89
C ILE B 55 26.02 37.17 19.41
N HIS B 56 27.01 36.41 19.01
CA HIS B 56 27.49 36.46 17.65
C HIS B 56 27.50 35.07 16.99
N GLY B 57 27.32 35.06 15.68
CA GLY B 57 27.19 33.78 15.00
C GLY B 57 27.38 33.95 13.51
N ARG B 58 27.72 32.86 12.84
CA ARG B 58 27.97 32.94 11.42
C ARG B 58 27.04 32.00 10.72
N TYR B 59 26.71 32.35 9.49
CA TYR B 59 25.87 31.49 8.67
C TYR B 59 26.71 30.75 7.64
N ILE B 60 26.62 29.43 7.65
CA ILE B 60 27.45 28.62 6.76
C ILE B 60 26.62 28.05 5.62
N GLU B 61 27.01 28.39 4.40
CA GLU B 61 26.34 27.87 3.24
C GLU B 61 27.03 26.56 2.84
N SER B 62 26.31 25.45 2.92
CA SER B 62 26.89 24.15 2.66
C SER B 62 26.96 23.77 1.17
N CYS B 63 26.16 24.46 0.38
CA CYS B 63 25.98 24.20 -1.04
C CYS B 63 25.28 22.89 -1.37
N PHE B 64 24.71 22.20 -0.38
CA PHE B 64 23.81 21.10 -0.70
C PHE B 64 22.57 21.63 -1.38
N LEU B 65 22.05 20.90 -2.37
CA LEU B 65 20.76 21.22 -2.99
C LEU B 65 19.85 20.02 -2.82
N PRO B 66 18.54 20.24 -2.68
CA PRO B 66 17.64 19.07 -2.64
C PRO B 66 17.59 18.29 -3.96
N GLU B 67 18.04 18.89 -5.07
CA GLU B 67 18.11 18.16 -6.34
C GLU B 67 19.15 17.06 -6.29
N MET B 68 20.12 17.19 -5.40
CA MET B 68 21.14 16.16 -5.28
C MET B 68 20.51 14.84 -4.90
N LEU B 69 19.62 14.86 -3.93
CA LEU B 69 18.96 13.63 -3.54
C LEU B 69 18.05 13.11 -4.64
N ALA B 70 17.44 14.00 -5.41
CA ALA B 70 16.48 13.58 -6.44
C ALA B 70 17.14 12.71 -7.52
N ALA B 71 18.29 13.18 -7.99
CA ALA B 71 19.15 12.42 -8.91
C ALA B 71 19.93 11.31 -8.20
N ARG B 72 19.76 11.20 -6.88
CA ARG B 72 20.31 10.11 -6.08
C ARG B 72 21.82 10.15 -6.07
N ARG B 73 22.39 11.34 -6.00
CA ARG B 73 23.82 11.46 -5.77
C ARG B 73 24.09 11.49 -4.28
N PHE B 74 23.61 10.49 -3.55
CA PHE B 74 23.62 10.56 -2.10
C PHE B 74 25.01 10.75 -1.48
N LYS B 75 26.05 10.29 -2.16
CA LYS B 75 27.38 10.38 -1.57
C LYS B 75 27.85 11.82 -1.55
N THR B 76 27.59 12.54 -2.64
CA THR B 76 27.93 13.97 -2.70
C THR B 76 27.19 14.73 -1.59
N ALA B 77 25.90 14.47 -1.43
CA ALA B 77 25.09 15.07 -0.35
C ALA B 77 25.72 14.87 1.01
N THR B 78 26.05 13.63 1.31
CA THR B 78 26.70 13.29 2.55
C THR B 78 27.96 14.14 2.78
N ARG B 79 28.67 14.37 1.68
CA ARG B 79 29.93 15.12 1.75
C ARG B 79 29.68 16.57 2.12
N LYS B 80 28.70 17.19 1.45
CA LYS B 80 28.31 18.57 1.73
C LYS B 80 28.08 18.78 3.22
N VAL B 81 27.31 17.90 3.85
CA VAL B 81 27.04 18.04 5.28
C VAL B 81 28.33 17.92 6.06
N LEU B 82 29.08 16.86 5.79
CA LEU B 82 30.31 16.62 6.53
C LEU B 82 31.35 17.71 6.31
N ASN B 83 31.42 18.19 5.07
CA ASN B 83 32.30 19.32 4.75
C ASN B 83 31.84 20.56 5.49
N ALA B 84 30.56 20.90 5.36
CA ALA B 84 29.97 22.02 6.07
C ALA B 84 30.21 21.93 7.56
N MET B 85 30.14 20.74 8.11
CA MET B 85 30.30 20.59 9.55
C MET B 85 31.75 20.78 9.98
N SER B 86 32.68 20.20 9.22
CA SER B 86 34.11 20.34 9.49
C SER B 86 34.54 21.79 9.36
N HIS B 87 34.06 22.46 8.31
CA HIS B 87 34.25 23.89 8.14
C HIS B 87 33.87 24.67 9.42
N ALA B 88 32.68 24.37 9.94
CA ALA B 88 32.17 25.02 11.12
C ALA B 88 33.16 24.90 12.25
N GLN B 89 33.67 23.69 12.44
CA GLN B 89 34.53 23.42 13.58
C GLN B 89 35.89 24.10 13.40
N LYS B 90 36.37 24.14 12.15
CA LYS B 90 37.65 24.72 11.85
C LYS B 90 37.65 26.21 12.12
N HIS B 91 36.49 26.85 12.01
CA HIS B 91 36.43 28.26 12.32
C HIS B 91 36.03 28.55 13.78
N GLY B 92 36.27 27.58 14.65
CA GLY B 92 36.20 27.79 16.08
C GLY B 92 34.82 28.08 16.62
N ILE B 93 33.79 27.74 15.84
CA ILE B 93 32.39 28.01 16.22
C ILE B 93 31.92 26.99 17.20
N ASP B 94 31.22 27.44 18.23
CA ASP B 94 31.03 26.58 19.40
C ASP B 94 29.79 25.66 19.36
N ILE B 95 28.77 26.06 18.60
CA ILE B 95 27.49 25.38 18.55
C ILE B 95 26.79 25.70 17.24
N SER B 96 26.40 24.67 16.51
CA SER B 96 25.89 24.93 15.17
C SER B 96 24.66 24.07 14.88
N ALA B 97 23.72 24.66 14.15
CA ALA B 97 22.45 24.03 13.93
C ALA B 97 22.44 23.45 12.54
N LEU B 98 22.05 22.18 12.43
CA LEU B 98 21.91 21.55 11.13
C LEU B 98 20.49 21.83 10.62
N GLY B 99 20.36 22.88 9.80
CA GLY B 99 19.06 23.31 9.32
C GLY B 99 18.70 22.61 8.03
N GLY B 100 17.41 22.57 7.72
CA GLY B 100 16.92 22.03 6.46
C GLY B 100 17.31 20.58 6.35
N PHE B 101 17.66 20.14 5.14
CA PHE B 101 17.96 18.72 4.90
C PHE B 101 19.18 18.23 5.63
N THR B 102 20.12 19.11 5.92
CA THR B 102 21.33 18.69 6.59
C THR B 102 21.06 17.95 7.88
N SER B 103 19.95 18.21 8.53
CA SER B 103 19.67 17.49 9.77
C SER B 103 19.33 16.03 9.47
N ILE B 104 18.59 15.79 8.37
CA ILE B 104 18.05 14.46 8.07
C ILE B 104 18.99 13.61 7.20
N ILE B 105 19.69 14.24 6.27
CA ILE B 105 20.80 13.60 5.57
C ILE B 105 21.76 13.01 6.60
N PHE B 106 22.02 13.79 7.64
CA PHE B 106 22.88 13.32 8.70
C PHE B 106 22.28 12.11 9.40
N GLU B 107 20.95 12.04 9.48
CA GLU B 107 20.34 10.97 10.26
C GLU B 107 20.11 9.71 9.42
N ASN B 108 19.60 9.92 8.22
CA ASN B 108 19.22 8.82 7.37
C ASN B 108 20.37 8.18 6.62
N PHE B 109 21.57 8.74 6.72
CA PHE B 109 22.75 8.10 6.18
C PHE B 109 23.74 7.69 7.26
N ASP B 110 23.26 7.64 8.50
CA ASP B 110 24.07 7.18 9.64
C ASP B 110 25.46 7.83 9.63
N LEU B 111 25.52 9.16 9.60
CA LEU B 111 26.84 9.84 9.60
C LEU B 111 27.49 9.76 10.98
N ALA B 112 26.73 9.40 12.00
CA ALA B 112 27.36 9.32 13.34
C ALA B 112 28.61 8.45 13.21
N SER B 113 28.65 7.62 12.17
CA SER B 113 29.74 6.64 11.92
C SER B 113 30.86 7.21 11.04
N LEU B 114 30.75 8.49 10.67
CA LEU B 114 31.79 9.12 9.81
C LEU B 114 32.28 10.38 10.51
N ARG B 115 33.00 10.17 11.62
CA ARG B 115 33.58 11.28 12.42
C ARG B 115 34.75 11.93 11.67
N GLN B 116 35.59 11.12 11.01
CA GLN B 116 36.80 11.69 10.34
C GLN B 116 36.42 12.23 8.95
N VAL B 117 36.77 13.48 8.67
CA VAL B 117 36.45 14.14 7.40
C VAL B 117 37.67 14.94 6.93
N ARG B 118 38.38 14.42 5.94
CA ARG B 118 39.58 15.06 5.37
C ARG B 118 40.54 15.46 6.49
N ASP B 119 40.95 14.47 7.29
CA ASP B 119 41.93 14.64 8.37
C ASP B 119 41.47 15.62 9.47
N THR B 120 40.18 15.62 9.75
CA THR B 120 39.61 16.38 10.86
C THR B 120 38.57 15.52 11.57
N THR B 121 38.62 15.50 12.89
CA THR B 121 37.68 14.73 13.68
C THR B 121 36.61 15.67 14.24
N LEU B 122 35.35 15.38 13.94
CA LEU B 122 34.24 16.20 14.41
C LEU B 122 33.93 15.95 15.88
N GLU B 123 33.67 17.02 16.60
CA GLU B 123 33.21 16.92 17.97
C GLU B 123 31.71 17.18 17.96
N PHE B 124 30.90 16.13 18.10
CA PHE B 124 29.46 16.28 17.93
C PHE B 124 28.85 17.27 18.93
N GLU B 125 29.51 17.45 20.08
CA GLU B 125 29.03 18.38 21.07
C GLU B 125 29.01 19.80 20.49
N ARG B 126 29.67 20.03 19.37
CA ARG B 126 29.65 21.35 18.78
C ARG B 126 28.47 21.57 17.83
N PHE B 127 27.57 20.58 17.74
CA PHE B 127 26.46 20.65 16.79
C PHE B 127 25.13 20.24 17.42
N THR B 128 24.01 20.58 16.78
CA THR B 128 22.66 20.22 17.25
C THR B 128 21.69 20.14 16.08
N THR B 129 20.62 19.36 16.27
CA THR B 129 19.67 19.19 15.18
C THR B 129 18.63 20.26 15.17
N GLY B 130 18.53 21.01 16.26
CA GLY B 130 17.49 22.02 16.39
C GLY B 130 16.08 21.48 16.57
N ASN B 131 15.97 20.16 16.74
CA ASN B 131 14.66 19.50 16.75
C ASN B 131 13.85 19.70 18.05
N THR B 132 14.56 19.81 19.18
CA THR B 132 13.88 20.02 20.45
C THR B 132 13.11 21.33 20.39
N HIS B 133 13.73 22.35 19.83
CA HIS B 133 13.04 23.62 19.72
C HIS B 133 11.82 23.46 18.84
N THR B 134 12.07 22.94 17.62
CA THR B 134 11.03 22.70 16.62
C THR B 134 9.84 21.98 17.23
N ALA B 135 10.13 20.91 17.95
CA ALA B 135 9.07 20.17 18.61
C ALA B 135 8.24 21.10 19.50
N TYR B 136 8.92 21.88 20.35
CA TYR B 136 8.25 22.75 21.31
C TYR B 136 7.40 23.78 20.58
N VAL B 137 7.97 24.37 19.53
CA VAL B 137 7.30 25.44 18.85
C VAL B 137 6.00 24.95 18.17
N ILE B 138 6.08 23.74 17.59
CA ILE B 138 4.93 23.13 16.97
C ILE B 138 3.85 22.92 18.03
N CYS B 139 4.22 22.44 19.19
CA CYS B 139 3.22 22.29 20.24
C CYS B 139 2.57 23.62 20.67
N ARG B 140 3.34 24.69 20.78
CA ARG B 140 2.76 26.01 21.06
C ARG B 140 1.84 26.45 19.93
N GLN B 141 2.22 26.20 18.68
CA GLN B 141 1.35 26.62 17.56
C GLN B 141 0.00 25.91 17.56
N VAL B 142 0.00 24.63 17.92
CA VAL B 142 -1.22 23.85 18.05
C VAL B 142 -2.05 24.50 19.13
N GLU B 143 -1.41 24.72 20.28
CA GLU B 143 -2.08 25.29 21.46
C GLU B 143 -2.73 26.66 21.20
N ALA B 144 -2.05 27.49 20.44
CA ALA B 144 -2.55 28.83 20.11
C ALA B 144 -3.67 28.81 19.08
N ALA B 145 -3.42 28.14 17.95
CA ALA B 145 -4.45 27.96 16.96
C ALA B 145 -5.71 27.40 17.62
N ALA B 146 -5.52 26.45 18.53
CA ALA B 146 -6.67 25.93 19.24
C ALA B 146 -7.46 27.07 19.87
N LYS B 147 -6.80 27.92 20.67
CA LYS B 147 -7.58 28.92 21.36
C LYS B 147 -8.04 30.04 20.42
N THR B 148 -7.23 30.43 19.43
CA THR B 148 -7.69 31.40 18.43
C THR B 148 -9.00 30.96 17.77
N LEU B 149 -9.07 29.67 17.35
CA LEU B 149 -10.26 29.15 16.71
C LEU B 149 -11.32 28.71 17.71
N GLY B 150 -11.05 28.78 19.00
CA GLY B 150 -12.11 28.48 19.97
C GLY B 150 -12.40 27.03 20.19
N ILE B 151 -11.41 26.18 19.91
CA ILE B 151 -11.54 24.74 19.96
C ILE B 151 -10.90 24.20 21.20
N ASP B 152 -11.67 23.52 22.03
CA ASP B 152 -11.16 22.90 23.25
C ASP B 152 -10.19 21.78 22.90
N ILE B 153 -8.91 21.98 23.04
CA ILE B 153 -7.95 20.95 22.64
C ILE B 153 -8.12 19.57 23.32
N THR B 154 -8.84 19.54 24.44
CA THR B 154 -9.13 18.35 25.27
C THR B 154 -10.20 17.42 24.63
N GLN B 155 -11.01 17.97 23.75
CA GLN B 155 -12.00 17.19 23.03
C GLN B 155 -11.69 17.12 21.55
N ALA B 156 -10.56 17.72 21.13
CA ALA B 156 -10.23 17.80 19.74
C ALA B 156 -9.30 16.68 19.28
N THR B 157 -9.12 16.57 17.97
CA THR B 157 -8.34 15.50 17.41
C THR B 157 -7.13 16.09 16.69
N VAL B 158 -5.95 15.64 17.09
CA VAL B 158 -4.74 16.04 16.45
C VAL B 158 -4.16 14.80 15.83
N ALA B 159 -3.87 14.90 14.53
CA ALA B 159 -3.18 13.84 13.83
C ALA B 159 -1.73 14.26 13.62
N VAL B 160 -0.79 13.44 14.05
CA VAL B 160 0.63 13.73 13.84
C VAL B 160 1.17 12.85 12.71
N VAL B 161 1.20 13.40 11.50
CA VAL B 161 1.65 12.68 10.30
C VAL B 161 3.17 12.61 10.28
N GLY B 162 3.71 11.42 10.47
CA GLY B 162 5.13 11.31 10.73
C GLY B 162 5.41 11.11 12.20
N ALA B 163 4.43 10.61 12.95
CA ALA B 163 4.50 10.56 14.42
C ALA B 163 5.71 9.81 14.95
N THR B 164 6.33 9.02 14.12
CA THR B 164 7.40 8.11 14.49
C THR B 164 8.78 8.78 14.54
N GLY B 165 8.91 9.90 13.84
CA GLY B 165 10.16 10.65 13.71
C GLY B 165 10.68 11.33 14.97
N ASP B 166 11.81 12.01 14.84
CA ASP B 166 12.39 12.59 16.04
C ASP B 166 11.51 13.73 16.60
N ILE B 167 11.00 14.56 15.70
CA ILE B 167 10.14 15.67 16.09
C ILE B 167 8.77 15.19 16.50
N GLY B 168 8.15 14.40 15.65
CA GLY B 168 6.79 13.95 15.89
C GLY B 168 6.64 13.24 17.22
N SER B 169 7.58 12.37 17.54
CA SER B 169 7.41 11.59 18.75
C SER B 169 7.42 12.52 19.94
N ALA B 170 8.20 13.61 19.81
CA ALA B 170 8.31 14.61 20.91
C ALA B 170 7.04 15.45 20.99
N VAL B 171 6.55 15.92 19.84
CA VAL B 171 5.25 16.54 19.78
C VAL B 171 4.16 15.66 20.46
N CYS B 172 4.24 14.33 20.33
CA CYS B 172 3.21 13.49 20.91
C CYS B 172 3.24 13.53 22.41
N ARG B 173 4.42 13.31 23.02
CA ARG B 173 4.49 13.37 24.48
C ARG B 173 4.04 14.72 24.98
N TRP B 174 4.38 15.77 24.26
CA TRP B 174 3.97 17.08 24.75
C TRP B 174 2.47 17.26 24.68
N LEU B 175 1.90 17.04 23.49
CA LEU B 175 0.46 17.16 23.34
C LEU B 175 -0.26 16.32 24.40
N ASP B 176 0.35 15.21 24.81
CA ASP B 176 -0.30 14.38 25.82
C ASP B 176 -0.28 15.08 27.18
N LEU B 177 0.91 15.18 27.81
CA LEU B 177 0.99 15.62 29.21
C LEU B 177 0.63 17.09 29.33
N LYS B 178 1.21 17.91 28.47
CA LYS B 178 1.12 19.35 28.59
C LYS B 178 -0.26 19.90 28.23
N LEU B 179 -0.95 19.26 27.28
CA LEU B 179 -2.22 19.76 26.78
C LEU B 179 -3.43 18.84 27.04
N GLY B 180 -3.18 17.58 27.41
CA GLY B 180 -4.25 16.59 27.53
C GLY B 180 -5.13 16.49 26.30
N VAL B 181 -4.51 16.35 25.15
CA VAL B 181 -5.25 16.37 23.93
C VAL B 181 -6.19 15.14 23.83
N GLY B 182 -7.43 15.38 23.38
CA GLY B 182 -8.44 14.35 23.39
C GLY B 182 -8.09 13.13 22.59
N ASP B 183 -7.73 13.35 21.34
CA ASP B 183 -7.59 12.23 20.45
C ASP B 183 -6.30 12.40 19.69
N LEU B 184 -5.41 11.48 19.95
CA LEU B 184 -4.12 11.54 19.31
C LEU B 184 -4.10 10.46 18.23
N ILE B 185 -3.90 10.88 16.99
CA ILE B 185 -3.77 9.93 15.88
C ILE B 185 -2.32 9.88 15.44
N LEU B 186 -1.73 8.70 15.46
CA LEU B 186 -0.38 8.54 14.98
C LEU B 186 -0.39 7.96 13.57
N THR B 187 0.41 8.55 12.69
CA THR B 187 0.56 8.16 11.29
C THR B 187 2.04 8.14 10.97
N ALA B 188 2.48 7.24 10.13
CA ALA B 188 3.91 7.05 9.84
C ALA B 188 3.97 5.89 8.87
N ARG B 189 5.14 5.55 8.39
CA ARG B 189 5.21 4.59 7.29
C ARG B 189 5.44 3.16 7.75
N ASN B 190 6.06 2.98 8.91
CA ASN B 190 6.50 1.67 9.36
C ASN B 190 5.68 1.21 10.55
N GLN B 191 4.83 0.20 10.35
CA GLN B 191 3.87 -0.18 11.39
C GLN B 191 4.58 -0.54 12.72
N GLU B 192 5.74 -1.17 12.67
CA GLU B 192 6.33 -1.67 13.89
C GLU B 192 6.86 -0.51 14.74
N ARG B 193 7.36 0.54 14.08
CA ARG B 193 7.73 1.77 14.79
C ARG B 193 6.50 2.45 15.41
N LEU B 194 5.42 2.55 14.62
CA LEU B 194 4.12 2.99 15.13
C LEU B 194 3.68 2.20 16.38
N ASP B 195 3.78 0.89 16.35
CA ASP B 195 3.34 0.11 17.51
C ASP B 195 4.19 0.45 18.74
N ASN B 196 5.48 0.69 18.52
CA ASN B 196 6.37 1.05 19.61
C ASN B 196 5.97 2.39 20.19
N LEU B 197 5.81 3.39 19.34
CA LEU B 197 5.50 4.73 19.82
C LEU B 197 4.20 4.70 20.61
N GLN B 198 3.23 3.92 20.14
CA GLN B 198 1.97 3.75 20.85
C GLN B 198 2.15 3.03 22.19
N ALA B 199 3.08 2.09 22.25
CA ALA B 199 3.29 1.36 23.48
C ALA B 199 4.01 2.21 24.51
N GLU B 200 5.01 2.97 24.07
CA GLU B 200 5.73 3.87 24.98
C GLU B 200 4.80 4.99 25.46
N LEU B 201 4.10 5.68 24.56
CA LEU B 201 3.19 6.76 24.95
C LEU B 201 2.10 6.28 25.91
N GLY B 202 1.60 5.06 25.70
CA GLY B 202 0.41 4.59 26.38
C GLY B 202 -0.88 5.17 25.85
N ARG B 203 -0.84 5.71 24.64
CA ARG B 203 -2.09 6.16 24.03
C ARG B 203 -1.93 6.34 22.54
N GLY B 204 -3.02 6.78 21.90
CA GLY B 204 -2.98 7.12 20.50
C GLY B 204 -3.49 6.02 19.64
N LYS B 205 -4.28 6.41 18.64
CA LYS B 205 -4.78 5.46 17.68
C LYS B 205 -3.92 5.51 16.41
N ILE B 206 -3.34 4.38 16.00
CA ILE B 206 -2.58 4.31 14.75
C ILE B 206 -3.58 4.28 13.62
N LEU B 207 -3.30 4.99 12.52
CA LEU B 207 -4.23 5.03 11.39
C LEU B 207 -3.51 5.31 10.07
N PRO B 208 -3.86 4.59 9.02
CA PRO B 208 -3.31 4.97 7.72
C PRO B 208 -3.68 6.42 7.37
N LEU B 209 -2.85 7.09 6.59
CA LEU B 209 -2.99 8.51 6.31
C LEU B 209 -4.39 8.85 5.84
N GLU B 210 -4.86 8.26 4.73
CA GLU B 210 -6.15 8.61 4.19
C GLU B 210 -7.30 8.40 5.17
N ALA B 211 -7.00 7.71 6.27
CA ALA B 211 -7.97 7.47 7.34
C ALA B 211 -7.91 8.48 8.46
N ALA B 212 -6.68 8.94 8.75
CA ALA B 212 -6.40 9.89 9.82
C ALA B 212 -6.90 11.28 9.47
N LEU B 213 -6.49 11.77 8.31
CA LEU B 213 -6.72 13.17 7.96
C LEU B 213 -8.17 13.67 8.17
N PRO B 214 -9.18 12.97 7.67
CA PRO B 214 -10.55 13.52 7.80
C PRO B 214 -11.08 13.55 9.22
N GLU B 215 -10.38 12.93 10.17
CA GLU B 215 -10.79 12.96 11.58
C GLU B 215 -10.24 14.16 12.33
N ALA B 216 -9.33 14.89 11.72
CA ALA B 216 -8.40 15.71 12.47
C ALA B 216 -8.73 17.18 12.42
N ASP B 217 -8.92 17.81 13.60
CA ASP B 217 -9.00 19.28 13.73
C ASP B 217 -7.67 19.95 13.49
N PHE B 218 -6.60 19.31 13.92
CA PHE B 218 -5.27 19.82 13.68
C PHE B 218 -4.39 18.73 13.04
N ILE B 219 -3.64 19.08 12.02
CA ILE B 219 -2.74 18.13 11.43
C ILE B 219 -1.33 18.69 11.55
N VAL B 220 -0.47 17.97 12.25
CA VAL B 220 0.95 18.32 12.41
C VAL B 220 1.72 17.48 11.37
N TRP B 221 1.92 18.05 10.18
CA TRP B 221 2.65 17.42 9.08
C TRP B 221 4.15 17.57 9.29
N VAL B 222 4.75 16.60 9.93
CA VAL B 222 6.17 16.58 10.19
C VAL B 222 6.82 15.33 9.54
N ALA B 223 6.71 15.23 8.22
CA ALA B 223 7.12 14.00 7.51
C ALA B 223 7.48 14.20 6.05
N SER B 224 8.12 13.21 5.45
CA SER B 224 8.23 13.17 4.00
C SER B 224 6.86 13.19 3.35
N MET B 225 6.78 13.73 2.15
CA MET B 225 5.54 13.56 1.41
C MET B 225 5.71 12.33 0.51
N PRO B 226 4.95 11.25 0.80
CA PRO B 226 4.92 10.14 -0.18
C PRO B 226 4.22 10.56 -1.50
N GLN B 227 4.74 10.04 -2.63
CA GLN B 227 4.31 10.44 -3.97
C GLN B 227 2.85 10.11 -4.37
N GLY B 228 2.39 8.91 -4.06
CA GLY B 228 1.07 8.47 -4.50
C GLY B 228 -0.08 9.30 -3.95
N VAL B 229 0.04 9.65 -2.67
CA VAL B 229 -0.94 10.49 -1.97
C VAL B 229 -0.79 11.96 -2.36
N VAL B 230 -1.92 12.55 -2.69
CA VAL B 230 -2.10 13.99 -2.60
C VAL B 230 -3.41 14.09 -1.82
N ILE B 231 -3.67 15.22 -1.14
CA ILE B 231 -4.75 15.21 -0.16
C ILE B 231 -5.92 16.13 -0.56
N ASP B 232 -7.12 15.54 -0.54
CA ASP B 232 -8.35 16.22 -0.97
C ASP B 232 -8.95 17.09 0.13
N PRO B 233 -8.74 18.41 0.03
CA PRO B 233 -9.21 19.37 1.03
C PRO B 233 -10.68 19.22 1.30
N ALA B 234 -11.42 18.67 0.33
CA ALA B 234 -12.83 18.44 0.52
C ALA B 234 -13.11 17.35 1.56
N THR B 235 -12.08 16.54 1.89
CA THR B 235 -12.21 15.52 2.93
C THR B 235 -11.97 16.06 4.34
N LEU B 236 -11.23 17.16 4.46
CA LEU B 236 -10.87 17.72 5.73
C LEU B 236 -12.07 18.37 6.38
N LYS B 237 -12.06 18.39 7.72
CA LYS B 237 -13.03 19.20 8.48
C LYS B 237 -12.79 20.64 8.17
N GLN B 238 -13.75 21.50 8.50
CA GLN B 238 -13.82 22.81 7.87
C GLN B 238 -13.11 23.86 8.70
N PRO B 239 -13.13 23.72 10.01
CA PRO B 239 -12.08 24.42 10.76
C PRO B 239 -10.84 23.51 10.83
N CYS B 240 -9.93 23.52 9.84
CA CYS B 240 -8.84 22.58 9.96
C CYS B 240 -7.49 23.30 9.85
N VAL B 241 -6.55 22.97 10.71
CA VAL B 241 -5.28 23.66 10.65
C VAL B 241 -4.17 22.67 10.40
N LEU B 242 -3.50 22.83 9.26
CA LEU B 242 -2.34 22.00 8.96
C LEU B 242 -1.11 22.74 9.40
N ILE B 243 -0.27 22.08 10.16
CA ILE B 243 0.94 22.72 10.57
C ILE B 243 2.08 22.08 9.80
N ASP B 244 2.60 22.81 8.82
CA ASP B 244 3.74 22.34 8.04
C ASP B 244 5.00 22.40 8.88
N GLY B 245 5.28 21.34 9.65
CA GLY B 245 6.41 21.33 10.56
C GLY B 245 7.72 20.66 10.13
N GLY B 246 7.69 20.05 8.96
CA GLY B 246 8.86 19.47 8.36
C GLY B 246 9.55 20.43 7.43
N TYR B 247 10.58 19.94 6.73
CA TYR B 247 11.18 20.71 5.66
C TYR B 247 11.25 19.82 4.42
N PRO B 248 10.98 20.40 3.25
CA PRO B 248 10.61 21.80 3.01
C PRO B 248 9.11 22.06 3.18
N LYS B 249 8.69 23.33 3.30
CA LYS B 249 7.27 23.56 3.50
C LYS B 249 6.60 23.86 2.19
N ASN B 250 5.91 22.87 1.67
CA ASN B 250 5.14 23.06 0.44
C ASN B 250 3.67 22.70 0.57
N LEU B 251 3.26 22.27 1.77
CA LEU B 251 1.85 22.02 2.05
C LEU B 251 0.96 23.18 1.59
N GLY B 252 1.48 24.39 1.74
CA GLY B 252 0.74 25.57 1.35
C GLY B 252 0.36 25.54 -0.12
N SER B 253 1.24 25.01 -0.96
CA SER B 253 0.95 24.88 -2.38
C SER B 253 0.26 23.57 -2.74
N LYS B 254 0.40 22.54 -1.90
CA LYS B 254 -0.16 21.24 -2.24
C LYS B 254 -1.64 21.09 -1.82
N VAL B 255 -2.10 21.91 -0.90
CA VAL B 255 -3.51 21.85 -0.49
C VAL B 255 -4.09 23.20 -0.05
N GLN B 256 -5.32 23.44 -0.48
CA GLN B 256 -6.04 24.65 -0.15
C GLN B 256 -7.52 24.51 -0.37
N GLY B 257 -8.27 25.30 0.40
CA GLY B 257 -9.70 25.21 0.36
C GLY B 257 -10.33 25.98 1.49
N GLU B 258 -11.57 26.38 1.28
CA GLU B 258 -12.31 27.12 2.24
C GLU B 258 -12.25 26.35 3.52
N GLY B 259 -11.79 27.05 4.57
CA GLY B 259 -11.61 26.54 5.90
C GLY B 259 -10.30 25.84 6.20
N ILE B 260 -9.54 25.52 5.17
CA ILE B 260 -8.22 24.92 5.37
C ILE B 260 -7.19 26.03 5.65
N TYR B 261 -6.46 25.94 6.75
CA TYR B 261 -5.48 26.97 7.11
C TYR B 261 -4.12 26.30 7.31
N VAL B 262 -3.13 26.70 6.51
CA VAL B 262 -1.81 26.07 6.59
C VAL B 262 -0.94 27.05 7.29
N LEU B 263 -0.14 26.56 8.21
CA LEU B 263 0.64 27.42 9.08
C LEU B 263 2.04 26.86 9.17
N ASN B 264 3.03 27.67 8.82
CA ASN B 264 4.41 27.22 8.85
C ASN B 264 4.74 26.74 10.24
N GLY B 265 5.27 25.53 10.35
CA GLY B 265 5.55 24.95 11.65
C GLY B 265 7.00 25.17 11.95
N GLY B 266 7.32 25.31 13.24
CA GLY B 266 8.69 25.47 13.70
C GLY B 266 9.29 26.69 13.05
N VAL B 267 8.53 27.76 13.09
CA VAL B 267 9.03 29.06 12.69
C VAL B 267 8.81 30.01 13.88
N VAL B 268 9.85 30.70 14.30
CA VAL B 268 9.70 31.63 15.41
C VAL B 268 10.02 33.00 14.90
N GLU B 269 9.34 33.98 15.47
CA GLU B 269 9.61 35.39 15.22
C GLU B 269 10.38 35.95 16.40
N HIS B 270 11.40 36.75 16.11
CA HIS B 270 12.15 37.39 17.19
C HIS B 270 11.62 38.78 17.54
N CYS B 271 11.83 39.20 18.77
CA CYS B 271 11.36 40.51 19.23
C CYS B 271 12.02 41.68 18.50
N PHE B 272 13.32 41.56 18.25
CA PHE B 272 14.09 42.62 17.59
C PHE B 272 14.54 42.17 16.22
N ASP B 273 14.72 43.11 15.30
CA ASP B 273 15.30 42.83 13.96
C ASP B 273 16.68 42.20 14.05
N ILE B 274 17.09 41.60 12.95
CA ILE B 274 18.41 40.97 12.83
C ILE B 274 18.99 41.31 11.45
N ASP B 275 20.25 41.70 11.38
CA ASP B 275 20.84 41.95 10.06
C ASP B 275 21.09 40.64 9.31
N TRP B 276 20.33 40.42 8.24
CA TRP B 276 20.15 39.09 7.65
C TRP B 276 19.99 39.02 6.17
N GLN B 277 20.49 37.92 5.62
CA GLN B 277 20.17 37.41 4.30
C GLN B 277 20.48 35.93 4.37
N ILE B 278 19.49 35.17 4.83
CA ILE B 278 19.68 33.77 5.21
C ILE B 278 18.76 32.86 4.37
N MET B 279 18.98 31.54 4.45
CA MET B 279 18.22 30.51 3.74
C MET B 279 16.71 30.69 3.86
N SER B 280 16.31 31.24 5.00
CA SER B 280 14.90 31.42 5.28
C SER B 280 14.31 32.72 4.74
N ALA B 281 15.12 33.52 4.06
CA ALA B 281 14.68 34.84 3.60
C ALA B 281 13.53 34.96 2.60
N ALA B 282 13.48 34.10 1.60
CA ALA B 282 12.42 34.26 0.61
C ALA B 282 11.13 33.62 1.10
N GLU B 283 11.24 32.74 2.08
CA GLU B 283 10.05 32.04 2.56
C GLU B 283 9.29 32.83 3.63
N MET B 284 10.00 33.51 4.51
CA MET B 284 9.40 33.85 5.78
C MET B 284 8.41 35.01 5.83
N ALA B 285 8.56 35.99 4.94
CA ALA B 285 7.65 37.14 4.82
C ALA B 285 7.83 38.19 5.95
N ARG B 286 8.58 37.85 7.00
CA ARG B 286 9.22 38.84 7.85
C ARG B 286 10.65 38.33 8.15
N PRO B 287 11.55 38.46 7.17
CA PRO B 287 12.88 37.86 7.32
C PRO B 287 13.74 38.55 8.36
N GLU B 288 13.43 39.78 8.71
CA GLU B 288 14.25 40.48 9.71
C GLU B 288 14.06 39.87 11.09
N ARG B 289 12.98 39.10 11.31
CA ARG B 289 12.78 38.54 12.65
C ARG B 289 12.43 37.05 12.67
N GLN B 290 11.99 36.49 11.53
CA GLN B 290 11.48 35.14 11.54
C GLN B 290 12.45 34.08 11.00
N MET B 291 12.53 32.97 11.69
CA MET B 291 13.55 31.97 11.41
C MET B 291 13.01 30.54 11.64
N PHE B 292 13.67 29.56 11.04
CA PHE B 292 13.28 28.21 11.35
C PHE B 292 13.56 28.00 12.80
N ALA B 293 12.59 27.50 13.55
CA ALA B 293 12.81 27.18 14.95
C ALA B 293 14.21 26.58 15.20
N CYS B 294 14.66 25.65 14.37
CA CYS B 294 15.88 24.92 14.67
C CYS B 294 17.14 25.79 14.65
N PHE B 295 17.24 26.76 13.73
CA PHE B 295 18.35 27.72 13.78
C PHE B 295 18.27 28.43 15.11
N ALA B 296 17.07 28.88 15.45
CA ALA B 296 16.85 29.58 16.71
C ALA B 296 17.31 28.77 17.92
N GLU B 297 17.50 27.48 17.75
CA GLU B 297 17.95 26.68 18.88
C GLU B 297 19.46 26.94 19.18
N ALA B 298 20.25 27.11 18.11
CA ALA B 298 21.65 27.48 18.28
C ALA B 298 21.76 28.82 18.98
N MET B 299 21.11 29.86 18.47
CA MET B 299 21.03 31.13 19.19
C MET B 299 20.67 30.89 20.63
N LEU B 300 19.61 30.12 20.89
CA LEU B 300 19.17 29.90 22.27
C LEU B 300 20.26 29.26 23.13
N LEU B 301 20.82 28.17 22.63
CA LEU B 301 21.94 27.50 23.30
C LEU B 301 23.05 28.50 23.68
N GLU B 302 23.50 29.31 22.72
CA GLU B 302 24.51 30.33 22.98
C GLU B 302 24.10 31.23 24.13
N PHE B 303 22.90 31.80 24.06
CA PHE B 303 22.43 32.71 25.10
C PHE B 303 22.58 32.10 26.49
N GLU B 304 22.26 30.81 26.63
CA GLU B 304 22.33 30.17 27.94
C GLU B 304 23.73 29.59 28.18
N GLY B 305 24.52 29.51 27.11
CA GLY B 305 25.84 28.93 27.23
C GLY B 305 25.81 27.44 27.43
N TRP B 306 24.77 26.79 26.88
CA TRP B 306 24.65 25.33 26.92
C TRP B 306 25.36 24.75 25.70
N HIS B 307 26.68 24.68 25.80
CA HIS B 307 27.51 24.26 24.69
C HIS B 307 27.60 22.74 24.65
N THR B 308 26.69 22.18 23.88
CA THR B 308 26.54 20.76 23.79
C THR B 308 25.63 20.49 22.64
N ASN B 309 25.50 19.22 22.33
CA ASN B 309 24.53 18.81 21.33
C ASN B 309 23.20 18.61 22.06
N PHE B 310 22.46 19.71 22.20
CA PHE B 310 21.20 19.70 22.93
C PHE B 310 20.16 18.74 22.29
N SER B 311 20.07 18.80 20.97
CA SER B 311 19.21 17.90 20.23
C SER B 311 20.11 17.05 19.35
N TRP B 312 19.97 15.74 19.46
CA TRP B 312 20.85 14.83 18.72
C TRP B 312 20.19 13.47 18.46
N GLY B 313 20.35 12.96 17.24
CA GLY B 313 19.82 11.64 16.93
C GLY B 313 18.29 11.55 16.83
N ARG B 314 17.77 10.32 16.83
CA ARG B 314 16.36 10.05 16.61
C ARG B 314 15.75 9.64 17.93
N ASN B 315 14.63 10.25 18.30
CA ASN B 315 13.78 9.79 19.41
C ASN B 315 14.37 9.91 20.81
N GLN B 316 15.26 10.87 21.02
CA GLN B 316 15.88 11.10 22.32
C GLN B 316 15.41 12.39 23.01
N ILE B 317 14.70 13.24 22.28
CA ILE B 317 14.09 14.44 22.87
C ILE B 317 13.19 14.09 24.06
N THR B 318 13.34 14.83 25.15
CA THR B 318 12.53 14.57 26.32
C THR B 318 11.67 15.77 26.66
N ILE B 319 10.63 15.54 27.44
CA ILE B 319 9.78 16.63 27.88
C ILE B 319 10.61 17.70 28.59
N GLU B 320 11.58 17.27 29.41
CA GLU B 320 12.38 18.19 30.24
C GLU B 320 13.19 19.14 29.35
N LYS B 321 13.85 18.56 28.37
CA LYS B 321 14.64 19.31 27.41
C LYS B 321 13.72 20.25 26.66
N MET B 322 12.53 19.77 26.31
CA MET B 322 11.54 20.66 25.71
C MET B 322 11.20 21.84 26.62
N GLU B 323 10.93 21.60 27.90
CA GLU B 323 10.55 22.69 28.79
C GLU B 323 11.68 23.71 28.87
N ALA B 324 12.88 23.20 29.14
CA ALA B 324 14.08 24.03 29.27
C ALA B 324 14.30 24.87 28.05
N ILE B 325 14.32 24.24 26.90
CA ILE B 325 14.52 25.03 25.71
C ILE B 325 13.34 25.96 25.49
N GLY B 326 12.17 25.56 25.98
CA GLY B 326 10.97 26.37 25.79
C GLY B 326 11.03 27.64 26.58
N GLU B 327 11.40 27.56 27.85
CA GLU B 327 11.49 28.77 28.69
C GLU B 327 12.60 29.69 28.23
N ALA B 328 13.70 29.10 27.79
CA ALA B 328 14.76 29.84 27.14
C ALA B 328 14.26 30.58 25.91
N SER B 329 13.45 29.91 25.10
CA SER B 329 12.87 30.52 23.89
C SER B 329 12.10 31.82 24.19
N VAL B 330 11.31 31.76 25.26
CA VAL B 330 10.46 32.88 25.67
C VAL B 330 11.29 33.95 26.32
N ARG B 331 12.18 33.51 27.20
CA ARG B 331 12.95 34.45 28.00
C ARG B 331 13.82 35.36 27.12
N HIS B 332 14.37 34.85 26.03
CA HIS B 332 15.18 35.69 25.19
C HIS B 332 14.40 36.39 24.11
N GLY B 333 13.08 36.23 24.12
CA GLY B 333 12.22 37.05 23.28
C GLY B 333 11.72 36.49 21.96
N PHE B 334 11.70 35.15 21.85
CA PHE B 334 11.22 34.44 20.63
C PHE B 334 9.75 34.08 20.81
N GLN B 335 8.89 34.41 19.86
CA GLN B 335 7.49 33.97 19.90
C GLN B 335 7.18 33.08 18.70
N PRO B 336 6.39 32.00 18.90
CA PRO B 336 6.09 31.16 17.76
C PRO B 336 5.28 31.94 16.74
N LEU B 337 5.46 31.64 15.45
CA LEU B 337 4.60 32.15 14.38
C LEU B 337 3.11 31.86 14.66
N ALA B 338 2.19 32.58 14.03
CA ALA B 338 0.78 32.30 14.31
C ALA B 338 -0.09 32.49 13.09
N LEU B 339 -1.36 32.08 13.21
CA LEU B 339 -2.29 32.27 12.12
C LEU B 339 -2.59 33.77 11.92
N ALA B 340 -2.56 34.22 10.66
CA ALA B 340 -2.92 35.59 10.28
C ALA B 340 -4.43 35.67 10.00
N ILE B 341 -5.22 36.05 11.00
CA ILE B 341 -6.65 35.75 10.96
C ILE B 341 -7.43 36.54 9.92
N GLU B 342 -7.07 37.80 9.76
CA GLU B 342 -7.84 38.69 8.91
C GLU B 342 -7.54 38.50 7.44
N ASN B 343 -6.48 37.76 7.16
CA ASN B 343 -6.22 37.28 5.78
C ASN B 343 -7.24 36.18 5.46
N LEU B 344 -7.50 35.30 6.44
CA LEU B 344 -8.38 34.12 6.28
C LEU B 344 -9.82 34.59 6.01
N TYR B 345 -10.50 33.89 5.13
CA TYR B 345 -11.85 34.26 4.68
C TYR B 345 -11.83 35.53 3.80
N MET C 1 9.28 10.37 52.33
CA MET C 1 8.45 11.40 51.74
C MET C 1 7.06 10.83 51.45
N PHE C 2 6.03 11.29 52.16
CA PHE C 2 4.66 10.87 51.92
C PHE C 2 3.98 11.82 50.92
N GLY C 3 2.94 11.35 50.24
CA GLY C 3 2.26 12.19 49.26
C GLY C 3 0.78 12.33 49.54
N LEU C 4 0.24 13.48 49.19
CA LEU C 4 -1.19 13.66 49.31
C LEU C 4 -1.69 14.13 47.97
N ILE C 5 -2.29 13.18 47.22
CA ILE C 5 -2.87 13.44 45.90
C ILE C 5 -4.36 13.75 46.07
N GLY C 6 -4.76 14.95 45.65
CA GLY C 6 -6.12 15.43 45.80
C GLY C 6 -6.60 16.21 44.58
N HIS C 7 -7.79 16.78 44.66
CA HIS C 7 -8.39 17.41 43.49
C HIS C 7 -9.24 18.60 43.92
N LEU C 8 -9.69 19.43 42.98
CA LEU C 8 -10.55 20.55 43.33
C LEU C 8 -11.94 20.03 43.66
N THR C 9 -12.72 20.83 44.36
CA THR C 9 -14.00 20.31 44.81
C THR C 9 -15.12 20.78 43.90
N SER C 10 -14.91 21.90 43.22
CA SER C 10 -15.81 22.37 42.17
C SER C 10 -15.23 23.59 41.48
N LEU C 11 -15.92 24.10 40.47
CA LEU C 11 -15.37 25.18 39.68
C LEU C 11 -15.23 26.48 40.45
N GLU C 12 -16.19 26.77 41.33
CA GLU C 12 -16.14 27.97 42.16
C GLU C 12 -14.88 27.92 43.06
N GLN C 13 -14.76 26.80 43.77
CA GLN C 13 -13.62 26.56 44.67
C GLN C 13 -12.29 26.55 43.92
N ALA C 14 -12.31 26.25 42.64
CA ALA C 14 -11.06 26.24 41.91
C ALA C 14 -10.52 27.64 41.68
N ARG C 15 -11.42 28.60 41.55
CA ARG C 15 -11.03 29.98 41.30
C ARG C 15 -10.38 30.64 42.54
N ASP C 16 -10.84 30.22 43.72
CA ASP C 16 -10.34 30.70 45.00
C ASP C 16 -8.96 30.14 45.37
N VAL C 17 -8.48 29.15 44.62
CA VAL C 17 -7.17 28.56 44.88
C VAL C 17 -6.34 28.52 43.61
N SER C 18 -6.82 29.18 42.56
CA SER C 18 -6.06 29.22 41.32
C SER C 18 -4.80 30.07 41.43
N ARG C 19 -4.80 31.02 42.39
CA ARG C 19 -3.68 31.93 42.60
C ARG C 19 -2.42 31.18 43.05
N ARG C 20 -2.56 30.34 44.07
CA ARG C 20 -1.42 29.61 44.62
C ARG C 20 -0.81 28.59 43.64
N MET C 21 -1.41 28.42 42.46
CA MET C 21 -0.76 27.58 41.47
C MET C 21 -0.02 28.38 40.41
N GLY C 22 -0.01 29.70 40.56
CA GLY C 22 0.58 30.57 39.56
C GLY C 22 -0.36 30.91 38.42
N TYR C 23 -1.65 31.03 38.73
CA TYR C 23 -2.62 31.47 37.69
C TYR C 23 -3.43 32.64 38.28
N ASP C 24 -2.77 33.54 39.00
CA ASP C 24 -3.47 34.64 39.71
C ASP C 24 -4.19 35.64 38.80
N GLU C 25 -3.55 36.09 37.71
CA GLU C 25 -4.24 37.14 36.90
C GLU C 25 -4.20 36.80 35.41
N TYR C 26 -5.14 37.37 34.66
CA TYR C 26 -5.32 37.13 33.20
C TYR C 26 -5.52 35.63 32.98
N ALA C 27 -6.35 34.99 33.82
CA ALA C 27 -6.58 33.54 33.75
C ALA C 27 -8.00 33.24 33.29
N ASP C 28 -8.15 32.53 32.17
CA ASP C 28 -9.53 32.12 31.77
C ASP C 28 -9.75 30.78 32.50
N GLN C 29 -10.85 30.64 33.23
CA GLN C 29 -10.97 29.41 33.98
C GLN C 29 -12.36 28.82 33.93
N GLY C 30 -12.52 27.87 33.00
CA GLY C 30 -13.62 26.95 33.00
C GLY C 30 -13.15 25.51 33.01
N LEU C 31 -14.06 24.62 32.67
CA LEU C 31 -13.77 23.20 32.71
C LEU C 31 -12.61 22.90 31.77
N GLU C 32 -12.58 23.58 30.62
CA GLU C 32 -11.55 23.33 29.66
C GLU C 32 -10.19 23.54 30.24
N PHE C 33 -9.99 24.72 30.85
CA PHE C 33 -8.71 25.05 31.47
C PHE C 33 -8.20 23.95 32.39
N TRP C 34 -9.02 23.50 33.33
CA TRP C 34 -8.53 22.51 34.26
C TRP C 34 -8.34 21.18 33.52
N SER C 35 -9.08 20.96 32.45
CA SER C 35 -8.86 19.71 31.74
C SER C 35 -7.41 19.54 31.28
N SER C 36 -6.78 20.59 30.79
CA SER C 36 -5.42 20.41 30.33
C SER C 36 -4.37 20.79 31.32
N ALA C 37 -4.77 21.25 32.51
CA ALA C 37 -3.78 21.70 33.49
C ALA C 37 -2.98 20.52 34.04
N PRO C 38 -1.66 20.53 33.87
CA PRO C 38 -0.82 19.45 34.42
C PRO C 38 -0.85 19.46 35.94
N PRO C 39 -0.49 18.34 36.60
CA PRO C 39 -0.47 18.32 38.07
C PRO C 39 0.60 19.22 38.66
N GLN C 40 0.44 19.62 39.91
CA GLN C 40 1.42 20.47 40.54
C GLN C 40 1.58 20.15 42.01
N ILE C 41 2.82 20.16 42.50
CA ILE C 41 3.05 20.14 43.94
C ILE C 41 2.81 21.55 44.41
N VAL C 42 1.89 21.72 45.32
CA VAL C 42 1.48 23.07 45.65
C VAL C 42 1.66 23.36 47.13
N ASP C 43 1.90 22.35 47.95
CA ASP C 43 2.27 22.61 49.34
C ASP C 43 3.31 21.64 49.91
N GLU C 44 4.17 22.15 50.79
CA GLU C 44 5.08 21.27 51.52
C GLU C 44 4.54 21.05 52.91
N ILE C 45 4.64 19.83 53.44
CA ILE C 45 4.06 19.58 54.76
C ILE C 45 4.98 18.79 55.65
N THR C 46 4.91 19.15 56.92
CA THR C 46 5.70 18.54 57.97
C THR C 46 4.75 18.17 59.10
N VAL C 47 4.84 16.93 59.55
CA VAL C 47 3.98 16.41 60.58
C VAL C 47 4.87 15.84 61.68
N THR C 48 4.47 16.06 62.93
CA THR C 48 5.23 15.57 64.07
C THR C 48 4.40 14.56 64.78
N SER C 49 4.87 13.33 64.89
CA SER C 49 4.10 12.32 65.60
C SER C 49 3.87 12.66 67.08
N ALA C 50 2.99 11.91 67.74
CA ALA C 50 2.96 11.92 69.19
C ALA C 50 4.25 11.31 69.72
N THR C 51 4.78 10.28 69.05
CA THR C 51 6.21 9.97 69.21
C THR C 51 7.01 11.19 68.74
N GLY C 52 8.30 11.21 69.01
CA GLY C 52 9.08 12.37 68.60
C GLY C 52 9.18 12.55 67.10
N LYS C 53 8.77 11.52 66.33
CA LYS C 53 9.22 11.36 64.94
C LYS C 53 8.57 12.36 63.98
N VAL C 54 9.39 12.84 63.06
CA VAL C 54 9.00 13.91 62.16
C VAL C 54 9.19 13.47 60.73
N ILE C 55 8.14 13.69 59.94
CA ILE C 55 8.08 13.26 58.56
C ILE C 55 7.66 14.39 57.64
N HIS C 56 8.09 14.31 56.39
CA HIS C 56 7.74 15.31 55.37
C HIS C 56 6.90 14.77 54.18
N GLY C 57 6.01 15.62 53.69
CA GLY C 57 5.17 15.24 52.58
C GLY C 57 4.86 16.36 51.60
N ARG C 58 4.25 15.96 50.50
CA ARG C 58 3.83 16.91 49.49
C ARG C 58 2.33 16.82 49.28
N TYR C 59 1.76 17.86 48.69
CA TYR C 59 0.37 17.83 48.34
C TYR C 59 0.32 18.13 46.87
N ILE C 60 -0.30 17.20 46.13
CA ILE C 60 -0.36 17.28 44.69
C ILE C 60 -1.79 17.59 44.22
N GLU C 61 -1.89 18.53 43.29
CA GLU C 61 -3.16 18.90 42.71
C GLU C 61 -3.30 18.19 41.41
N SER C 62 -4.26 17.30 41.32
CA SER C 62 -4.49 16.58 40.08
C SER C 62 -5.32 17.42 39.09
N CYS C 63 -5.97 18.45 39.60
CA CYS C 63 -6.82 19.33 38.80
C CYS C 63 -8.03 18.60 38.22
N PHE C 64 -8.37 17.46 38.79
CA PHE C 64 -9.64 16.82 38.51
C PHE C 64 -10.78 17.55 39.18
N LEU C 65 -11.84 17.83 38.45
CA LEU C 65 -13.06 18.31 39.10
C LEU C 65 -14.15 17.28 38.93
N PRO C 66 -15.12 17.23 39.84
CA PRO C 66 -16.25 16.32 39.60
C PRO C 66 -17.03 16.68 38.30
N GLU C 67 -17.00 17.94 37.86
CA GLU C 67 -17.69 18.31 36.62
C GLU C 67 -17.22 17.49 35.43
N MET C 68 -15.94 17.17 35.40
CA MET C 68 -15.39 16.32 34.35
C MET C 68 -16.22 15.03 34.21
N LEU C 69 -16.62 14.45 35.34
CA LEU C 69 -17.49 13.27 35.30
C LEU C 69 -18.92 13.60 34.78
N ALA C 70 -19.59 14.59 35.38
CA ALA C 70 -20.92 15.02 34.93
C ALA C 70 -20.92 15.28 33.43
N ALA C 71 -19.90 16.03 32.99
CA ALA C 71 -19.77 16.35 31.57
C ALA C 71 -19.29 15.15 30.76
N ARG C 72 -19.05 14.03 31.44
CA ARG C 72 -18.73 12.74 30.78
C ARG C 72 -17.42 12.80 30.02
N ARG C 73 -16.47 13.58 30.51
CA ARG C 73 -15.14 13.53 29.96
C ARG C 73 -14.30 12.51 30.72
N PHE C 74 -14.56 11.23 30.51
CA PHE C 74 -13.94 10.22 31.32
C PHE C 74 -12.47 9.98 30.99
N LYS C 75 -12.09 10.22 29.73
CA LYS C 75 -10.68 10.08 29.41
C LYS C 75 -9.88 11.17 30.08
N THR C 76 -10.34 12.43 30.01
CA THR C 76 -9.76 13.51 30.80
C THR C 76 -9.68 13.14 32.27
N ALA C 77 -10.81 12.66 32.80
CA ALA C 77 -10.89 12.28 34.20
C ALA C 77 -9.83 11.25 34.50
N THR C 78 -9.68 10.30 33.59
CA THR C 78 -8.68 9.27 33.79
C THR C 78 -7.24 9.84 33.83
N ARG C 79 -6.94 10.78 32.94
CA ARG C 79 -5.61 11.32 32.81
C ARG C 79 -5.17 12.14 34.02
N LYS C 80 -6.07 12.97 34.51
CA LYS C 80 -5.86 13.71 35.75
C LYS C 80 -5.22 12.83 36.81
N VAL C 81 -5.78 11.64 36.99
CA VAL C 81 -5.28 10.73 38.00
C VAL C 81 -3.91 10.20 37.60
N LEU C 82 -3.81 9.62 36.41
CA LEU C 82 -2.56 8.96 36.04
C LEU C 82 -1.42 9.96 35.99
N ASN C 83 -1.69 11.16 35.50
CA ASN C 83 -0.65 12.19 35.51
C ASN C 83 -0.29 12.58 36.95
N ALA C 84 -1.26 12.60 37.85
CA ALA C 84 -0.92 12.94 39.23
C ALA C 84 0.02 11.91 39.87
N MET C 85 -0.26 10.64 39.61
CA MET C 85 0.55 9.56 40.16
C MET C 85 1.92 9.51 39.48
N SER C 86 1.94 9.77 38.18
CA SER C 86 3.16 9.90 37.42
C SER C 86 3.95 11.09 37.95
N HIS C 87 3.24 12.11 38.44
CA HIS C 87 3.94 13.26 38.97
C HIS C 87 4.68 12.94 40.25
N ALA C 88 3.96 12.35 41.20
CA ALA C 88 4.56 11.97 42.47
C ALA C 88 5.78 11.10 42.23
N GLN C 89 5.71 10.20 41.24
CA GLN C 89 6.85 9.31 40.99
C GLN C 89 8.07 10.09 40.48
N LYS C 90 7.85 11.04 39.59
CA LYS C 90 8.98 11.78 39.05
C LYS C 90 9.63 12.64 40.16
N HIS C 91 8.89 12.92 41.21
CA HIS C 91 9.47 13.60 42.35
C HIS C 91 9.77 12.60 43.48
N GLY C 92 10.09 11.36 43.13
CA GLY C 92 10.59 10.41 44.13
C GLY C 92 9.79 10.21 45.41
N ILE C 93 8.56 10.73 45.44
CA ILE C 93 7.70 10.56 46.60
C ILE C 93 7.55 9.10 46.86
N ASP C 94 7.66 8.71 48.11
CA ASP C 94 7.69 7.29 48.43
C ASP C 94 6.33 6.72 48.52
N ILE C 95 5.38 7.47 49.05
CA ILE C 95 4.10 6.86 49.31
C ILE C 95 2.95 7.90 49.30
N SER C 96 2.00 7.70 48.37
CA SER C 96 0.94 8.69 48.18
C SER C 96 -0.44 8.11 48.41
N ALA C 97 -1.32 8.97 48.91
CA ALA C 97 -2.71 8.61 49.13
C ALA C 97 -3.52 9.20 47.98
N LEU C 98 -4.23 8.35 47.24
CA LEU C 98 -5.18 8.83 46.24
C LEU C 98 -6.45 9.23 46.97
N GLY C 99 -6.67 10.55 47.11
CA GLY C 99 -7.73 11.05 47.96
C GLY C 99 -8.97 11.43 47.20
N GLY C 100 -10.12 11.35 47.88
CA GLY C 100 -11.40 11.74 47.27
C GLY C 100 -11.70 10.94 46.03
N PHE C 101 -12.09 11.60 44.94
CA PHE C 101 -12.51 10.86 43.74
C PHE C 101 -11.41 10.04 43.12
N THR C 102 -10.16 10.43 43.33
CA THR C 102 -9.08 9.80 42.58
C THR C 102 -8.93 8.29 42.80
N SER C 103 -9.23 7.79 44.00
CA SER C 103 -9.18 6.35 44.21
C SER C 103 -10.42 5.66 43.56
N ILE C 104 -11.51 6.42 43.48
CA ILE C 104 -12.71 5.98 42.90
C ILE C 104 -12.56 5.90 41.38
N ILE C 105 -12.08 6.99 40.77
CA ILE C 105 -11.73 6.95 39.35
C ILE C 105 -10.86 5.75 39.02
N PHE C 106 -9.79 5.56 39.80
CA PHE C 106 -8.78 4.53 39.56
C PHE C 106 -9.38 3.15 39.55
N GLU C 107 -10.49 3.03 40.26
CA GLU C 107 -11.14 1.74 40.45
C GLU C 107 -12.28 1.47 39.42
N ASN C 108 -13.09 2.49 39.16
CA ASN C 108 -14.21 2.39 38.25
C ASN C 108 -13.80 2.46 36.78
N PHE C 109 -12.56 2.82 36.50
CA PHE C 109 -12.07 2.84 35.13
C PHE C 109 -10.86 1.97 34.98
N ASP C 110 -10.67 1.05 35.92
CA ASP C 110 -9.64 0.00 35.90
C ASP C 110 -8.28 0.52 35.47
N LEU C 111 -7.81 1.56 36.16
CA LEU C 111 -6.52 2.16 35.83
C LEU C 111 -5.33 1.26 36.16
N ALA C 112 -5.56 0.22 36.97
CA ALA C 112 -4.50 -0.75 37.23
C ALA C 112 -3.94 -1.42 36.00
N SER C 113 -4.75 -1.49 34.95
CA SER C 113 -4.33 -2.05 33.67
C SER C 113 -3.63 -1.04 32.73
N LEU C 114 -3.35 0.15 33.23
CA LEU C 114 -2.83 1.26 32.42
C LEU C 114 -1.57 1.90 33.02
N ARG C 115 -0.61 1.05 33.44
CA ARG C 115 0.56 1.48 34.22
C ARG C 115 1.59 2.30 33.45
N GLN C 116 1.62 2.20 32.14
CA GLN C 116 2.63 2.93 31.38
C GLN C 116 2.13 4.35 31.07
N VAL C 117 2.63 5.34 31.81
CA VAL C 117 2.22 6.68 31.46
C VAL C 117 3.44 7.34 30.82
N ARG C 118 3.32 7.80 29.57
CA ARG C 118 4.43 8.46 28.87
C ARG C 118 5.68 7.55 28.93
N ASP C 119 6.85 8.09 29.31
CA ASP C 119 8.05 7.24 29.40
C ASP C 119 8.22 6.58 30.79
N THR C 120 7.30 6.90 31.71
CA THR C 120 7.30 6.38 33.08
C THR C 120 6.47 5.07 33.23
N THR C 121 6.90 4.18 34.13
CA THR C 121 6.14 2.95 34.46
C THR C 121 5.67 3.05 35.90
N LEU C 122 4.37 3.17 36.10
CA LEU C 122 3.82 3.30 37.45
C LEU C 122 4.17 2.09 38.32
N GLU C 123 4.56 2.35 39.57
CA GLU C 123 4.83 1.30 40.55
C GLU C 123 3.81 1.43 41.68
N PHE C 124 2.76 0.63 41.64
CA PHE C 124 1.68 0.80 42.61
C PHE C 124 2.10 0.57 44.07
N GLU C 125 3.34 0.16 44.28
CA GLU C 125 3.80 0.00 45.66
C GLU C 125 4.01 1.38 46.27
N ARG C 126 4.22 2.37 45.42
CA ARG C 126 4.37 3.72 45.87
C ARG C 126 3.04 4.47 46.14
N PHE C 127 1.92 3.76 46.27
CA PHE C 127 0.58 4.40 46.36
C PHE C 127 -0.36 3.66 47.32
N THR C 128 -1.50 4.24 47.64
CA THR C 128 -2.46 3.65 48.58
C THR C 128 -3.79 4.43 48.53
N THR C 129 -4.88 3.79 48.87
CA THR C 129 -6.16 4.45 48.78
C THR C 129 -6.54 5.06 50.09
N GLY C 130 -5.85 4.64 51.16
CA GLY C 130 -6.25 5.05 52.48
C GLY C 130 -7.51 4.44 52.99
N ASN C 131 -8.05 3.46 52.25
CA ASN C 131 -9.35 2.92 52.64
C ASN C 131 -9.32 2.05 53.87
N THR C 132 -8.22 1.35 54.11
CA THR C 132 -8.15 0.57 55.35
C THR C 132 -8.40 1.47 56.56
N HIS C 133 -7.62 2.55 56.63
CA HIS C 133 -7.73 3.46 57.74
C HIS C 133 -9.09 4.16 57.80
N THR C 134 -9.64 4.50 56.64
CA THR C 134 -10.98 5.11 56.62
C THR C 134 -12.02 4.14 57.18
N ALA C 135 -11.88 2.87 56.78
CA ALA C 135 -12.74 1.84 57.33
C ALA C 135 -12.62 1.82 58.85
N TYR C 136 -11.37 1.73 59.33
CA TYR C 136 -11.09 1.74 60.76
C TYR C 136 -11.73 2.95 61.48
N VAL C 137 -11.38 4.14 61.03
CA VAL C 137 -11.88 5.37 61.62
C VAL C 137 -13.40 5.40 61.75
N ILE C 138 -14.08 4.76 60.78
CA ILE C 138 -15.54 4.75 60.76
C ILE C 138 -16.10 3.81 61.83
N CYS C 139 -15.57 2.58 61.83
CA CYS C 139 -15.88 1.63 62.88
C CYS C 139 -15.71 2.26 64.27
N ARG C 140 -14.53 2.84 64.52
CA ARG C 140 -14.30 3.46 65.85
C ARG C 140 -15.27 4.59 66.08
N GLN C 141 -15.55 5.36 65.03
CA GLN C 141 -16.55 6.42 65.14
C GLN C 141 -17.92 5.86 65.52
N VAL C 142 -18.28 4.69 64.95
CA VAL C 142 -19.53 4.01 65.29
C VAL C 142 -19.49 3.68 66.80
N GLU C 143 -18.47 2.89 67.18
CA GLU C 143 -18.24 2.50 68.59
C GLU C 143 -18.36 3.68 69.56
N ALA C 144 -17.65 4.76 69.26
CA ALA C 144 -17.66 5.94 70.09
C ALA C 144 -19.04 6.57 70.21
N ALA C 145 -19.75 6.61 69.09
CA ALA C 145 -21.08 7.20 69.08
C ALA C 145 -22.05 6.39 69.92
N ALA C 146 -21.83 5.06 69.93
CA ALA C 146 -22.65 4.12 70.71
C ALA C 146 -22.67 4.46 72.19
N LYS C 147 -21.48 4.36 72.79
CA LYS C 147 -21.29 4.76 74.18
C LYS C 147 -21.86 6.14 74.43
N THR C 148 -21.54 7.11 73.58
CA THR C 148 -21.99 8.47 73.82
C THR C 148 -23.51 8.58 73.96
N LEU C 149 -24.23 7.70 73.27
CA LEU C 149 -25.69 7.81 73.31
C LEU C 149 -26.35 6.89 74.34
N GLY C 150 -25.53 6.24 75.16
CA GLY C 150 -26.05 5.24 76.07
C GLY C 150 -26.73 4.09 75.33
N ILE C 151 -26.21 3.74 74.17
CA ILE C 151 -26.78 2.67 73.40
C ILE C 151 -25.84 1.48 73.48
N ASP C 152 -26.38 0.30 73.73
CA ASP C 152 -25.57 -0.91 73.78
C ASP C 152 -25.38 -1.40 72.33
N ILE C 153 -24.14 -1.43 71.87
CA ILE C 153 -23.83 -1.79 70.48
C ILE C 153 -24.20 -3.25 70.17
N THR C 154 -24.10 -4.13 71.17
CA THR C 154 -24.33 -5.56 70.95
C THR C 154 -25.82 -5.88 70.88
N GLN C 155 -26.67 -4.87 71.04
CA GLN C 155 -28.11 -5.09 70.90
C GLN C 155 -28.77 -4.24 69.80
N ALA C 156 -28.08 -3.20 69.35
CA ALA C 156 -28.63 -2.22 68.40
C ALA C 156 -28.35 -2.59 66.93
N THR C 157 -28.96 -1.85 66.01
CA THR C 157 -28.89 -2.18 64.59
C THR C 157 -28.08 -1.15 63.81
N VAL C 158 -27.13 -1.64 63.02
CA VAL C 158 -26.30 -0.78 62.20
C VAL C 158 -26.52 -1.13 60.73
N ALA C 159 -26.89 -0.13 59.93
CA ALA C 159 -27.09 -0.31 58.50
C ALA C 159 -26.00 0.44 57.76
N VAL C 160 -25.15 -0.32 57.10
CA VAL C 160 -24.04 0.24 56.34
C VAL C 160 -24.44 0.30 54.86
N VAL C 161 -25.17 1.36 54.52
CA VAL C 161 -25.53 1.70 53.15
C VAL C 161 -24.27 1.83 52.29
N GLY C 162 -24.17 1.00 51.25
CA GLY C 162 -22.98 0.98 50.43
C GLY C 162 -22.02 -0.17 50.74
N ALA C 163 -22.58 -1.25 51.29
CA ALA C 163 -21.82 -2.33 51.91
C ALA C 163 -20.89 -3.13 51.01
N THR C 164 -20.87 -2.84 49.71
CA THR C 164 -20.11 -3.68 48.78
C THR C 164 -18.72 -3.15 48.45
N GLY C 165 -18.53 -1.82 48.60
CA GLY C 165 -17.23 -1.19 48.36
C GLY C 165 -16.19 -1.77 49.27
N ASP C 166 -14.91 -1.43 49.07
CA ASP C 166 -13.90 -1.97 50.00
C ASP C 166 -13.98 -1.29 51.36
N ILE C 167 -14.55 -0.10 51.43
CA ILE C 167 -14.72 0.50 52.74
C ILE C 167 -15.87 -0.19 53.45
N GLY C 168 -17.08 -0.12 52.89
CA GLY C 168 -18.25 -0.72 53.50
C GLY C 168 -18.11 -2.21 53.78
N SER C 169 -17.40 -2.95 52.94
CA SER C 169 -17.15 -4.33 53.29
C SER C 169 -16.26 -4.39 54.53
N ALA C 170 -15.19 -3.61 54.56
CA ALA C 170 -14.27 -3.58 55.70
C ALA C 170 -14.98 -3.11 56.96
N VAL C 171 -15.79 -2.07 56.84
CA VAL C 171 -16.67 -1.66 57.92
C VAL C 171 -17.49 -2.86 58.44
N CYS C 172 -17.95 -3.68 57.50
CA CYS C 172 -18.84 -4.82 57.78
C CYS C 172 -18.20 -5.84 58.68
N ARG C 173 -17.09 -6.41 58.23
CA ARG C 173 -16.46 -7.45 59.02
C ARG C 173 -16.06 -6.90 60.38
N TRP C 174 -15.40 -5.74 60.41
CA TRP C 174 -14.98 -5.16 61.67
C TRP C 174 -16.14 -5.07 62.65
N LEU C 175 -17.24 -4.50 62.22
CA LEU C 175 -18.41 -4.37 63.10
C LEU C 175 -18.95 -5.75 63.54
N ASP C 176 -18.77 -6.77 62.69
CA ASP C 176 -19.18 -8.10 63.11
C ASP C 176 -18.14 -8.68 64.07
N LEU C 177 -16.91 -8.88 63.58
CA LEU C 177 -15.87 -9.44 64.43
C LEU C 177 -15.55 -8.61 65.68
N LYS C 178 -15.05 -7.40 65.49
CA LYS C 178 -14.50 -6.59 66.58
C LYS C 178 -15.55 -6.07 67.55
N LEU C 179 -16.71 -5.66 67.05
CA LEU C 179 -17.68 -4.97 67.89
C LEU C 179 -18.93 -5.79 68.16
N GLY C 180 -19.09 -6.95 67.53
CA GLY C 180 -20.26 -7.78 67.83
C GLY C 180 -21.60 -7.05 67.76
N VAL C 181 -21.85 -6.35 66.65
CA VAL C 181 -23.08 -5.56 66.50
C VAL C 181 -24.37 -6.38 66.56
N GLY C 182 -25.39 -5.81 67.24
CA GLY C 182 -26.71 -6.41 67.37
C GLY C 182 -27.21 -7.07 66.10
N ASP C 183 -27.59 -6.25 65.12
CA ASP C 183 -27.97 -6.75 63.81
C ASP C 183 -27.32 -5.89 62.71
N LEU C 184 -26.74 -6.58 61.73
CA LEU C 184 -26.03 -5.95 60.63
C LEU C 184 -26.90 -6.00 59.35
N ILE C 185 -27.24 -4.83 58.83
CA ILE C 185 -27.92 -4.71 57.54
C ILE C 185 -26.92 -4.40 56.42
N LEU C 186 -27.19 -4.90 55.23
CA LEU C 186 -26.36 -4.57 54.09
C LEU C 186 -27.21 -3.97 52.97
N THR C 187 -26.82 -2.79 52.50
CA THR C 187 -27.54 -2.10 51.44
C THR C 187 -26.55 -1.66 50.36
N ALA C 188 -26.73 -2.17 49.15
CA ALA C 188 -25.95 -1.65 48.05
C ALA C 188 -26.84 -1.66 46.80
N ARG C 189 -26.22 -1.63 45.62
CA ARG C 189 -26.98 -1.65 44.38
C ARG C 189 -27.10 -3.07 43.82
N ASN C 190 -25.95 -3.71 43.59
CA ASN C 190 -25.89 -4.98 42.89
C ASN C 190 -26.35 -6.16 43.76
N GLN C 191 -27.61 -6.61 43.59
CA GLN C 191 -28.20 -7.68 44.44
C GLN C 191 -27.32 -8.92 44.54
N GLU C 192 -26.66 -9.29 43.44
CA GLU C 192 -25.72 -10.40 43.48
C GLU C 192 -24.61 -10.20 44.51
N ARG C 193 -23.95 -9.04 44.49
CA ARG C 193 -22.74 -8.80 45.32
C ARG C 193 -23.07 -8.76 46.81
N LEU C 194 -24.29 -8.36 47.16
CA LEU C 194 -24.69 -8.40 48.53
C LEU C 194 -24.80 -9.86 49.03
N ASP C 195 -25.20 -10.81 48.19
CA ASP C 195 -25.12 -12.20 48.64
C ASP C 195 -23.68 -12.73 48.68
N ASN C 196 -22.84 -12.23 47.80
CA ASN C 196 -21.41 -12.49 47.84
C ASN C 196 -20.76 -12.17 49.20
N LEU C 197 -21.07 -11.00 49.72
CA LEU C 197 -20.45 -10.51 50.93
C LEU C 197 -21.07 -11.20 52.16
N GLN C 198 -22.38 -11.36 52.15
CA GLN C 198 -23.13 -12.04 53.22
C GLN C 198 -22.66 -13.49 53.37
N ALA C 199 -22.13 -14.04 52.29
CA ALA C 199 -21.63 -15.41 52.28
C ALA C 199 -20.26 -15.50 52.95
N GLU C 200 -19.45 -14.45 52.82
CA GLU C 200 -18.21 -14.42 53.58
C GLU C 200 -18.43 -13.96 55.01
N LEU C 201 -19.29 -12.95 55.21
CA LEU C 201 -19.62 -12.42 56.55
C LEU C 201 -20.17 -13.46 57.52
N GLY C 202 -20.90 -14.42 56.98
CA GLY C 202 -21.60 -15.42 57.78
C GLY C 202 -22.85 -14.89 58.45
N ARG C 203 -23.22 -13.64 58.18
CA ARG C 203 -24.31 -13.03 58.92
C ARG C 203 -24.85 -11.84 58.16
N GLY C 204 -25.91 -11.22 58.69
CA GLY C 204 -26.41 -9.98 58.14
C GLY C 204 -27.67 -10.00 57.26
N LYS C 205 -28.68 -9.23 57.67
CA LYS C 205 -29.87 -8.99 56.86
C LYS C 205 -29.50 -8.34 55.54
N ILE C 206 -30.05 -8.80 54.43
CA ILE C 206 -30.01 -8.00 53.20
C ILE C 206 -31.28 -7.14 53.10
N LEU C 207 -31.19 -5.95 52.51
CA LEU C 207 -32.34 -5.04 52.41
C LEU C 207 -32.00 -3.95 51.42
N PRO C 208 -32.99 -3.54 50.63
CA PRO C 208 -32.88 -2.28 49.89
C PRO C 208 -32.93 -1.10 50.83
N LEU C 209 -32.48 0.04 50.31
CA LEU C 209 -32.24 1.23 51.13
C LEU C 209 -33.42 1.61 52.01
N GLU C 210 -34.57 1.87 51.41
CA GLU C 210 -35.72 2.33 52.19
C GLU C 210 -36.26 1.27 53.13
N ALA C 211 -35.66 0.08 53.07
CA ALA C 211 -35.99 -1.00 54.02
C ALA C 211 -35.04 -1.04 55.24
N ALA C 212 -33.80 -0.61 55.04
CA ALA C 212 -32.79 -0.59 56.10
C ALA C 212 -32.90 0.63 57.03
N LEU C 213 -33.15 1.81 56.47
CA LEU C 213 -32.97 3.04 57.23
C LEU C 213 -33.83 3.24 58.47
N PRO C 214 -35.14 2.90 58.44
CA PRO C 214 -35.94 3.18 59.65
C PRO C 214 -35.56 2.29 60.84
N GLU C 215 -34.96 1.14 60.54
CA GLU C 215 -34.56 0.17 61.56
C GLU C 215 -33.24 0.50 62.25
N ALA C 216 -32.52 1.51 61.74
CA ALA C 216 -31.12 1.70 62.14
C ALA C 216 -31.01 2.67 63.29
N ASP C 217 -30.21 2.29 64.28
CA ASP C 217 -29.71 3.24 65.28
C ASP C 217 -28.52 3.99 64.69
N PHE C 218 -27.79 3.29 63.82
CA PHE C 218 -26.59 3.83 63.22
C PHE C 218 -26.53 3.55 61.70
N ILE C 219 -26.35 4.62 60.94
CA ILE C 219 -26.26 4.51 59.51
C ILE C 219 -24.87 4.93 59.06
N VAL C 220 -24.17 4.01 58.45
CA VAL C 220 -22.89 4.29 57.91
C VAL C 220 -23.07 4.47 56.44
N TRP C 221 -23.05 5.70 55.96
CA TRP C 221 -23.30 5.96 54.56
C TRP C 221 -22.07 6.01 53.73
N VAL C 222 -21.73 4.92 53.13
CA VAL C 222 -20.53 4.81 52.38
C VAL C 222 -20.82 4.64 50.89
N ALA C 223 -21.92 5.21 50.44
CA ALA C 223 -22.20 5.14 48.99
C ALA C 223 -22.92 6.43 48.59
N SER C 224 -22.74 6.82 47.33
CA SER C 224 -23.44 8.01 46.79
C SER C 224 -24.91 7.65 46.70
N MET C 225 -25.83 8.59 46.96
CA MET C 225 -27.27 8.23 46.89
C MET C 225 -27.55 7.73 45.47
N PRO C 226 -28.25 6.59 45.30
CA PRO C 226 -28.43 5.97 43.99
C PRO C 226 -29.17 6.93 43.05
N GLN C 227 -30.24 7.52 43.58
CA GLN C 227 -31.05 8.54 42.87
C GLN C 227 -31.42 9.60 43.92
N GLY C 228 -31.56 10.87 43.54
CA GLY C 228 -31.89 11.80 44.60
C GLY C 228 -33.20 11.41 45.26
N VAL C 229 -33.22 11.44 46.59
CA VAL C 229 -34.41 11.05 47.35
C VAL C 229 -34.59 11.93 48.58
N VAL C 230 -35.83 12.09 49.02
CA VAL C 230 -36.06 12.91 50.18
C VAL C 230 -36.02 11.99 51.36
N ILE C 231 -34.95 12.07 52.15
CA ILE C 231 -34.87 11.21 53.31
C ILE C 231 -36.04 11.62 54.18
N ASP C 232 -36.79 10.65 54.67
CA ASP C 232 -37.90 10.99 55.54
C ASP C 232 -37.27 11.13 56.90
N PRO C 233 -37.01 12.37 57.30
CA PRO C 233 -36.28 12.59 58.55
C PRO C 233 -37.20 11.97 59.57
N ALA C 234 -38.47 11.90 59.21
CA ALA C 234 -39.48 11.38 60.08
C ALA C 234 -39.44 9.88 60.02
N THR C 235 -38.81 9.33 59.01
CA THR C 235 -38.68 7.89 58.93
C THR C 235 -37.88 7.27 60.05
N LEU C 236 -36.79 7.95 60.42
CA LEU C 236 -35.78 7.42 61.37
C LEU C 236 -36.09 7.64 62.84
N LYS C 237 -35.41 6.86 63.67
CA LYS C 237 -35.49 6.91 65.16
C LYS C 237 -35.01 8.29 65.61
N GLN C 238 -35.64 8.86 66.64
CA GLN C 238 -35.28 10.22 67.11
C GLN C 238 -33.80 10.23 67.49
N PRO C 239 -33.27 9.22 68.20
CA PRO C 239 -31.86 9.15 68.51
C PRO C 239 -31.23 8.38 67.35
N CYS C 240 -30.62 9.08 66.39
CA CYS C 240 -30.00 8.42 65.22
C CYS C 240 -28.73 9.17 64.79
N VAL C 241 -27.73 8.43 64.29
CA VAL C 241 -26.49 9.05 63.83
C VAL C 241 -26.10 8.55 62.47
N LEU C 242 -25.85 9.48 61.55
CA LEU C 242 -25.37 9.11 60.22
C LEU C 242 -23.89 9.48 60.00
N ILE C 243 -23.14 8.50 59.53
CA ILE C 243 -21.71 8.66 59.37
C ILE C 243 -21.41 8.78 57.86
N ASP C 244 -21.28 10.02 57.41
CA ASP C 244 -21.08 10.34 56.03
C ASP C 244 -19.63 10.00 55.61
N GLY C 245 -19.43 8.76 55.20
CA GLY C 245 -18.10 8.26 54.92
C GLY C 245 -17.60 8.33 53.49
N GLY C 246 -18.49 8.52 52.53
CA GLY C 246 -18.06 8.60 51.14
C GLY C 246 -17.34 9.90 50.83
N TYR C 247 -16.88 10.10 49.60
CA TYR C 247 -16.18 11.37 49.38
C TYR C 247 -17.13 12.55 49.15
N PRO C 248 -18.22 12.37 48.41
CA PRO C 248 -19.02 13.59 48.32
C PRO C 248 -19.84 13.77 49.62
N LYS C 249 -19.20 14.31 50.66
CA LYS C 249 -19.80 14.39 52.00
C LYS C 249 -20.79 15.55 52.07
N ASN C 250 -22.01 15.26 51.63
CA ASN C 250 -23.11 16.22 51.54
C ASN C 250 -24.34 15.88 52.37
N LEU C 251 -24.32 14.70 53.01
CA LEU C 251 -25.44 14.27 53.84
C LEU C 251 -25.92 15.34 54.80
N GLY C 252 -24.98 16.04 55.43
CA GLY C 252 -25.30 16.96 56.51
C GLY C 252 -26.42 17.92 56.17
N SER C 253 -26.40 18.45 54.94
CA SER C 253 -27.37 19.47 54.55
C SER C 253 -28.59 18.90 53.80
N LYS C 254 -28.69 17.58 53.67
CA LYS C 254 -29.89 16.96 53.08
C LYS C 254 -30.83 16.41 54.17
N VAL C 255 -30.30 15.65 55.14
CA VAL C 255 -31.09 15.14 56.25
C VAL C 255 -30.86 15.96 57.51
N GLN C 256 -31.95 16.41 58.12
CA GLN C 256 -31.90 17.15 59.38
C GLN C 256 -33.24 17.10 60.10
N GLY C 257 -33.22 17.42 61.40
CA GLY C 257 -34.43 17.44 62.25
C GLY C 257 -34.09 17.21 63.72
N GLU C 258 -35.10 17.13 64.60
CA GLU C 258 -34.84 16.87 66.04
C GLU C 258 -34.24 15.46 66.14
N GLY C 259 -33.21 15.27 66.97
CA GLY C 259 -32.49 13.99 66.98
C GLY C 259 -31.65 13.94 65.71
N ILE C 260 -31.40 12.77 65.14
CA ILE C 260 -30.72 12.71 63.81
C ILE C 260 -29.40 13.49 63.72
N TYR C 261 -28.37 13.09 64.45
CA TYR C 261 -27.07 13.78 64.35
C TYR C 261 -26.30 13.22 63.14
N VAL C 262 -25.75 14.10 62.30
CA VAL C 262 -24.99 13.66 61.14
C VAL C 262 -23.53 13.94 61.40
N LEU C 263 -22.68 12.96 61.11
CA LEU C 263 -21.28 13.04 61.48
C LEU C 263 -20.34 12.64 60.36
N ASN C 264 -19.46 13.56 59.94
CA ASN C 264 -18.49 13.23 58.92
C ASN C 264 -17.65 12.01 59.29
N GLY C 265 -17.70 10.96 58.48
CA GLY C 265 -16.91 9.78 58.75
C GLY C 265 -15.57 9.88 58.06
N GLY C 266 -14.62 9.06 58.47
CA GLY C 266 -13.27 9.10 57.95
C GLY C 266 -12.46 10.37 58.22
N VAL C 267 -12.89 11.15 59.21
CA VAL C 267 -12.16 12.36 59.50
C VAL C 267 -11.29 12.18 60.77
N VAL C 268 -10.01 12.52 60.72
CA VAL C 268 -9.22 12.42 61.95
C VAL C 268 -8.63 13.75 62.30
N GLU C 269 -8.55 13.97 63.60
CA GLU C 269 -7.94 15.17 64.17
C GLU C 269 -6.62 14.79 64.78
N HIS C 270 -5.57 15.53 64.43
CA HIS C 270 -4.25 15.29 64.99
C HIS C 270 -4.12 15.88 66.42
N CYS C 271 -3.10 15.45 67.15
CA CYS C 271 -2.79 16.09 68.43
C CYS C 271 -2.13 17.44 68.23
N PHE C 272 -1.37 17.60 67.15
CA PHE C 272 -0.64 18.85 66.91
C PHE C 272 -1.12 19.57 65.64
N ASP C 273 -0.99 20.88 65.59
CA ASP C 273 -1.20 21.60 64.34
C ASP C 273 -0.33 21.04 63.23
N ILE C 274 -0.78 21.23 61.99
CA ILE C 274 0.02 21.00 60.79
C ILE C 274 -0.05 22.28 59.93
N ASP C 275 1.09 22.65 59.35
CA ASP C 275 1.17 23.90 58.60
C ASP C 275 0.90 23.63 57.13
N TRP C 276 -0.37 23.69 56.72
CA TRP C 276 -0.72 23.31 55.35
C TRP C 276 -2.07 23.84 54.87
N GLN C 277 -2.25 23.83 53.56
CA GLN C 277 -3.55 24.05 52.94
C GLN C 277 -3.90 22.76 52.19
N ILE C 278 -5.09 22.22 52.45
CA ILE C 278 -5.46 20.93 51.88
C ILE C 278 -6.86 20.90 51.28
N MET C 279 -7.04 20.03 50.29
CA MET C 279 -8.35 19.82 49.64
C MET C 279 -9.46 19.68 50.69
N SER C 280 -10.59 20.34 50.40
CA SER C 280 -11.70 20.45 51.34
C SER C 280 -11.22 20.95 52.72
N ALA C 281 -10.37 21.98 52.73
CA ALA C 281 -9.98 22.60 53.98
C ALA C 281 -11.13 23.43 54.55
N ALA C 282 -11.97 23.95 53.66
CA ALA C 282 -13.14 24.73 54.08
C ALA C 282 -14.32 23.87 54.57
N GLU C 283 -14.28 22.56 54.29
CA GLU C 283 -15.27 21.66 54.90
C GLU C 283 -14.88 21.28 56.34
N MET C 284 -13.59 21.08 56.57
CA MET C 284 -13.05 20.75 57.87
C MET C 284 -13.41 21.80 58.90
N ALA C 285 -13.86 21.38 60.08
CA ALA C 285 -14.21 22.34 61.13
C ALA C 285 -12.98 22.99 61.79
N ARG C 286 -11.91 22.22 61.94
CA ARG C 286 -10.65 22.72 62.44
C ARG C 286 -9.54 22.37 61.46
N PRO C 287 -9.39 23.21 60.41
CA PRO C 287 -8.54 22.90 59.26
C PRO C 287 -7.09 22.57 59.61
N GLU C 288 -6.53 23.28 60.59
CA GLU C 288 -5.12 23.09 60.94
C GLU C 288 -4.88 21.74 61.65
N ARG C 289 -5.94 21.02 61.98
CA ARG C 289 -5.73 19.70 62.59
C ARG C 289 -6.52 18.55 62.01
N GLN C 290 -7.66 18.83 61.37
CA GLN C 290 -8.57 17.79 60.90
C GLN C 290 -8.33 17.47 59.43
N MET C 291 -8.31 16.19 59.10
CA MET C 291 -7.92 15.80 57.77
C MET C 291 -8.66 14.50 57.37
N PHE C 292 -8.65 14.13 56.07
CA PHE C 292 -9.29 12.87 55.67
C PHE C 292 -8.45 11.66 56.07
N ALA C 293 -9.11 10.67 56.67
CA ALA C 293 -8.42 9.45 57.09
C ALA C 293 -7.62 8.77 55.96
N CYS C 294 -8.03 8.95 54.71
CA CYS C 294 -7.22 8.36 53.66
C CYS C 294 -5.94 9.14 53.49
N PHE C 295 -5.99 10.45 53.73
CA PHE C 295 -4.76 11.24 53.74
C PHE C 295 -3.87 10.83 54.90
N ALA C 296 -4.49 10.67 56.07
CA ALA C 296 -3.76 10.25 57.25
C ALA C 296 -3.01 8.94 57.01
N GLU C 297 -3.62 8.03 56.27
CA GLU C 297 -2.99 6.74 56.06
C GLU C 297 -1.65 6.95 55.40
N ALA C 298 -1.56 7.87 54.44
CA ALA C 298 -0.26 8.02 53.80
C ALA C 298 0.81 8.46 54.80
N MET C 299 0.44 9.39 55.70
CA MET C 299 1.32 9.82 56.79
C MET C 299 1.71 8.63 57.68
N LEU C 300 0.69 7.94 58.19
CA LEU C 300 0.90 6.78 59.06
C LEU C 300 1.79 5.72 58.42
N LEU C 301 1.76 5.56 57.11
CA LEU C 301 2.71 4.64 56.49
C LEU C 301 4.09 5.24 56.41
N GLU C 302 4.17 6.57 56.35
CA GLU C 302 5.49 7.17 56.37
C GLU C 302 6.13 7.14 57.75
N PHE C 303 5.31 7.37 58.78
CA PHE C 303 5.73 7.24 60.17
C PHE C 303 6.37 5.87 60.43
N GLU C 304 5.81 4.81 59.85
CA GLU C 304 6.24 3.44 60.17
C GLU C 304 7.19 2.83 59.16
N GLY C 305 7.50 3.56 58.09
CA GLY C 305 8.30 2.96 57.06
C GLY C 305 7.61 1.90 56.21
N TRP C 306 6.32 1.64 56.45
CA TRP C 306 5.55 0.71 55.59
C TRP C 306 5.35 1.30 54.19
N HIS C 307 6.38 1.13 53.36
CA HIS C 307 6.40 1.69 52.03
C HIS C 307 5.83 0.71 50.97
N THR C 308 4.52 0.47 51.07
CA THR C 308 3.88 -0.40 50.11
C THR C 308 2.41 0.03 49.99
N ASN C 309 1.69 -0.57 49.05
CA ASN C 309 0.31 -0.20 48.83
C ASN C 309 -0.62 -0.88 49.84
N PHE C 310 -0.74 -0.25 50.99
CA PHE C 310 -1.44 -0.81 52.14
C PHE C 310 -2.91 -1.09 51.83
N SER C 311 -3.60 -0.06 51.35
CA SER C 311 -4.98 -0.19 50.93
C SER C 311 -4.93 -0.18 49.43
N TRP C 312 -5.38 -1.27 48.78
CA TRP C 312 -5.33 -1.37 47.34
C TRP C 312 -6.52 -2.15 46.84
N GLY C 313 -6.89 -1.92 45.60
CA GLY C 313 -8.02 -2.61 45.00
C GLY C 313 -9.31 -2.63 45.78
N ARG C 314 -10.19 -3.56 45.41
CA ARG C 314 -11.51 -3.65 45.98
C ARG C 314 -11.61 -4.88 46.90
N ASN C 315 -12.17 -4.71 48.09
CA ASN C 315 -12.43 -5.82 49.04
C ASN C 315 -11.20 -6.71 49.41
N GLN C 316 -9.99 -6.14 49.41
CA GLN C 316 -8.75 -6.81 49.86
C GLN C 316 -8.34 -6.43 51.30
N ILE C 317 -9.23 -5.74 52.00
CA ILE C 317 -8.90 -5.15 53.28
C ILE C 317 -9.22 -6.16 54.37
N THR C 318 -8.19 -6.60 55.08
CA THR C 318 -8.36 -7.60 56.13
C THR C 318 -8.69 -6.95 57.47
N ILE C 319 -9.12 -7.74 58.44
CA ILE C 319 -9.25 -7.18 59.78
C ILE C 319 -7.84 -6.91 60.33
N GLU C 320 -6.87 -7.73 59.96
CA GLU C 320 -5.52 -7.54 60.49
C GLU C 320 -4.92 -6.22 60.08
N LYS C 321 -5.00 -5.89 58.81
CA LYS C 321 -4.45 -4.62 58.40
C LYS C 321 -5.30 -3.49 58.94
N MET C 322 -6.61 -3.73 59.12
CA MET C 322 -7.38 -2.69 59.80
C MET C 322 -6.82 -2.42 61.20
N GLU C 323 -6.50 -3.49 61.93
CA GLU C 323 -5.91 -3.39 63.27
C GLU C 323 -4.53 -2.75 63.29
N ALA C 324 -3.69 -3.13 62.34
CA ALA C 324 -2.38 -2.53 62.28
C ALA C 324 -2.44 -1.01 62.13
N ILE C 325 -3.09 -0.52 61.07
CA ILE C 325 -3.18 0.91 60.85
C ILE C 325 -3.94 1.53 62.01
N GLY C 326 -4.87 0.80 62.61
CA GLY C 326 -5.63 1.37 63.70
C GLY C 326 -4.79 1.69 64.94
N GLU C 327 -3.86 0.79 65.26
CA GLU C 327 -2.92 1.06 66.34
C GLU C 327 -1.88 2.07 65.91
N ALA C 328 -1.44 2.00 64.65
CA ALA C 328 -0.55 3.04 64.16
C ALA C 328 -1.21 4.43 64.23
N SER C 329 -2.52 4.49 63.97
CA SER C 329 -3.22 5.76 64.01
C SER C 329 -3.27 6.35 65.44
N VAL C 330 -3.49 5.52 66.45
CA VAL C 330 -3.55 6.03 67.83
C VAL C 330 -2.14 6.39 68.33
N ARG C 331 -1.18 5.52 68.06
CA ARG C 331 0.20 5.69 68.47
C ARG C 331 0.77 7.03 68.05
N HIS C 332 0.60 7.38 66.77
CA HIS C 332 1.22 8.59 66.25
C HIS C 332 0.35 9.85 66.46
N GLY C 333 -0.76 9.71 67.19
CA GLY C 333 -1.53 10.86 67.66
C GLY C 333 -2.85 11.25 66.99
N PHE C 334 -3.43 10.32 66.23
CA PHE C 334 -4.68 10.59 65.52
C PHE C 334 -5.86 10.05 66.32
N GLN C 335 -6.90 10.87 66.47
CA GLN C 335 -8.15 10.39 67.05
C GLN C 335 -9.35 10.69 66.11
N PRO C 336 -10.33 9.77 66.06
CA PRO C 336 -11.51 9.98 65.20
C PRO C 336 -12.27 11.26 65.55
N LEU C 337 -12.92 11.86 64.59
CA LEU C 337 -13.79 13.00 64.87
C LEU C 337 -15.00 12.46 65.62
N ALA C 338 -15.55 13.23 66.53
CA ALA C 338 -16.70 12.77 67.30
C ALA C 338 -17.78 13.82 67.31
N LEU C 339 -19.00 13.44 67.65
CA LEU C 339 -20.10 14.40 67.52
C LEU C 339 -19.85 15.61 68.42
N ALA C 340 -20.25 16.78 67.97
CA ALA C 340 -20.17 17.97 68.80
C ALA C 340 -21.44 18.06 69.60
N ILE C 341 -21.44 17.54 70.82
CA ILE C 341 -22.67 17.51 71.59
C ILE C 341 -23.21 18.93 71.67
N GLU C 342 -24.40 19.08 71.10
CA GLU C 342 -25.19 20.30 71.09
C GLU C 342 -26.68 20.02 70.90
N ASN C 343 -27.47 20.73 71.69
CA ASN C 343 -28.92 20.57 71.70
C ASN C 343 -29.60 21.90 71.37
N LEU C 344 -30.85 21.82 70.94
CA LEU C 344 -31.61 22.99 70.48
C LEU C 344 -30.90 23.75 69.35
N MET D 1 23.42 -10.71 -40.95
CA MET D 1 22.19 -11.19 -41.57
C MET D 1 22.19 -12.71 -41.51
N PHE D 2 21.22 -13.25 -40.79
CA PHE D 2 21.04 -14.70 -40.67
C PHE D 2 19.74 -15.09 -41.33
N GLY D 3 19.72 -16.30 -41.88
CA GLY D 3 18.55 -16.78 -42.59
C GLY D 3 17.92 -17.92 -41.84
N LEU D 4 16.60 -18.01 -41.95
CA LEU D 4 15.88 -19.20 -41.51
C LEU D 4 15.31 -19.87 -42.74
N ILE D 5 15.80 -21.07 -43.03
CA ILE D 5 15.29 -21.87 -44.14
C ILE D 5 14.29 -22.87 -43.57
N GLY D 6 13.02 -22.61 -43.87
CA GLY D 6 11.92 -23.43 -43.44
C GLY D 6 11.01 -23.87 -44.56
N HIS D 7 10.06 -24.72 -44.23
CA HIS D 7 9.16 -25.23 -45.24
C HIS D 7 7.71 -25.18 -44.77
N LEU D 8 6.81 -25.49 -45.68
CA LEU D 8 5.42 -25.63 -45.33
C LEU D 8 5.14 -27.00 -44.69
N THR D 9 3.97 -27.13 -44.07
CA THR D 9 3.60 -28.36 -43.39
C THR D 9 2.46 -29.13 -44.07
N SER D 10 1.69 -28.47 -44.94
CA SER D 10 0.65 -29.15 -45.70
C SER D 10 0.14 -28.28 -46.83
N LEU D 11 -0.49 -28.89 -47.83
CA LEU D 11 -1.21 -28.13 -48.85
C LEU D 11 -2.27 -27.26 -48.23
N GLU D 12 -2.78 -27.68 -47.09
CA GLU D 12 -3.78 -26.89 -46.37
C GLU D 12 -3.20 -25.56 -45.91
N GLN D 13 -2.09 -25.62 -45.17
CA GLN D 13 -1.48 -24.39 -44.67
C GLN D 13 -0.84 -23.60 -45.79
N ALA D 14 -0.47 -24.30 -46.85
CA ALA D 14 0.07 -23.66 -48.04
C ALA D 14 -0.97 -22.79 -48.73
N ARG D 15 -2.18 -23.32 -48.89
CA ARG D 15 -3.29 -22.53 -49.40
C ARG D 15 -3.64 -21.40 -48.45
N ASP D 16 -3.36 -21.58 -47.16
CA ASP D 16 -3.68 -20.54 -46.18
C ASP D 16 -2.66 -19.40 -46.13
N VAL D 17 -1.41 -19.69 -46.47
CA VAL D 17 -0.35 -18.68 -46.48
C VAL D 17 0.01 -18.26 -47.90
N SER D 18 -0.76 -18.76 -48.87
CA SER D 18 -0.54 -18.34 -50.24
C SER D 18 -1.05 -16.90 -50.40
N ARG D 19 -1.90 -16.42 -49.48
CA ARG D 19 -2.34 -15.02 -49.55
C ARG D 19 -1.20 -14.02 -49.29
N ARG D 20 -0.48 -14.22 -48.19
CA ARG D 20 0.72 -13.45 -47.83
C ARG D 20 1.86 -13.61 -48.84
N MET D 21 1.72 -14.56 -49.76
CA MET D 21 2.68 -14.73 -50.83
C MET D 21 2.12 -14.03 -52.06
N GLY D 22 2.95 -13.83 -53.08
CA GLY D 22 2.47 -13.22 -54.29
C GLY D 22 1.22 -13.86 -54.84
N TYR D 23 1.24 -15.19 -54.93
CA TYR D 23 0.26 -15.90 -55.75
C TYR D 23 -1.13 -15.82 -55.13
N ASP D 24 -1.97 -15.03 -55.82
CA ASP D 24 -3.39 -14.75 -55.53
C ASP D 24 -4.29 -15.94 -55.86
N GLU D 25 -4.04 -16.63 -56.97
CA GLU D 25 -4.97 -17.70 -57.43
C GLU D 25 -4.72 -18.99 -56.65
N TYR D 26 -5.16 -19.02 -55.38
CA TYR D 26 -5.00 -20.18 -54.45
C TYR D 26 -5.85 -21.40 -54.88
N ALA D 27 -6.92 -21.16 -55.63
CA ALA D 27 -7.84 -22.25 -56.03
C ALA D 27 -7.11 -23.33 -56.85
N ASP D 28 -6.17 -22.94 -57.71
CA ASP D 28 -5.47 -23.88 -58.64
C ASP D 28 -4.21 -24.47 -58.01
N GLN D 29 -4.02 -24.29 -56.70
CA GLN D 29 -2.80 -24.77 -55.99
C GLN D 29 -2.72 -26.30 -55.99
N GLY D 30 -1.52 -26.88 -56.01
CA GLY D 30 -1.44 -28.32 -56.09
C GLY D 30 -0.03 -28.75 -55.79
N LEU D 31 0.18 -30.06 -55.69
CA LEU D 31 1.51 -30.58 -55.37
C LEU D 31 2.51 -30.28 -56.48
N GLU D 32 2.01 -30.28 -57.72
CA GLU D 32 2.84 -29.95 -58.86
C GLU D 32 3.15 -28.44 -58.89
N PHE D 33 2.23 -27.61 -58.43
CA PHE D 33 2.53 -26.19 -58.37
C PHE D 33 3.69 -25.88 -57.44
N TRP D 34 3.59 -26.34 -56.20
CA TRP D 34 4.63 -26.07 -55.22
C TRP D 34 5.93 -26.76 -55.55
N SER D 35 5.88 -27.83 -56.32
CA SER D 35 7.11 -28.50 -56.71
C SER D 35 7.89 -27.68 -57.76
N SER D 36 7.18 -26.85 -58.53
CA SER D 36 7.83 -25.91 -59.43
C SER D 36 8.09 -24.56 -58.77
N ALA D 37 7.60 -24.37 -57.55
CA ALA D 37 7.61 -23.04 -56.98
C ALA D 37 9.02 -22.67 -56.50
N PRO D 38 9.46 -21.44 -56.79
CA PRO D 38 10.84 -21.04 -56.48
C PRO D 38 11.01 -20.67 -55.01
N PRO D 39 12.22 -20.78 -54.44
CA PRO D 39 12.39 -20.33 -53.06
C PRO D 39 12.19 -18.85 -52.96
N GLN D 40 11.45 -18.44 -51.95
CA GLN D 40 11.06 -17.06 -51.88
C GLN D 40 11.33 -16.55 -50.49
N ILE D 41 11.77 -15.30 -50.38
CA ILE D 41 11.87 -14.67 -49.07
C ILE D 41 10.51 -14.00 -48.77
N VAL D 42 9.92 -14.40 -47.66
CA VAL D 42 8.54 -14.00 -47.37
C VAL D 42 8.45 -13.12 -46.13
N ASP D 43 9.53 -13.03 -45.34
CA ASP D 43 9.53 -12.05 -44.25
C ASP D 43 10.93 -11.66 -43.73
N GLU D 44 11.22 -10.36 -43.67
CA GLU D 44 12.36 -9.87 -42.92
C GLU D 44 12.02 -9.83 -41.44
N ILE D 45 12.96 -10.26 -40.62
CA ILE D 45 12.74 -10.38 -39.19
C ILE D 45 13.81 -9.59 -38.49
N THR D 46 13.54 -9.19 -37.25
CA THR D 46 14.51 -8.50 -36.41
C THR D 46 14.37 -8.99 -34.97
N VAL D 47 15.49 -9.36 -34.37
CA VAL D 47 15.54 -9.88 -33.02
C VAL D 47 16.59 -9.13 -32.23
N THR D 48 16.24 -8.72 -31.02
CA THR D 48 17.17 -7.95 -30.20
C THR D 48 17.56 -8.81 -28.99
N SER D 49 18.86 -9.06 -28.82
CA SER D 49 19.37 -9.97 -27.79
C SER D 49 19.05 -9.52 -26.39
N ALA D 50 19.55 -10.25 -25.39
CA ALA D 50 19.36 -9.83 -23.99
C ALA D 50 20.38 -8.76 -23.58
N THR D 51 21.58 -8.86 -24.15
CA THR D 51 22.44 -7.70 -24.24
C THR D 51 21.76 -6.73 -25.20
N GLY D 52 22.41 -5.62 -25.53
CA GLY D 52 21.76 -4.66 -26.39
C GLY D 52 21.63 -5.02 -27.87
N LYS D 53 22.35 -6.06 -28.29
CA LYS D 53 22.61 -6.22 -29.72
C LYS D 53 21.36 -6.50 -30.53
N VAL D 54 21.31 -5.93 -31.73
CA VAL D 54 20.15 -6.13 -32.60
C VAL D 54 20.58 -6.75 -33.91
N ILE D 55 19.80 -7.74 -34.35
CA ILE D 55 20.13 -8.53 -35.53
C ILE D 55 18.97 -8.57 -36.50
N HIS D 56 19.33 -8.54 -37.78
CA HIS D 56 18.35 -8.67 -38.85
C HIS D 56 18.48 -10.02 -39.55
N GLY D 57 17.35 -10.55 -39.97
CA GLY D 57 17.32 -11.86 -40.60
C GLY D 57 16.33 -11.87 -41.72
N ARG D 58 16.27 -13.01 -42.39
CA ARG D 58 15.24 -13.20 -43.39
C ARG D 58 14.75 -14.66 -43.33
N TYR D 59 13.45 -14.84 -43.52
CA TYR D 59 12.91 -16.18 -43.53
C TYR D 59 12.64 -16.61 -44.98
N ILE D 60 13.30 -17.70 -45.36
CA ILE D 60 13.21 -18.21 -46.73
C ILE D 60 12.30 -19.42 -46.79
N GLU D 61 11.15 -19.22 -47.40
CA GLU D 61 10.28 -20.30 -47.76
C GLU D 61 10.95 -21.17 -48.83
N SER D 62 11.17 -22.45 -48.53
CA SER D 62 11.70 -23.37 -49.54
C SER D 62 10.61 -23.88 -50.50
N CYS D 63 9.38 -23.93 -49.99
CA CYS D 63 8.21 -24.55 -50.65
C CYS D 63 8.28 -26.05 -50.67
N PHE D 64 9.14 -26.63 -49.85
CA PHE D 64 9.08 -28.04 -49.62
C PHE D 64 7.79 -28.40 -48.90
N LEU D 65 7.02 -29.30 -49.48
CA LEU D 65 5.93 -29.89 -48.70
C LEU D 65 6.36 -31.26 -48.27
N PRO D 66 5.79 -31.77 -47.17
CA PRO D 66 6.06 -33.16 -46.81
C PRO D 66 5.36 -34.15 -47.77
N GLU D 67 4.18 -33.79 -48.26
CA GLU D 67 3.47 -34.54 -49.28
C GLU D 67 4.37 -34.99 -50.44
N MET D 68 5.39 -34.21 -50.74
CA MET D 68 6.29 -34.57 -51.83
C MET D 68 7.10 -35.80 -51.44
N LEU D 69 7.31 -36.00 -50.15
CA LEU D 69 7.93 -37.24 -49.74
C LEU D 69 6.92 -38.37 -49.84
N ALA D 70 5.65 -38.05 -49.62
CA ALA D 70 4.62 -39.08 -49.76
C ALA D 70 4.55 -39.60 -51.16
N ALA D 71 4.35 -38.72 -52.13
CA ALA D 71 4.22 -39.15 -53.52
C ALA D 71 5.56 -39.65 -54.09
N ARG D 72 6.58 -39.70 -53.22
CA ARG D 72 7.89 -40.25 -53.56
C ARG D 72 8.60 -39.45 -54.67
N ARG D 73 8.39 -38.14 -54.64
CA ARG D 73 9.06 -37.19 -55.53
C ARG D 73 10.36 -36.75 -54.92
N PHE D 74 11.18 -37.74 -54.57
CA PHE D 74 12.39 -37.53 -53.78
C PHE D 74 13.38 -36.56 -54.43
N LYS D 75 13.49 -36.61 -55.75
CA LYS D 75 14.39 -35.72 -56.46
C LYS D 75 13.87 -34.30 -56.36
N THR D 76 12.57 -34.12 -56.62
CA THR D 76 11.92 -32.82 -56.42
C THR D 76 12.15 -32.27 -55.02
N ALA D 77 11.93 -33.10 -54.03
CA ALA D 77 12.15 -32.71 -52.64
C ALA D 77 13.61 -32.30 -52.42
N THR D 78 14.54 -33.13 -52.87
CA THR D 78 15.96 -32.79 -52.73
C THR D 78 16.23 -31.42 -53.33
N ARG D 79 15.64 -31.18 -54.50
CA ARG D 79 15.88 -29.97 -55.26
C ARG D 79 15.48 -28.71 -54.48
N LYS D 80 14.36 -28.75 -53.74
CA LYS D 80 13.89 -27.57 -53.02
C LYS D 80 14.83 -27.15 -51.92
N VAL D 81 15.44 -28.12 -51.26
CA VAL D 81 16.35 -27.86 -50.15
C VAL D 81 17.59 -27.12 -50.62
N LEU D 82 18.10 -27.51 -51.80
CA LEU D 82 19.31 -26.84 -52.27
C LEU D 82 18.99 -25.53 -52.98
N ASN D 83 17.90 -25.48 -53.75
CA ASN D 83 17.41 -24.22 -54.29
C ASN D 83 17.25 -23.15 -53.23
N ALA D 84 16.69 -23.55 -52.09
CA ALA D 84 16.61 -22.67 -50.94
C ALA D 84 18.01 -22.34 -50.43
N MET D 85 18.87 -23.35 -50.25
CA MET D 85 20.20 -23.08 -49.71
C MET D 85 21.09 -22.24 -50.64
N SER D 86 20.91 -22.40 -51.95
CA SER D 86 21.64 -21.56 -52.87
C SER D 86 21.00 -20.17 -53.00
N HIS D 87 19.69 -20.09 -52.81
CA HIS D 87 19.01 -18.79 -52.78
C HIS D 87 19.40 -17.96 -51.59
N ALA D 88 19.92 -18.60 -50.55
CA ALA D 88 20.34 -17.91 -49.33
C ALA D 88 21.73 -17.31 -49.48
N GLN D 89 22.58 -17.98 -50.25
CA GLN D 89 23.89 -17.45 -50.56
C GLN D 89 23.76 -16.27 -51.55
N LYS D 90 22.88 -16.44 -52.55
CA LYS D 90 22.68 -15.42 -53.57
C LYS D 90 22.05 -14.14 -53.03
N HIS D 91 21.57 -14.16 -51.79
CA HIS D 91 21.09 -12.93 -51.15
C HIS D 91 21.95 -12.56 -49.96
N GLY D 92 23.13 -13.15 -49.86
CA GLY D 92 24.11 -12.64 -48.92
C GLY D 92 23.85 -12.92 -47.45
N ILE D 93 23.12 -14.00 -47.16
CA ILE D 93 22.90 -14.39 -45.77
C ILE D 93 24.16 -15.04 -45.22
N ASP D 94 24.57 -14.62 -44.03
CA ASP D 94 25.86 -15.04 -43.51
C ASP D 94 25.80 -16.38 -42.79
N ILE D 95 24.67 -16.68 -42.16
CA ILE D 95 24.50 -17.96 -41.48
C ILE D 95 23.04 -18.37 -41.52
N SER D 96 22.76 -19.57 -42.01
CA SER D 96 21.38 -19.99 -42.19
C SER D 96 21.10 -21.28 -41.46
N ALA D 97 19.94 -21.37 -40.84
CA ALA D 97 19.58 -22.63 -40.19
C ALA D 97 18.75 -23.48 -41.13
N LEU D 98 18.97 -24.79 -41.03
CA LEU D 98 18.21 -25.79 -41.76
C LEU D 98 17.04 -26.32 -40.89
N GLY D 99 15.83 -25.85 -41.21
CA GLY D 99 14.66 -26.02 -40.37
C GLY D 99 13.67 -27.12 -40.76
N GLY D 100 13.14 -27.83 -39.75
CA GLY D 100 12.17 -28.88 -39.97
C GLY D 100 12.77 -30.03 -40.76
N PHE D 101 12.17 -30.35 -41.90
CA PHE D 101 12.66 -31.45 -42.74
C PHE D 101 13.91 -31.10 -43.54
N THR D 102 14.20 -29.80 -43.73
CA THR D 102 15.22 -29.40 -44.69
C THR D 102 16.60 -29.97 -44.37
N SER D 103 16.91 -30.11 -43.09
CA SER D 103 18.19 -30.69 -42.70
C SER D 103 18.17 -32.20 -42.75
N ILE D 104 17.00 -32.80 -42.53
CA ILE D 104 16.83 -34.25 -42.63
C ILE D 104 17.06 -34.71 -44.09
N ILE D 105 16.39 -34.03 -45.02
CA ILE D 105 16.55 -34.35 -46.43
C ILE D 105 18.03 -34.32 -46.83
N PHE D 106 18.70 -33.24 -46.46
CA PHE D 106 20.11 -33.04 -46.79
C PHE D 106 21.02 -34.17 -46.24
N GLU D 107 20.50 -34.95 -45.30
CA GLU D 107 21.32 -36.00 -44.68
C GLU D 107 20.88 -37.41 -45.12
N ASN D 108 19.57 -37.66 -45.15
CA ASN D 108 18.98 -38.90 -45.65
C ASN D 108 18.97 -38.99 -47.17
N PHE D 109 19.71 -38.12 -47.82
CA PHE D 109 19.92 -38.21 -49.26
C PHE D 109 21.36 -37.86 -49.63
N ASP D 110 22.21 -37.70 -48.60
CA ASP D 110 23.68 -37.52 -48.78
C ASP D 110 24.00 -36.50 -49.87
N LEU D 111 23.55 -35.26 -49.70
CA LEU D 111 23.73 -34.21 -50.75
C LEU D 111 25.16 -33.65 -50.86
N ALA D 112 26.09 -34.00 -49.98
CA ALA D 112 27.46 -33.43 -50.10
C ALA D 112 28.15 -33.88 -51.41
N SER D 113 29.01 -33.02 -51.98
CA SER D 113 29.69 -33.37 -53.24
C SER D 113 28.76 -33.21 -54.46
N THR D 120 26.24 -26.18 -59.30
CA THR D 120 26.42 -25.02 -58.41
C THR D 120 27.19 -25.38 -57.15
N THR D 121 28.08 -24.48 -56.73
CA THR D 121 28.92 -24.71 -55.57
C THR D 121 28.49 -23.85 -54.40
N LEU D 122 28.42 -24.50 -53.25
CA LEU D 122 27.85 -23.94 -52.03
C LEU D 122 28.85 -24.02 -50.90
N GLU D 123 28.98 -22.92 -50.18
CA GLU D 123 29.83 -22.90 -49.00
C GLU D 123 29.01 -23.42 -47.83
N PHE D 124 29.36 -24.61 -47.33
CA PHE D 124 28.54 -25.24 -46.29
C PHE D 124 28.61 -24.47 -44.97
N GLU D 125 29.67 -23.68 -44.77
CA GLU D 125 29.86 -22.96 -43.50
C GLU D 125 28.95 -21.74 -43.31
N ARG D 126 28.13 -21.45 -44.32
CA ARG D 126 27.06 -20.45 -44.22
C ARG D 126 25.69 -21.05 -43.84
N PHE D 127 25.72 -22.29 -43.35
CA PHE D 127 24.54 -23.04 -42.91
C PHE D 127 24.83 -23.81 -41.63
N THR D 128 23.78 -24.23 -40.94
CA THR D 128 23.97 -25.10 -39.78
C THR D 128 22.76 -26.00 -39.61
N THR D 129 22.98 -27.16 -39.02
CA THR D 129 21.85 -28.08 -38.87
C THR D 129 21.01 -27.69 -37.64
N GLY D 130 21.59 -26.92 -36.74
CA GLY D 130 20.87 -26.46 -35.57
C GLY D 130 20.59 -27.50 -34.51
N ASN D 131 21.08 -28.72 -34.75
CA ASN D 131 20.83 -29.84 -33.87
C ASN D 131 21.60 -29.77 -32.56
N THR D 132 22.71 -29.02 -32.55
CA THR D 132 23.50 -28.87 -31.31
C THR D 132 22.73 -28.08 -30.24
N HIS D 133 22.12 -26.97 -30.66
CA HIS D 133 21.23 -26.21 -29.78
C HIS D 133 20.03 -27.05 -29.35
N THR D 134 19.47 -27.80 -30.30
CA THR D 134 18.29 -28.62 -30.05
C THR D 134 18.60 -29.73 -29.06
N ALA D 135 19.70 -30.42 -29.29
CA ALA D 135 20.11 -31.44 -28.35
C ALA D 135 20.31 -30.83 -26.95
N TYR D 136 20.90 -29.63 -26.91
CA TYR D 136 21.16 -28.98 -25.63
C TYR D 136 19.84 -28.56 -24.95
N VAL D 137 18.96 -27.93 -25.72
CA VAL D 137 17.66 -27.54 -25.19
C VAL D 137 16.93 -28.75 -24.58
N ILE D 138 16.84 -29.84 -25.36
CA ILE D 138 16.24 -31.11 -24.92
C ILE D 138 16.77 -31.49 -23.54
N CYS D 139 18.09 -31.53 -23.41
CA CYS D 139 18.71 -32.01 -22.16
C CYS D 139 18.39 -31.11 -20.98
N ARG D 140 18.10 -29.84 -21.22
CA ARG D 140 17.73 -28.98 -20.11
C ARG D 140 16.25 -29.12 -19.78
N GLN D 141 15.43 -29.32 -20.80
CA GLN D 141 14.04 -29.69 -20.56
C GLN D 141 13.92 -30.94 -19.69
N VAL D 142 14.76 -31.93 -19.94
CA VAL D 142 14.79 -33.13 -19.10
C VAL D 142 15.17 -32.77 -17.69
N GLU D 143 16.26 -32.00 -17.60
CA GLU D 143 16.79 -31.46 -16.33
C GLU D 143 15.73 -30.67 -15.56
N ALA D 144 15.12 -29.73 -16.26
CA ALA D 144 14.06 -28.91 -15.71
C ALA D 144 12.91 -29.76 -15.23
N ALA D 145 12.41 -30.61 -16.12
CA ALA D 145 11.24 -31.42 -15.83
C ALA D 145 11.45 -32.38 -14.66
N ALA D 146 12.65 -32.95 -14.54
CA ALA D 146 12.94 -33.81 -13.38
C ALA D 146 12.78 -33.03 -12.07
N LYS D 147 13.41 -31.85 -12.00
CA LYS D 147 13.34 -31.00 -10.83
C LYS D 147 11.90 -30.56 -10.54
N THR D 148 11.17 -30.12 -11.56
CA THR D 148 9.76 -29.77 -11.39
C THR D 148 8.97 -30.89 -10.71
N LEU D 149 9.21 -32.13 -11.13
CA LEU D 149 8.46 -33.24 -10.56
C LEU D 149 9.20 -33.92 -9.41
N GLY D 150 10.22 -33.27 -8.87
CA GLY D 150 10.92 -33.83 -7.72
C GLY D 150 11.56 -35.19 -7.96
N ILE D 151 11.95 -35.43 -9.21
CA ILE D 151 12.51 -36.71 -9.62
C ILE D 151 14.03 -36.61 -9.74
N ASP D 152 14.74 -37.32 -8.85
CA ASP D 152 16.20 -37.43 -8.91
C ASP D 152 16.68 -38.06 -10.21
N ILE D 153 17.27 -37.25 -11.08
CA ILE D 153 17.74 -37.78 -12.36
C ILE D 153 18.81 -38.84 -12.14
N THR D 154 19.62 -38.67 -11.09
CA THR D 154 20.59 -39.66 -10.63
C THR D 154 20.03 -41.08 -10.55
N GLN D 155 18.73 -41.21 -10.30
CA GLN D 155 18.20 -42.52 -9.99
C GLN D 155 16.99 -42.88 -10.86
N ALA D 156 16.76 -42.06 -11.87
CA ALA D 156 15.61 -42.22 -12.76
C ALA D 156 15.99 -42.96 -14.03
N THR D 157 15.01 -43.19 -14.89
CA THR D 157 15.34 -43.83 -16.14
C THR D 157 14.83 -42.94 -17.30
N VAL D 158 15.72 -42.68 -18.25
CA VAL D 158 15.39 -41.90 -19.44
C VAL D 158 15.54 -42.82 -20.66
N ALA D 159 14.56 -42.77 -21.55
CA ALA D 159 14.59 -43.56 -22.77
C ALA D 159 14.68 -42.63 -23.99
N VAL D 160 15.73 -42.78 -24.78
CA VAL D 160 15.92 -41.95 -25.96
C VAL D 160 15.47 -42.76 -27.16
N VAL D 161 14.28 -42.44 -27.65
CA VAL D 161 13.74 -43.03 -28.87
C VAL D 161 14.31 -42.26 -30.04
N GLY D 162 15.08 -42.92 -30.89
CA GLY D 162 15.80 -42.25 -31.97
C GLY D 162 17.26 -42.01 -31.59
N ALA D 163 17.78 -42.86 -30.70
CA ALA D 163 19.00 -42.59 -29.98
C ALA D 163 20.25 -42.60 -30.85
N THR D 164 20.16 -43.16 -32.06
CA THR D 164 21.29 -43.19 -32.99
C THR D 164 21.30 -42.10 -34.04
N GLY D 165 20.28 -41.25 -34.02
CA GLY D 165 20.27 -40.02 -34.79
C GLY D 165 21.29 -39.01 -34.31
N ASP D 166 21.49 -37.96 -35.09
CA ASP D 166 22.39 -36.88 -34.69
C ASP D 166 21.99 -36.27 -33.35
N ILE D 167 20.74 -35.81 -33.27
CA ILE D 167 20.22 -35.26 -32.05
C ILE D 167 20.24 -36.29 -30.93
N GLY D 168 19.60 -37.43 -31.20
CA GLY D 168 19.38 -38.43 -30.17
C GLY D 168 20.68 -38.93 -29.55
N SER D 169 21.73 -39.05 -30.36
CA SER D 169 23.02 -39.48 -29.85
C SER D 169 23.65 -38.42 -28.98
N ALA D 170 23.48 -37.16 -29.38
CA ALA D 170 24.03 -36.05 -28.60
C ALA D 170 23.40 -35.96 -27.21
N VAL D 171 22.08 -35.91 -27.18
CA VAL D 171 21.28 -36.06 -25.97
C VAL D 171 21.82 -37.17 -25.06
N CYS D 172 22.11 -38.33 -25.63
CA CYS D 172 22.63 -39.46 -24.85
C CYS D 172 23.98 -39.15 -24.20
N ARG D 173 24.87 -38.48 -24.93
CA ARG D 173 26.20 -38.12 -24.41
C ARG D 173 26.06 -37.24 -23.16
N TRP D 174 25.23 -36.20 -23.28
CA TRP D 174 24.97 -35.30 -22.19
C TRP D 174 24.29 -36.03 -21.03
N LEU D 175 23.26 -36.80 -21.31
CA LEU D 175 22.52 -37.46 -20.24
C LEU D 175 23.44 -38.36 -19.45
N ASP D 176 24.44 -38.94 -20.10
CA ASP D 176 25.37 -39.78 -19.35
C ASP D 176 26.37 -38.93 -18.60
N LEU D 177 27.03 -38.04 -19.32
CA LEU D 177 28.19 -37.33 -18.78
C LEU D 177 27.81 -36.15 -17.88
N LYS D 178 26.88 -35.31 -18.33
CA LYS D 178 26.55 -34.06 -17.65
C LYS D 178 25.52 -34.25 -16.51
N LEU D 179 24.50 -35.09 -16.73
CA LEU D 179 23.44 -35.28 -15.73
C LEU D 179 23.59 -36.57 -14.92
N GLY D 180 24.48 -37.45 -15.35
CA GLY D 180 24.66 -38.76 -14.71
C GLY D 180 23.40 -39.61 -14.55
N VAL D 181 22.68 -39.89 -15.66
CA VAL D 181 21.36 -40.53 -15.54
C VAL D 181 21.48 -41.94 -14.99
N GLY D 182 20.54 -42.33 -14.11
CA GLY D 182 20.50 -43.63 -13.49
C GLY D 182 20.59 -44.80 -14.46
N ASP D 183 19.61 -44.86 -15.36
CA ASP D 183 19.65 -45.82 -16.45
C ASP D 183 19.24 -45.14 -17.75
N LEU D 184 19.90 -45.55 -18.82
CA LEU D 184 19.70 -44.96 -20.12
C LEU D 184 19.21 -46.05 -21.04
N ILE D 185 18.04 -45.85 -21.65
CA ILE D 185 17.54 -46.84 -22.58
C ILE D 185 17.65 -46.31 -24.01
N LEU D 186 18.22 -47.12 -24.89
CA LEU D 186 18.38 -46.73 -26.29
C LEU D 186 17.41 -47.50 -27.19
N THR D 187 16.77 -46.75 -28.09
CA THR D 187 15.76 -47.25 -28.97
C THR D 187 15.95 -46.58 -30.31
N ALA D 188 16.31 -47.35 -31.32
CA ALA D 188 16.32 -46.83 -32.67
C ALA D 188 15.99 -47.96 -33.63
N ARG D 189 15.96 -47.70 -34.93
CA ARG D 189 15.44 -48.69 -35.86
C ARG D 189 16.48 -49.65 -36.42
N ASN D 190 17.72 -49.21 -36.42
CA ASN D 190 18.77 -49.99 -36.99
C ASN D 190 19.64 -50.58 -35.87
N GLN D 191 19.70 -51.91 -35.79
CA GLN D 191 20.38 -52.56 -34.67
C GLN D 191 21.93 -52.41 -34.70
N GLU D 192 22.54 -52.28 -35.88
CA GLU D 192 24.00 -52.14 -35.95
C GLU D 192 24.46 -50.85 -35.30
N ARG D 193 23.70 -49.78 -35.57
CA ARG D 193 23.97 -48.48 -34.99
C ARG D 193 23.80 -48.47 -33.48
N LEU D 194 22.71 -49.04 -32.98
CA LEU D 194 22.54 -49.20 -31.54
C LEU D 194 23.74 -49.88 -30.85
N ASP D 195 24.33 -50.89 -31.48
CA ASP D 195 25.52 -51.52 -30.91
C ASP D 195 26.70 -50.56 -30.84
N ASN D 196 26.97 -49.89 -31.95
CA ASN D 196 28.02 -48.89 -31.99
C ASN D 196 27.81 -47.79 -30.98
N LEU D 197 26.57 -47.31 -30.86
CA LEU D 197 26.25 -46.21 -29.95
C LEU D 197 26.38 -46.65 -28.48
N GLN D 198 25.96 -47.87 -28.18
CA GLN D 198 26.11 -48.39 -26.82
C GLN D 198 27.59 -48.61 -26.42
N ALA D 199 28.45 -48.76 -27.42
CA ALA D 199 29.90 -48.84 -27.19
C ALA D 199 30.48 -47.45 -27.00
N GLU D 200 30.03 -46.53 -27.85
CA GLU D 200 30.44 -45.13 -27.77
C GLU D 200 30.18 -44.57 -26.38
N LEU D 201 29.06 -44.98 -25.78
CA LEU D 201 28.62 -44.47 -24.49
C LEU D 201 29.24 -45.25 -23.30
N GLY D 202 29.60 -46.49 -23.53
CA GLY D 202 30.03 -47.35 -22.45
C GLY D 202 28.88 -47.77 -21.54
N ARG D 203 27.67 -47.39 -21.93
CA ARG D 203 26.50 -47.70 -21.11
C ARG D 203 25.23 -47.71 -21.94
N GLY D 204 24.10 -47.96 -21.27
CA GLY D 204 22.82 -47.96 -21.97
C GLY D 204 22.26 -49.30 -22.42
N LYS D 205 20.99 -49.55 -22.10
CA LYS D 205 20.33 -50.80 -22.49
C LYS D 205 19.54 -50.56 -23.77
N ILE D 206 19.80 -51.37 -24.78
CA ILE D 206 18.95 -51.36 -25.96
C ILE D 206 17.68 -52.15 -25.69
N LEU D 207 16.56 -51.60 -26.18
CA LEU D 207 15.24 -52.19 -26.06
C LEU D 207 14.44 -51.76 -27.27
N PRO D 208 13.59 -52.67 -27.79
CA PRO D 208 12.61 -52.17 -28.76
C PRO D 208 11.60 -51.24 -28.07
N LEU D 209 10.94 -50.41 -28.88
CA LEU D 209 10.01 -49.40 -28.42
C LEU D 209 9.05 -49.86 -27.34
N GLU D 210 8.26 -50.91 -27.59
CA GLU D 210 7.23 -51.31 -26.64
C GLU D 210 7.81 -51.92 -25.36
N ALA D 211 9.13 -52.00 -25.27
CA ALA D 211 9.77 -52.46 -24.04
C ALA D 211 10.53 -51.37 -23.36
N ALA D 212 11.05 -50.43 -24.14
CA ALA D 212 11.63 -49.21 -23.57
C ALA D 212 10.59 -48.46 -22.77
N LEU D 213 9.53 -48.07 -23.48
CA LEU D 213 8.61 -47.07 -23.00
C LEU D 213 8.07 -47.32 -21.58
N PRO D 214 7.56 -48.53 -21.27
CA PRO D 214 6.96 -48.72 -19.93
C PRO D 214 7.96 -48.59 -18.79
N GLU D 215 9.24 -48.44 -19.14
CA GLU D 215 10.29 -48.31 -18.14
C GLU D 215 10.65 -46.86 -17.78
N ALA D 216 10.11 -45.89 -18.52
CA ALA D 216 10.72 -44.56 -18.59
C ALA D 216 10.02 -43.52 -17.72
N ASP D 217 10.80 -42.75 -16.96
CA ASP D 217 10.28 -41.53 -16.36
C ASP D 217 10.24 -40.46 -17.42
N PHE D 218 11.25 -40.50 -18.29
CA PHE D 218 11.38 -39.51 -19.36
C PHE D 218 11.65 -40.15 -20.73
N ILE D 219 10.85 -39.76 -21.72
CA ILE D 219 10.97 -40.29 -23.08
C ILE D 219 11.33 -39.17 -24.05
N VAL D 220 12.54 -39.20 -24.59
CA VAL D 220 12.96 -38.22 -25.58
C VAL D 220 12.58 -38.72 -26.97
N TRP D 221 11.51 -38.17 -27.52
CA TRP D 221 11.03 -38.73 -28.75
C TRP D 221 11.58 -37.93 -29.90
N VAL D 222 12.73 -38.37 -30.39
CA VAL D 222 13.44 -37.68 -31.44
C VAL D 222 13.59 -38.58 -32.69
N ALA D 223 12.48 -38.99 -33.23
CA ALA D 223 12.47 -39.87 -34.37
C ALA D 223 11.11 -39.84 -34.93
N SER D 224 10.94 -40.31 -36.14
CA SER D 224 9.62 -40.38 -36.74
C SER D 224 8.68 -41.48 -36.32
N MET D 225 7.40 -41.26 -36.56
CA MET D 225 6.35 -42.20 -36.17
C MET D 225 6.36 -43.50 -36.96
N PRO D 226 6.44 -44.62 -36.26
CA PRO D 226 6.42 -45.92 -36.96
C PRO D 226 5.06 -46.16 -37.62
N GLN D 227 3.98 -45.84 -36.93
CA GLN D 227 2.64 -46.13 -37.47
C GLN D 227 2.25 -47.57 -37.20
N GLY D 228 3.14 -48.25 -36.51
CA GLY D 228 2.90 -49.52 -35.86
C GLY D 228 2.38 -49.34 -34.46
N VAL D 229 2.97 -48.36 -33.77
CA VAL D 229 2.73 -48.15 -32.36
C VAL D 229 1.37 -47.55 -31.99
N VAL D 230 0.79 -48.08 -30.94
CA VAL D 230 -0.44 -47.52 -30.45
C VAL D 230 -0.05 -46.47 -29.42
N ILE D 231 1.07 -46.70 -28.81
CA ILE D 231 1.49 -45.88 -27.67
C ILE D 231 0.38 -45.94 -26.59
N ASP D 232 0.25 -47.10 -25.96
CA ASP D 232 -0.76 -47.27 -24.91
C ASP D 232 -0.41 -46.46 -23.65
N PRO D 233 -1.22 -45.42 -23.37
CA PRO D 233 -0.96 -44.61 -22.18
C PRO D 233 -0.97 -45.42 -20.89
N ALA D 234 -1.77 -46.49 -20.84
CA ALA D 234 -1.87 -47.30 -19.62
C ALA D 234 -0.61 -48.09 -19.31
N THR D 235 0.30 -48.17 -20.27
CA THR D 235 1.60 -48.78 -19.99
C THR D 235 2.64 -47.83 -19.33
N LEU D 236 2.51 -46.52 -19.59
CA LEU D 236 3.52 -45.54 -19.13
C LEU D 236 3.50 -45.34 -17.63
N LYS D 237 4.63 -44.91 -17.08
CA LYS D 237 4.73 -44.60 -15.65
C LYS D 237 3.75 -43.47 -15.28
N GLN D 238 3.37 -43.43 -14.01
CA GLN D 238 2.26 -42.57 -13.60
C GLN D 238 2.64 -41.09 -13.61
N PRO D 239 3.75 -40.69 -12.97
CA PRO D 239 4.32 -39.44 -13.50
C PRO D 239 5.23 -39.74 -14.69
N CYS D 240 4.90 -39.21 -15.88
CA CYS D 240 5.72 -39.50 -17.07
C CYS D 240 5.76 -38.32 -18.05
N VAL D 241 6.98 -37.92 -18.38
CA VAL D 241 7.16 -36.81 -19.32
C VAL D 241 7.70 -37.28 -20.64
N LEU D 242 7.07 -36.76 -21.68
CA LEU D 242 7.32 -37.17 -23.03
C LEU D 242 7.75 -35.95 -23.85
N ILE D 243 9.05 -35.87 -24.14
CA ILE D 243 9.60 -34.68 -24.73
C ILE D 243 9.64 -34.91 -26.23
N ASP D 244 8.86 -34.12 -26.95
CA ASP D 244 8.59 -34.33 -28.37
C ASP D 244 9.57 -33.56 -29.26
N GLY D 245 10.82 -34.02 -29.25
CA GLY D 245 11.91 -33.39 -29.97
C GLY D 245 12.13 -33.67 -31.47
N GLY D 246 11.28 -34.46 -32.12
CA GLY D 246 11.44 -34.65 -33.55
C GLY D 246 10.91 -33.45 -34.30
N TYR D 247 11.02 -33.43 -35.63
CA TYR D 247 10.43 -32.28 -36.30
C TYR D 247 8.92 -32.39 -36.22
N PRO D 248 8.31 -33.38 -36.88
CA PRO D 248 6.84 -33.40 -36.73
C PRO D 248 6.47 -33.58 -35.25
N LYS D 249 5.87 -32.55 -34.64
CA LYS D 249 5.53 -32.62 -33.21
C LYS D 249 4.06 -33.02 -33.07
N ASN D 250 3.79 -34.29 -33.42
CA ASN D 250 2.45 -34.85 -33.43
C ASN D 250 2.28 -35.87 -32.31
N LEU D 251 3.23 -35.91 -31.38
CA LEU D 251 3.10 -36.78 -30.23
C LEU D 251 1.92 -36.38 -29.33
N GLY D 252 1.65 -35.07 -29.24
CA GLY D 252 0.58 -34.57 -28.38
C GLY D 252 -0.81 -35.00 -28.83
N SER D 253 -0.99 -35.11 -30.14
CA SER D 253 -2.23 -35.64 -30.70
C SER D 253 -2.24 -37.17 -30.78
N LYS D 254 -1.18 -37.83 -30.31
CA LYS D 254 -1.07 -39.31 -30.44
C LYS D 254 -1.12 -40.07 -29.11
N VAL D 255 -0.76 -39.41 -28.00
CA VAL D 255 -0.83 -39.99 -26.66
C VAL D 255 -1.37 -38.99 -25.68
N GLN D 256 -2.23 -39.41 -24.79
CA GLN D 256 -2.90 -38.48 -23.93
C GLN D 256 -3.49 -39.21 -22.75
N GLY D 257 -3.30 -38.66 -21.56
CA GLY D 257 -3.88 -39.29 -20.39
C GLY D 257 -3.47 -38.66 -19.09
N GLU D 258 -3.96 -39.24 -18.01
CA GLU D 258 -3.75 -38.72 -16.68
C GLU D 258 -2.34 -39.02 -16.21
N GLY D 259 -1.63 -37.99 -15.75
CA GLY D 259 -0.26 -38.14 -15.32
C GLY D 259 0.74 -38.24 -16.45
N ILE D 260 0.29 -38.02 -17.67
CA ILE D 260 1.17 -38.14 -18.82
C ILE D 260 1.41 -36.78 -19.41
N TYR D 261 2.66 -36.32 -19.40
CA TYR D 261 2.93 -34.95 -19.83
C TYR D 261 3.76 -34.90 -21.13
N VAL D 262 3.17 -34.31 -22.16
CA VAL D 262 3.88 -34.16 -23.41
C VAL D 262 4.38 -32.73 -23.53
N LEU D 263 5.70 -32.61 -23.68
CA LEU D 263 6.36 -31.32 -23.70
C LEU D 263 7.00 -31.07 -25.06
N ASN D 264 6.63 -29.98 -25.74
CA ASN D 264 7.24 -29.68 -27.04
C ASN D 264 8.72 -29.44 -26.87
N GLY D 265 9.53 -30.38 -27.33
CA GLY D 265 10.96 -30.40 -27.04
C GLY D 265 11.76 -29.68 -28.10
N GLY D 266 12.91 -29.18 -27.71
CA GLY D 266 13.70 -28.33 -28.59
C GLY D 266 12.97 -27.06 -29.05
N VAL D 267 12.19 -26.46 -28.16
CA VAL D 267 11.62 -25.14 -28.40
C VAL D 267 12.14 -24.17 -27.33
N VAL D 268 12.46 -22.94 -27.71
CA VAL D 268 12.88 -21.95 -26.71
C VAL D 268 11.97 -20.74 -26.72
N GLU D 269 11.92 -20.06 -25.58
CA GLU D 269 11.25 -18.77 -25.51
C GLU D 269 12.31 -17.66 -25.46
N HIS D 270 12.07 -16.62 -26.25
CA HIS D 270 12.87 -15.40 -26.11
C HIS D 270 12.35 -14.55 -24.93
N CYS D 271 13.15 -13.59 -24.50
CA CYS D 271 12.65 -12.71 -23.41
C CYS D 271 11.95 -11.51 -24.02
N PHE D 272 12.08 -11.32 -25.32
CA PHE D 272 11.43 -10.17 -25.98
C PHE D 272 10.62 -10.67 -27.17
N ASP D 273 9.64 -9.86 -27.60
CA ASP D 273 8.72 -10.16 -28.73
C ASP D 273 9.46 -10.06 -30.06
N ILE D 274 8.92 -10.66 -31.13
CA ILE D 274 9.61 -10.66 -32.41
C ILE D 274 8.52 -10.53 -33.47
N ASP D 275 8.73 -9.65 -34.44
CA ASP D 275 7.72 -9.51 -35.53
C ASP D 275 7.77 -10.83 -36.30
N TRP D 276 6.64 -11.50 -36.50
CA TRP D 276 6.78 -12.84 -37.11
C TRP D 276 5.54 -13.37 -37.84
N GLN D 277 5.82 -14.25 -38.80
CA GLN D 277 4.90 -15.05 -39.66
C GLN D 277 5.75 -16.27 -40.04
N ILE D 278 5.88 -17.26 -39.15
CA ILE D 278 6.83 -18.38 -39.34
C ILE D 278 6.09 -19.73 -39.48
N MET D 279 6.80 -20.76 -39.95
CA MET D 279 6.21 -22.02 -40.42
C MET D 279 5.43 -22.79 -39.35
N SER D 280 5.76 -22.55 -38.08
CA SER D 280 5.08 -23.25 -37.00
C SER D 280 4.52 -22.29 -35.97
N ALA D 281 3.94 -21.19 -36.45
CA ALA D 281 3.24 -20.23 -35.58
C ALA D 281 2.02 -20.89 -34.92
N ALA D 282 1.33 -21.75 -35.68
CA ALA D 282 0.18 -22.49 -35.17
C ALA D 282 0.61 -23.46 -34.06
N GLU D 283 1.66 -24.23 -34.33
CA GLU D 283 2.13 -25.22 -33.36
C GLU D 283 2.72 -24.56 -32.14
N MET D 284 2.69 -23.23 -32.13
CA MET D 284 3.31 -22.46 -31.05
C MET D 284 2.26 -21.82 -30.13
N ALA D 285 2.39 -22.06 -28.82
CA ALA D 285 1.44 -21.52 -27.84
C ALA D 285 1.52 -19.99 -27.76
N ARG D 286 2.77 -19.50 -27.76
CA ARG D 286 3.09 -18.09 -27.72
C ARG D 286 3.96 -17.74 -28.94
N PRO D 287 3.33 -17.57 -30.12
CA PRO D 287 4.12 -17.44 -31.34
C PRO D 287 5.14 -16.29 -31.34
N GLU D 288 4.83 -15.17 -30.69
CA GLU D 288 5.75 -14.04 -30.64
C GLU D 288 7.07 -14.31 -29.94
N ARG D 289 7.09 -15.16 -28.93
CA ARG D 289 8.35 -15.34 -28.25
C ARG D 289 8.92 -16.78 -28.30
N GLN D 290 8.14 -17.74 -28.84
CA GLN D 290 8.51 -19.17 -28.91
C GLN D 290 9.07 -19.62 -30.27
N MET D 291 10.17 -20.38 -30.28
CA MET D 291 10.74 -20.84 -31.55
C MET D 291 11.39 -22.22 -31.44
N PHE D 292 11.73 -22.80 -32.59
CA PHE D 292 12.51 -24.04 -32.65
C PHE D 292 13.98 -23.76 -32.38
N ALA D 293 14.61 -24.64 -31.61
CA ALA D 293 15.99 -24.43 -31.19
C ALA D 293 16.98 -24.27 -32.36
N CYS D 294 16.78 -25.00 -33.45
CA CYS D 294 17.70 -24.94 -34.59
C CYS D 294 17.71 -23.56 -35.24
N PHE D 295 16.51 -23.01 -35.49
CA PHE D 295 16.33 -21.62 -35.92
C PHE D 295 17.03 -20.64 -34.96
N ALA D 296 16.81 -20.87 -33.67
CA ALA D 296 17.48 -20.13 -32.63
C ALA D 296 19.00 -20.25 -32.78
N GLU D 297 19.45 -21.34 -33.37
CA GLU D 297 20.88 -21.55 -33.49
C GLU D 297 21.46 -20.55 -34.50
N ALA D 298 20.74 -20.30 -35.59
CA ALA D 298 21.16 -19.29 -36.55
C ALA D 298 21.24 -17.90 -35.89
N MET D 299 20.26 -17.60 -35.05
CA MET D 299 20.27 -16.36 -34.32
C MET D 299 21.47 -16.25 -33.39
N LEU D 300 21.73 -17.29 -32.61
CA LEU D 300 22.86 -17.21 -31.70
C LEU D 300 24.18 -17.17 -32.44
N LEU D 301 24.27 -17.88 -33.56
CA LEU D 301 25.49 -17.84 -34.36
C LEU D 301 25.80 -16.42 -34.89
N GLU D 302 24.76 -15.69 -35.30
CA GLU D 302 24.95 -14.31 -35.72
C GLU D 302 25.21 -13.41 -34.52
N PHE D 303 24.47 -13.62 -33.43
CA PHE D 303 24.70 -12.85 -32.19
C PHE D 303 26.15 -12.98 -31.76
N GLU D 304 26.67 -14.21 -31.73
CA GLU D 304 28.02 -14.44 -31.20
C GLU D 304 29.09 -14.32 -32.28
N GLY D 305 28.70 -14.18 -33.54
CA GLY D 305 29.69 -14.03 -34.60
C GLY D 305 30.46 -15.28 -34.97
N TRP D 306 29.95 -16.44 -34.59
CA TRP D 306 30.58 -17.70 -34.96
C TRP D 306 30.01 -18.16 -36.30
N HIS D 307 30.42 -17.49 -37.37
CA HIS D 307 29.89 -17.75 -38.71
C HIS D 307 30.60 -18.95 -39.29
N THR D 308 29.99 -20.11 -39.05
CA THR D 308 30.57 -21.41 -39.29
C THR D 308 29.40 -22.41 -39.33
N ASN D 309 29.57 -23.60 -39.91
CA ASN D 309 28.50 -24.61 -39.80
C ASN D 309 28.62 -25.34 -38.45
N PHE D 310 28.22 -24.65 -37.38
CA PHE D 310 28.38 -25.14 -36.02
C PHE D 310 27.85 -26.57 -35.89
N SER D 311 26.61 -26.79 -36.29
CA SER D 311 25.97 -28.09 -36.17
C SER D 311 25.94 -28.73 -37.55
N TRP D 312 26.63 -29.86 -37.72
CA TRP D 312 26.74 -30.47 -39.03
C TRP D 312 26.75 -31.98 -38.97
N GLY D 313 26.58 -32.63 -40.12
CA GLY D 313 26.64 -34.08 -40.23
C GLY D 313 25.83 -34.92 -39.24
N ARG D 314 26.32 -36.12 -38.97
CA ARG D 314 25.66 -37.04 -38.05
C ARG D 314 26.66 -37.52 -37.01
N ASN D 315 26.22 -37.61 -35.76
CA ASN D 315 27.10 -37.99 -34.67
C ASN D 315 28.35 -37.10 -34.52
N GLN D 316 28.28 -35.91 -35.13
CA GLN D 316 29.34 -34.92 -35.09
C GLN D 316 29.12 -33.84 -34.07
N ILE D 317 28.05 -33.97 -33.29
CA ILE D 317 27.81 -33.03 -32.19
C ILE D 317 28.60 -33.51 -30.99
N THR D 318 29.39 -32.61 -30.40
CA THR D 318 30.17 -32.98 -29.24
C THR D 318 29.66 -32.24 -28.00
N ILE D 319 30.00 -32.75 -26.84
CA ILE D 319 29.54 -32.13 -25.62
C ILE D 319 30.02 -30.69 -25.47
N GLU D 320 31.31 -30.45 -25.74
CA GLU D 320 31.89 -29.13 -25.53
C GLU D 320 31.17 -28.05 -26.35
N LYS D 321 30.83 -28.37 -27.61
CA LYS D 321 30.07 -27.44 -28.45
C LYS D 321 28.61 -27.23 -27.97
N MET D 322 28.03 -28.26 -27.36
CA MET D 322 26.74 -28.11 -26.72
C MET D 322 26.85 -27.09 -25.59
N GLU D 323 27.89 -27.25 -24.78
CA GLU D 323 28.25 -26.28 -23.73
C GLU D 323 28.42 -24.90 -24.30
N ALA D 324 29.03 -24.84 -25.47
CA ALA D 324 29.40 -23.58 -26.08
C ALA D 324 28.18 -22.79 -26.48
N ILE D 325 27.28 -23.45 -27.16
CA ILE D 325 26.07 -22.75 -27.56
C ILE D 325 24.97 -22.85 -26.48
N GLY D 326 25.25 -23.56 -25.40
CA GLY D 326 24.40 -23.50 -24.23
C GLY D 326 24.55 -22.17 -23.49
N GLU D 327 25.76 -21.87 -23.06
CA GLU D 327 25.99 -20.60 -22.45
C GLU D 327 25.71 -19.47 -23.44
N ALA D 328 25.91 -19.71 -24.72
CA ALA D 328 25.51 -18.68 -25.66
C ALA D 328 23.98 -18.41 -25.60
N SER D 329 23.20 -19.48 -25.43
CA SER D 329 21.72 -19.42 -25.51
C SER D 329 21.08 -18.70 -24.32
N VAL D 330 21.62 -18.91 -23.12
CA VAL D 330 21.14 -18.14 -21.99
C VAL D 330 21.49 -16.67 -22.17
N ARG D 331 22.79 -16.43 -22.44
CA ARG D 331 23.36 -15.09 -22.50
C ARG D 331 22.56 -14.15 -23.37
N HIS D 332 21.83 -14.69 -24.33
CA HIS D 332 21.06 -13.84 -25.21
C HIS D 332 19.57 -13.87 -24.94
N GLY D 333 19.18 -14.42 -23.79
CA GLY D 333 17.77 -14.35 -23.40
C GLY D 333 16.86 -15.41 -24.00
N PHE D 334 17.41 -16.60 -24.27
CA PHE D 334 16.61 -17.76 -24.66
C PHE D 334 16.46 -18.68 -23.43
N GLN D 335 15.23 -19.03 -23.09
CA GLN D 335 15.01 -20.07 -22.09
C GLN D 335 14.24 -21.24 -22.75
N PRO D 336 14.48 -22.48 -22.25
CA PRO D 336 13.86 -23.65 -22.86
C PRO D 336 12.39 -23.81 -22.48
N LEU D 337 11.50 -24.13 -23.43
CA LEU D 337 10.09 -24.36 -23.11
C LEU D 337 9.93 -25.31 -21.96
N ALA D 338 8.99 -25.00 -21.09
CA ALA D 338 8.88 -25.73 -19.85
C ALA D 338 7.47 -26.28 -19.75
N LEU D 339 7.24 -27.10 -18.73
CA LEU D 339 5.92 -27.62 -18.52
C LEU D 339 5.01 -26.54 -17.95
N ALA D 340 3.79 -26.49 -18.48
CA ALA D 340 2.78 -25.56 -17.96
C ALA D 340 2.12 -26.17 -16.74
N ILE D 341 2.59 -25.77 -15.55
CA ILE D 341 2.00 -26.22 -14.29
C ILE D 341 0.48 -26.04 -14.22
N GLU D 342 -0.05 -25.11 -15.02
CA GLU D 342 -1.48 -24.85 -15.13
C GLU D 342 -2.23 -26.10 -15.53
N ASN D 343 -1.80 -26.67 -16.65
CA ASN D 343 -2.40 -27.83 -17.28
C ASN D 343 -2.19 -29.15 -16.53
N LEU D 344 -1.67 -29.08 -15.29
CA LEU D 344 -1.21 -30.27 -14.57
C LEU D 344 -2.32 -31.12 -13.92
N TYR D 345 -3.53 -30.55 -13.77
CA TYR D 345 -4.61 -31.20 -13.01
C TYR D 345 -5.98 -30.94 -13.61
N MET E 1 -14.41 34.01 -29.78
CA MET E 1 -15.00 32.92 -29.01
C MET E 1 -14.31 31.62 -29.38
N PHE E 2 -13.64 31.03 -28.40
CA PHE E 2 -12.96 29.72 -28.56
C PHE E 2 -13.89 28.65 -28.02
N GLY E 3 -13.67 27.41 -28.44
CA GLY E 3 -14.47 26.29 -27.93
C GLY E 3 -13.58 25.18 -27.43
N LEU E 4 -13.84 24.66 -26.24
CA LEU E 4 -13.04 23.49 -25.81
C LEU E 4 -14.02 22.31 -25.85
N ILE E 5 -13.68 21.30 -26.65
CA ILE E 5 -14.56 20.16 -26.90
C ILE E 5 -14.18 19.07 -25.90
N GLY E 6 -15.11 18.77 -25.00
CA GLY E 6 -14.81 17.86 -23.91
C GLY E 6 -15.83 16.73 -23.84
N HIS E 7 -15.49 15.75 -23.01
CA HIS E 7 -16.28 14.54 -22.78
C HIS E 7 -16.11 14.11 -21.31
N LEU E 8 -16.99 13.22 -20.87
CA LEU E 8 -16.96 12.63 -19.54
C LEU E 8 -15.79 11.64 -19.49
N THR E 9 -15.34 11.26 -18.29
CA THR E 9 -14.20 10.35 -18.16
C THR E 9 -14.60 8.95 -17.73
N SER E 10 -15.85 8.82 -17.28
CA SER E 10 -16.32 7.60 -16.65
C SER E 10 -17.83 7.66 -16.43
N LEU E 11 -18.45 6.50 -16.32
CA LEU E 11 -19.87 6.45 -16.01
C LEU E 11 -20.20 6.96 -14.62
N GLU E 12 -19.35 6.59 -13.66
CA GLU E 12 -19.50 7.05 -12.26
C GLU E 12 -19.49 8.56 -12.21
N GLN E 13 -18.45 9.14 -12.80
CA GLN E 13 -18.21 10.59 -12.78
C GLN E 13 -19.29 11.39 -13.49
N ALA E 14 -19.91 10.81 -14.51
CA ALA E 14 -20.97 11.50 -15.20
C ALA E 14 -22.14 11.76 -14.27
N ARG E 15 -22.40 10.84 -13.35
CA ARG E 15 -23.52 11.02 -12.44
C ARG E 15 -23.35 12.31 -11.60
N ASP E 16 -22.12 12.64 -11.24
CA ASP E 16 -21.84 13.85 -10.43
C ASP E 16 -22.05 15.13 -11.22
N VAL E 17 -21.74 15.09 -12.51
CA VAL E 17 -21.97 16.20 -13.43
C VAL E 17 -23.38 16.13 -14.02
N SER E 18 -24.09 15.07 -13.70
CA SER E 18 -25.40 14.85 -14.28
C SER E 18 -26.38 15.88 -13.72
N ARG E 19 -26.23 16.22 -12.44
CA ARG E 19 -27.08 17.24 -11.78
C ARG E 19 -26.84 18.62 -12.41
N ARG E 20 -25.58 19.03 -12.50
CA ARG E 20 -25.23 20.36 -13.02
C ARG E 20 -25.66 20.57 -14.48
N MET E 21 -26.32 19.57 -15.08
CA MET E 21 -26.75 19.68 -16.47
C MET E 21 -28.29 19.68 -16.64
N GLY E 22 -29.03 19.73 -15.54
CA GLY E 22 -30.47 19.87 -15.68
C GLY E 22 -31.30 18.60 -15.62
N TYR E 23 -30.66 17.47 -15.39
CA TYR E 23 -31.36 16.19 -15.26
C TYR E 23 -31.30 15.75 -13.82
N ASP E 24 -32.38 15.09 -13.38
CA ASP E 24 -32.56 14.80 -11.96
C ASP E 24 -32.14 13.39 -11.54
N GLU E 25 -31.80 13.26 -10.26
CA GLU E 25 -31.08 12.09 -9.74
C GLU E 25 -31.90 10.80 -9.80
N TYR E 26 -33.23 10.95 -9.83
CA TYR E 26 -34.12 9.80 -9.90
C TYR E 26 -33.94 9.04 -11.19
N ALA E 27 -33.55 9.77 -12.24
CA ALA E 27 -33.48 9.23 -13.57
C ALA E 27 -32.23 8.38 -13.76
N ASP E 28 -32.44 7.27 -14.47
CA ASP E 28 -31.40 6.34 -14.87
C ASP E 28 -30.47 6.99 -15.87
N GLN E 29 -29.20 7.17 -15.49
CA GLN E 29 -28.24 7.87 -16.34
C GLN E 29 -27.08 6.94 -16.68
N GLY E 30 -27.38 5.91 -17.46
CA GLY E 30 -26.41 4.94 -17.92
C GLY E 30 -25.97 5.16 -19.36
N LEU E 31 -25.30 4.17 -19.93
CA LEU E 31 -24.85 4.27 -21.32
C LEU E 31 -25.93 4.73 -22.26
N GLU E 32 -27.12 4.19 -22.05
CA GLU E 32 -28.21 4.42 -22.98
C GLU E 32 -28.63 5.91 -22.97
N PHE E 33 -28.59 6.56 -21.82
CA PHE E 33 -29.03 7.96 -21.77
C PHE E 33 -28.00 8.91 -22.37
N TRP E 34 -26.74 8.67 -22.07
CA TRP E 34 -25.69 9.50 -22.61
C TRP E 34 -25.54 9.33 -24.12
N SER E 35 -26.11 8.26 -24.67
CA SER E 35 -26.15 8.08 -26.12
C SER E 35 -27.20 8.99 -26.79
N SER E 36 -28.40 9.03 -26.23
CA SER E 36 -29.41 10.02 -26.62
C SER E 36 -29.00 11.51 -26.39
N ALA E 37 -28.03 11.73 -25.51
CA ALA E 37 -27.82 13.06 -24.94
C ALA E 37 -27.15 14.00 -25.94
N PRO E 38 -27.67 15.23 -26.08
CA PRO E 38 -27.14 16.24 -27.00
C PRO E 38 -25.93 16.96 -26.45
N PRO E 39 -25.07 17.48 -27.33
CA PRO E 39 -23.93 18.24 -26.86
C PRO E 39 -24.44 19.54 -26.28
N GLN E 40 -23.69 20.09 -25.33
CA GLN E 40 -24.17 21.22 -24.56
C GLN E 40 -22.99 22.09 -24.18
N ILE E 41 -23.16 23.41 -24.33
CA ILE E 41 -22.22 24.38 -23.75
C ILE E 41 -22.56 24.52 -22.28
N VAL E 42 -21.63 24.14 -21.43
CA VAL E 42 -21.93 24.03 -20.00
C VAL E 42 -21.23 25.09 -19.13
N ASP E 43 -20.28 25.82 -19.69
CA ASP E 43 -19.57 26.82 -18.91
C ASP E 43 -18.95 27.84 -19.83
N GLU E 44 -19.31 29.11 -19.62
CA GLU E 44 -18.70 30.20 -20.36
C GLU E 44 -17.46 30.66 -19.63
N ILE E 45 -16.38 30.88 -20.38
CA ILE E 45 -15.07 31.07 -19.80
C ILE E 45 -14.37 32.31 -20.35
N THR E 46 -13.89 33.17 -19.44
CA THR E 46 -13.03 34.28 -19.81
C THR E 46 -11.61 33.96 -19.37
N VAL E 47 -10.62 34.34 -20.17
CA VAL E 47 -9.20 34.12 -19.87
C VAL E 47 -8.38 35.34 -20.29
N THR E 48 -7.43 35.76 -19.47
CA THR E 48 -6.60 36.91 -19.76
C THR E 48 -5.14 36.50 -19.99
N SER E 49 -4.56 36.97 -21.08
CA SER E 49 -3.16 36.67 -21.40
C SER E 49 -2.19 37.47 -20.50
N ALA E 50 -0.89 37.26 -20.74
CA ALA E 50 0.17 38.10 -20.16
C ALA E 50 0.31 39.40 -20.93
N THR E 51 -0.34 39.46 -22.10
CA THR E 51 -0.42 40.72 -22.83
C THR E 51 -1.62 41.57 -22.39
N GLY E 52 -2.55 40.94 -21.69
CA GLY E 52 -3.74 41.66 -21.28
C GLY E 52 -4.98 41.30 -22.08
N LYS E 53 -4.78 40.57 -23.16
CA LYS E 53 -5.89 40.16 -24.05
C LYS E 53 -6.98 39.40 -23.31
N VAL E 54 -8.23 39.66 -23.64
CA VAL E 54 -9.33 39.01 -22.93
C VAL E 54 -10.27 38.29 -23.91
N ILE E 55 -10.51 37.02 -23.63
CA ILE E 55 -11.32 36.21 -24.50
C ILE E 55 -12.43 35.52 -23.77
N HIS E 56 -13.54 35.33 -24.46
CA HIS E 56 -14.73 34.65 -23.96
C HIS E 56 -14.86 33.33 -24.79
N GLY E 57 -15.45 32.30 -24.20
CA GLY E 57 -15.49 31.05 -24.91
C GLY E 57 -16.30 30.04 -24.17
N ARG E 58 -16.34 28.82 -24.72
CA ARG E 58 -17.24 27.82 -24.20
C ARG E 58 -16.52 26.50 -23.97
N TYR E 59 -17.02 25.77 -22.99
CA TYR E 59 -16.67 24.39 -22.77
C TYR E 59 -17.90 23.60 -23.15
N ILE E 60 -17.79 22.81 -24.23
CA ILE E 60 -18.91 22.00 -24.71
C ILE E 60 -18.78 20.55 -24.24
N GLU E 61 -19.89 20.01 -23.81
CA GLU E 61 -19.89 18.62 -23.37
C GLU E 61 -20.33 17.76 -24.56
N SER E 62 -19.40 16.97 -25.10
CA SER E 62 -19.73 16.06 -26.19
C SER E 62 -20.55 14.88 -25.71
N CYS E 63 -20.57 14.64 -24.40
CA CYS E 63 -21.23 13.48 -23.82
C CYS E 63 -20.61 12.15 -24.27
N PHE E 64 -19.41 12.21 -24.83
CA PHE E 64 -18.74 10.97 -25.08
C PHE E 64 -18.27 10.34 -23.78
N LEU E 65 -18.54 9.04 -23.65
CA LEU E 65 -18.04 8.20 -22.57
C LEU E 65 -17.11 7.14 -23.14
N PRO E 66 -15.95 6.91 -22.53
CA PRO E 66 -15.13 5.77 -22.95
C PRO E 66 -15.88 4.42 -22.87
N GLU E 67 -16.92 4.37 -22.05
CA GLU E 67 -17.75 3.19 -21.96
C GLU E 67 -18.40 2.90 -23.30
N MET E 68 -18.51 3.90 -24.14
CA MET E 68 -19.06 3.67 -25.45
C MET E 68 -18.12 2.87 -26.34
N LEU E 69 -16.81 3.11 -26.20
CA LEU E 69 -15.86 2.35 -27.02
C LEU E 69 -15.77 0.90 -26.55
N ALA E 70 -15.72 0.69 -25.24
CA ALA E 70 -15.65 -0.66 -24.72
C ALA E 70 -16.93 -1.45 -25.04
N ALA E 71 -18.08 -0.78 -25.04
CA ALA E 71 -19.29 -1.47 -25.49
C ALA E 71 -19.29 -1.64 -27.01
N ARG E 72 -18.24 -1.13 -27.66
CA ARG E 72 -18.13 -1.19 -29.11
C ARG E 72 -19.38 -0.60 -29.75
N ARG E 73 -19.84 0.53 -29.18
CA ARG E 73 -20.93 1.31 -29.75
C ARG E 73 -20.35 2.43 -30.60
N PHE E 74 -19.44 2.07 -31.51
CA PHE E 74 -18.65 3.05 -32.27
C PHE E 74 -19.47 4.03 -33.11
N LYS E 75 -20.65 3.64 -33.59
CA LYS E 75 -21.43 4.62 -34.35
C LYS E 75 -21.86 5.74 -33.44
N THR E 76 -22.50 5.38 -32.33
CA THR E 76 -22.76 6.34 -31.25
C THR E 76 -21.51 7.15 -30.90
N ALA E 77 -20.36 6.50 -30.79
CA ALA E 77 -19.16 7.21 -30.38
C ALA E 77 -18.76 8.32 -31.36
N THR E 78 -18.93 8.09 -32.66
CA THR E 78 -18.55 9.10 -33.66
C THR E 78 -19.57 10.23 -33.75
N ARG E 79 -20.85 9.94 -33.55
CA ARG E 79 -21.82 11.01 -33.71
C ARG E 79 -21.74 11.98 -32.55
N LYS E 80 -21.24 11.55 -31.39
CA LYS E 80 -21.07 12.51 -30.28
C LYS E 80 -19.88 13.44 -30.50
N VAL E 81 -18.81 12.93 -31.11
CA VAL E 81 -17.75 13.80 -31.56
C VAL E 81 -18.18 14.67 -32.76
N LEU E 82 -19.09 14.16 -33.60
CA LEU E 82 -19.56 14.91 -34.77
C LEU E 82 -20.70 15.85 -34.40
N ASN E 83 -21.61 15.42 -33.52
CA ASN E 83 -22.56 16.38 -32.97
C ASN E 83 -21.84 17.54 -32.31
N ALA E 84 -20.88 17.22 -31.45
CA ALA E 84 -20.14 18.25 -30.72
C ALA E 84 -19.50 19.21 -31.69
N MET E 85 -18.81 18.70 -32.69
CA MET E 85 -18.20 19.58 -33.69
C MET E 85 -19.23 20.42 -34.45
N SER E 86 -20.32 19.77 -34.87
CA SER E 86 -21.43 20.46 -35.51
C SER E 86 -22.07 21.47 -34.56
N HIS E 87 -22.03 21.18 -33.27
CA HIS E 87 -22.58 22.08 -32.27
C HIS E 87 -21.71 23.29 -31.96
N ALA E 88 -20.40 23.13 -32.16
CA ALA E 88 -19.41 24.21 -31.97
C ALA E 88 -19.45 25.18 -33.13
N GLN E 89 -19.82 24.68 -34.30
CA GLN E 89 -19.97 25.53 -35.47
C GLN E 89 -21.25 26.37 -35.42
N LYS E 90 -22.35 25.77 -34.95
CA LYS E 90 -23.65 26.44 -34.97
C LYS E 90 -23.88 27.48 -33.89
N HIS E 91 -23.07 27.42 -32.82
CA HIS E 91 -22.97 28.55 -31.91
C HIS E 91 -21.77 29.40 -32.29
N GLY E 92 -21.26 29.19 -33.50
CA GLY E 92 -20.34 30.15 -34.06
C GLY E 92 -18.94 30.22 -33.48
N ILE E 93 -18.59 29.32 -32.58
CA ILE E 93 -17.22 29.27 -32.06
C ILE E 93 -16.25 29.22 -33.20
N ASP E 94 -15.11 29.86 -33.07
CA ASP E 94 -14.24 30.05 -34.23
C ASP E 94 -13.10 29.06 -34.31
N ILE E 95 -12.52 28.78 -33.14
CA ILE E 95 -11.39 27.82 -32.98
C ILE E 95 -11.77 26.85 -31.85
N SER E 96 -11.64 25.55 -32.09
CA SER E 96 -12.00 24.57 -31.06
C SER E 96 -10.96 23.46 -30.91
N ALA E 97 -10.67 23.08 -29.68
CA ALA E 97 -9.77 21.97 -29.46
C ALA E 97 -10.55 20.70 -29.12
N LEU E 98 -10.05 19.58 -29.64
CA LEU E 98 -10.63 18.27 -29.41
C LEU E 98 -9.90 17.63 -28.23
N GLY E 99 -10.56 17.65 -27.08
CA GLY E 99 -9.99 17.13 -25.85
C GLY E 99 -10.12 15.63 -25.67
N GLY E 100 -9.01 14.98 -25.28
CA GLY E 100 -9.08 13.59 -24.90
C GLY E 100 -9.34 12.72 -26.09
N PHE E 101 -10.27 11.78 -25.94
CA PHE E 101 -10.56 10.80 -26.98
C PHE E 101 -11.10 11.42 -28.25
N THR E 102 -11.83 12.54 -28.12
CA THR E 102 -12.55 13.11 -29.24
C THR E 102 -11.69 13.32 -30.47
N SER E 103 -10.43 13.70 -30.27
CA SER E 103 -9.51 13.78 -31.38
C SER E 103 -9.20 12.39 -31.91
N ILE E 104 -8.93 11.46 -30.99
CA ILE E 104 -8.50 10.10 -31.32
C ILE E 104 -9.62 9.35 -32.07
N ILE E 105 -10.85 9.54 -31.58
CA ILE E 105 -12.03 9.03 -32.27
C ILE E 105 -12.05 9.49 -33.71
N PHE E 106 -11.69 10.74 -33.92
CA PHE E 106 -11.79 11.38 -35.23
C PHE E 106 -10.76 10.85 -36.21
N GLU E 107 -9.56 10.56 -35.70
CA GLU E 107 -8.45 10.04 -36.50
C GLU E 107 -8.58 8.54 -36.81
N ASN E 108 -8.81 7.73 -35.79
CA ASN E 108 -8.83 6.29 -35.96
C ASN E 108 -10.12 5.82 -36.61
N PHE E 109 -11.03 6.73 -36.91
CA PHE E 109 -12.27 6.34 -37.58
C PHE E 109 -12.48 7.09 -38.91
N ASP E 110 -11.41 7.64 -39.49
CA ASP E 110 -11.52 8.28 -40.80
C ASP E 110 -12.67 9.30 -40.86
N LEU E 111 -12.77 10.16 -39.85
CA LEU E 111 -13.93 11.04 -39.70
C LEU E 111 -13.90 12.31 -40.60
N ALA E 112 -12.73 12.65 -41.13
CA ALA E 112 -12.63 13.71 -42.15
C ALA E 112 -13.48 13.36 -43.37
N SER E 113 -13.36 12.12 -43.82
CA SER E 113 -14.18 11.60 -44.89
C SER E 113 -15.65 11.56 -44.46
N LEU E 114 -16.56 11.76 -45.42
CA LEU E 114 -17.96 12.03 -45.08
C LEU E 114 -18.05 13.15 -44.03
N ARG E 115 -17.52 14.34 -44.32
CA ARG E 115 -17.53 15.41 -43.32
C ARG E 115 -18.98 15.79 -42.98
N GLN E 116 -19.87 15.40 -43.89
CA GLN E 116 -21.21 15.91 -44.12
C GLN E 116 -22.22 15.49 -43.03
N VAL E 117 -22.69 16.46 -42.26
CA VAL E 117 -23.95 16.34 -41.52
C VAL E 117 -25.00 17.06 -42.38
N ARG E 118 -26.23 16.52 -42.42
CA ARG E 118 -27.26 16.98 -43.35
C ARG E 118 -27.44 18.50 -43.36
N ASP E 119 -27.43 19.08 -42.16
CA ASP E 119 -27.22 20.50 -42.00
C ASP E 119 -25.90 20.64 -41.28
N THR E 120 -25.37 21.86 -41.26
CA THR E 120 -24.20 22.21 -40.46
C THR E 120 -22.99 21.51 -41.04
N THR E 121 -22.89 21.51 -42.37
CA THR E 121 -21.77 20.91 -43.07
C THR E 121 -20.48 21.53 -42.51
N LEU E 122 -19.57 20.71 -41.99
CA LEU E 122 -18.56 21.23 -41.08
C LEU E 122 -17.29 21.69 -41.76
N GLU E 123 -16.86 22.88 -41.36
CA GLU E 123 -15.56 23.41 -41.74
C GLU E 123 -14.52 22.98 -40.74
N PHE E 124 -13.40 22.48 -41.26
CA PHE E 124 -12.38 21.85 -40.42
C PHE E 124 -11.27 22.80 -39.94
N GLU E 125 -11.22 23.99 -40.49
CA GLU E 125 -10.28 24.95 -39.96
C GLU E 125 -10.85 25.59 -38.69
N ARG E 126 -12.11 25.27 -38.38
CA ARG E 126 -12.69 25.68 -37.11
C ARG E 126 -12.33 24.75 -35.93
N PHE E 127 -11.40 23.82 -36.13
CA PHE E 127 -11.06 22.84 -35.10
C PHE E 127 -9.57 22.51 -35.10
N THR E 128 -9.03 22.15 -33.93
CA THR E 128 -7.70 21.52 -33.83
C THR E 128 -7.76 20.23 -33.05
N THR E 129 -6.72 19.43 -33.20
CA THR E 129 -6.50 18.32 -32.29
C THR E 129 -5.79 18.82 -31.04
N GLY E 130 -5.02 19.89 -31.17
CA GLY E 130 -4.24 20.37 -30.05
C GLY E 130 -2.96 19.59 -29.79
N ASN E 131 -2.47 18.85 -30.77
CA ASN E 131 -1.35 17.96 -30.50
C ASN E 131 0.00 18.59 -30.71
N THR E 132 0.06 19.57 -31.60
CA THR E 132 1.30 20.27 -31.84
C THR E 132 1.77 20.95 -30.53
N HIS E 133 0.82 21.59 -29.83
CA HIS E 133 1.11 22.24 -28.51
C HIS E 133 1.47 21.17 -27.46
N THR E 134 0.75 20.04 -27.45
CA THR E 134 0.98 18.94 -26.50
C THR E 134 2.38 18.35 -26.69
N ALA E 135 2.82 18.29 -27.94
CA ALA E 135 4.17 17.82 -28.21
C ALA E 135 5.22 18.80 -27.69
N TYR E 136 5.01 20.10 -27.90
CA TYR E 136 6.00 21.08 -27.45
C TYR E 136 6.25 21.00 -25.95
N VAL E 137 5.15 21.02 -25.20
CA VAL E 137 5.22 20.96 -23.75
C VAL E 137 6.04 19.77 -23.25
N ILE E 138 5.71 18.57 -23.79
CA ILE E 138 6.33 17.32 -23.35
C ILE E 138 7.84 17.42 -23.54
N CYS E 139 8.24 18.06 -24.63
CA CYS E 139 9.66 18.19 -24.91
C CYS E 139 10.35 19.13 -23.93
N ARG E 140 9.70 20.27 -23.65
CA ARG E 140 10.22 21.13 -22.60
C ARG E 140 10.29 20.38 -21.27
N GLN E 141 9.21 19.66 -20.94
CA GLN E 141 9.11 18.92 -19.66
C GLN E 141 10.31 17.99 -19.48
N VAL E 142 10.73 17.35 -20.56
CA VAL E 142 11.93 16.51 -20.56
C VAL E 142 13.19 17.35 -20.33
N GLU E 143 13.30 18.43 -21.09
CA GLU E 143 14.41 19.40 -20.96
C GLU E 143 14.53 19.88 -19.52
N ALA E 144 13.40 20.33 -18.97
CA ALA E 144 13.32 20.80 -17.59
C ALA E 144 13.76 19.71 -16.60
N ALA E 145 13.01 18.61 -16.59
CA ALA E 145 13.34 17.45 -15.78
C ALA E 145 14.78 17.00 -15.95
N ALA E 146 15.30 17.18 -17.15
CA ALA E 146 16.69 16.89 -17.41
C ALA E 146 17.61 17.78 -16.57
N LYS E 147 17.40 19.09 -16.67
CA LYS E 147 18.21 20.03 -15.90
C LYS E 147 18.07 19.81 -14.39
N THR E 148 16.82 19.79 -13.91
CA THR E 148 16.53 19.54 -12.50
C THR E 148 17.37 18.37 -11.97
N LEU E 149 17.37 17.26 -12.71
CA LEU E 149 18.03 16.06 -12.23
C LEU E 149 19.53 15.99 -12.55
N GLY E 150 20.02 16.92 -13.38
CA GLY E 150 21.45 16.96 -13.63
C GLY E 150 22.07 15.93 -14.55
N ILE E 151 21.33 15.58 -15.59
CA ILE E 151 21.85 14.65 -16.59
C ILE E 151 21.90 15.39 -17.94
N ASP E 152 23.01 15.18 -18.65
CA ASP E 152 23.27 15.87 -19.91
C ASP E 152 22.39 15.22 -20.94
N ILE E 153 21.41 15.98 -21.45
CA ILE E 153 20.40 15.43 -22.36
C ILE E 153 21.05 14.90 -23.64
N THR E 154 22.08 15.60 -24.09
CA THR E 154 22.87 15.15 -25.23
C THR E 154 23.64 13.85 -24.95
N GLN E 155 23.82 13.51 -23.68
CA GLN E 155 24.55 12.28 -23.32
C GLN E 155 23.68 11.22 -22.65
N ALA E 156 22.37 11.46 -22.61
CA ALA E 156 21.45 10.56 -21.93
C ALA E 156 20.53 9.90 -22.92
N THR E 157 19.80 8.88 -22.48
CA THR E 157 18.95 8.10 -23.39
C THR E 157 17.44 8.19 -23.11
N VAL E 158 16.68 8.49 -24.15
CA VAL E 158 15.25 8.73 -24.03
C VAL E 158 14.41 7.75 -24.91
N ALA E 159 13.46 7.04 -24.31
CA ALA E 159 12.58 6.17 -25.06
C ALA E 159 11.19 6.79 -25.18
N VAL E 160 10.64 6.78 -26.39
CA VAL E 160 9.33 7.36 -26.61
C VAL E 160 8.34 6.27 -27.00
N VAL E 161 7.60 5.80 -26.01
CA VAL E 161 6.60 4.80 -26.22
C VAL E 161 5.41 5.40 -26.93
N GLY E 162 5.16 4.90 -28.13
CA GLY E 162 4.09 5.32 -29.01
C GLY E 162 4.50 6.35 -30.04
N ALA E 163 5.72 6.23 -30.56
CA ALA E 163 6.27 7.24 -31.47
C ALA E 163 5.49 7.35 -32.77
N THR E 164 4.82 6.28 -33.18
CA THR E 164 4.06 6.26 -34.43
C THR E 164 2.96 7.34 -34.45
N GLY E 165 2.46 7.68 -33.25
CA GLY E 165 1.28 8.52 -33.14
C GLY E 165 1.64 9.95 -33.46
N ASP E 166 0.62 10.78 -33.70
CA ASP E 166 0.82 12.20 -34.00
C ASP E 166 1.79 12.82 -33.02
N ILE E 167 1.48 12.69 -31.74
CA ILE E 167 2.26 13.34 -30.72
C ILE E 167 3.62 12.71 -30.57
N GLY E 168 3.66 11.39 -30.49
CA GLY E 168 4.93 10.70 -30.31
C GLY E 168 5.90 11.03 -31.43
N SER E 169 5.38 11.17 -32.64
CA SER E 169 6.24 11.42 -33.81
C SER E 169 6.82 12.80 -33.76
N ALA E 170 5.98 13.77 -33.43
CA ALA E 170 6.40 15.16 -33.32
C ALA E 170 7.31 15.35 -32.09
N VAL E 171 7.16 14.49 -31.10
CA VAL E 171 8.07 14.52 -29.97
C VAL E 171 9.46 14.06 -30.43
N CYS E 172 9.52 13.02 -31.25
CA CYS E 172 10.82 12.46 -31.64
C CYS E 172 11.65 13.40 -32.49
N ARG E 173 10.94 14.13 -33.34
CA ARG E 173 11.60 15.06 -34.25
C ARG E 173 12.29 16.16 -33.46
N TRP E 174 11.49 16.86 -32.64
CA TRP E 174 12.00 17.93 -31.78
C TRP E 174 13.02 17.42 -30.75
N LEU E 175 12.85 16.20 -30.27
CA LEU E 175 13.83 15.60 -29.37
C LEU E 175 15.21 15.57 -30.02
N ASP E 176 15.23 15.21 -31.30
CA ASP E 176 16.49 15.01 -32.03
C ASP E 176 17.04 16.30 -32.60
N LEU E 177 16.19 17.03 -33.29
CA LEU E 177 16.66 18.17 -34.06
C LEU E 177 17.03 19.33 -33.14
N LYS E 178 16.09 19.86 -32.33
CA LYS E 178 16.40 21.03 -31.49
C LYS E 178 17.23 20.67 -30.25
N LEU E 179 16.78 19.69 -29.48
CA LEU E 179 17.51 19.33 -28.25
C LEU E 179 18.68 18.38 -28.50
N GLY E 180 18.69 17.69 -29.62
CA GLY E 180 19.80 16.80 -29.85
C GLY E 180 19.94 15.74 -28.77
N VAL E 181 18.97 14.82 -28.69
CA VAL E 181 19.03 13.77 -27.70
C VAL E 181 20.12 12.75 -28.03
N GLY E 182 20.91 12.35 -27.02
CA GLY E 182 21.91 11.31 -27.15
C GLY E 182 21.42 10.05 -27.83
N ASP E 183 20.46 9.38 -27.20
CA ASP E 183 19.91 8.15 -27.73
C ASP E 183 18.40 8.29 -27.80
N LEU E 184 17.84 8.08 -28.97
CA LEU E 184 16.40 8.12 -29.14
C LEU E 184 15.96 6.70 -29.36
N ILE E 185 15.13 6.16 -28.48
CA ILE E 185 14.65 4.80 -28.66
C ILE E 185 13.16 4.84 -28.98
N LEU E 186 12.78 4.23 -30.10
CA LEU E 186 11.39 4.26 -30.56
C LEU E 186 10.70 2.95 -30.28
N THR E 187 9.45 3.06 -29.86
CA THR E 187 8.65 1.91 -29.45
C THR E 187 7.21 2.15 -29.89
N ALA E 188 6.58 1.09 -30.42
CA ALA E 188 5.19 1.17 -30.85
C ALA E 188 4.69 -0.18 -31.32
N ARG E 189 3.44 -0.17 -31.78
CA ARG E 189 2.70 -1.39 -32.05
C ARG E 189 3.03 -1.97 -33.45
N ASN E 190 3.04 -1.13 -34.49
CA ASN E 190 3.17 -1.60 -35.86
C ASN E 190 4.46 -1.11 -36.49
N GLN E 191 5.36 -2.03 -36.82
CA GLN E 191 6.73 -1.66 -37.20
C GLN E 191 6.91 -1.07 -38.59
N GLU E 192 5.81 -1.02 -39.35
CA GLU E 192 5.79 -0.38 -40.67
C GLU E 192 5.80 1.15 -40.56
N ARG E 193 5.02 1.71 -39.62
CA ARG E 193 5.08 3.15 -39.34
C ARG E 193 6.33 3.49 -38.54
N LEU E 194 6.82 2.52 -37.77
CA LEU E 194 8.07 2.73 -37.09
C LEU E 194 9.21 2.93 -38.08
N ASP E 195 9.22 2.13 -39.14
CA ASP E 195 10.27 2.22 -40.16
C ASP E 195 10.20 3.52 -40.96
N ASN E 196 9.01 3.85 -41.44
CA ASN E 196 8.80 5.11 -42.16
C ASN E 196 9.11 6.29 -41.26
N LEU E 197 8.85 6.15 -39.95
CA LEU E 197 9.18 7.23 -39.02
C LEU E 197 10.69 7.30 -38.81
N GLN E 198 11.33 6.16 -38.60
CA GLN E 198 12.77 6.18 -38.42
C GLN E 198 13.47 6.71 -39.66
N ALA E 199 13.01 6.28 -40.83
CA ALA E 199 13.52 6.80 -42.10
C ALA E 199 13.29 8.31 -42.25
N GLU E 200 12.19 8.78 -41.69
CA GLU E 200 11.82 10.20 -41.65
C GLU E 200 12.63 10.94 -40.56
N LEU E 201 13.16 10.21 -39.58
CA LEU E 201 13.96 10.85 -38.55
C LEU E 201 15.45 10.83 -38.81
N GLY E 202 15.93 9.85 -39.58
CA GLY E 202 17.35 9.73 -39.80
C GLY E 202 18.13 9.39 -38.55
N ARG E 203 17.44 9.17 -37.43
CA ARG E 203 18.11 8.67 -36.25
C ARG E 203 17.12 7.88 -35.40
N GLY E 204 17.57 7.41 -34.25
CA GLY E 204 16.69 6.60 -33.42
C GLY E 204 16.91 5.10 -33.56
N LYS E 205 16.74 4.41 -32.44
CA LYS E 205 16.93 2.98 -32.27
C LYS E 205 15.56 2.37 -32.03
N ILE E 206 15.10 1.46 -32.88
CA ILE E 206 13.79 0.86 -32.65
C ILE E 206 13.93 -0.39 -31.79
N LEU E 207 13.38 -0.38 -30.58
CA LEU E 207 13.40 -1.56 -29.72
C LEU E 207 12.00 -2.00 -29.28
N PRO E 208 11.87 -3.29 -28.92
CA PRO E 208 10.65 -3.65 -28.21
C PRO E 208 10.59 -3.01 -26.83
N LEU E 209 9.36 -2.87 -26.34
CA LEU E 209 9.10 -2.10 -25.14
C LEU E 209 9.93 -2.62 -23.96
N GLU E 210 9.69 -3.85 -23.55
CA GLU E 210 10.35 -4.46 -22.38
C GLU E 210 11.87 -4.38 -22.43
N ALA E 211 12.40 -4.09 -23.62
CA ALA E 211 13.82 -3.96 -23.81
C ALA E 211 14.27 -2.51 -23.68
N ALA E 212 13.47 -1.59 -24.21
CA ALA E 212 13.80 -0.15 -24.21
C ALA E 212 13.80 0.49 -22.79
N LEU E 213 12.76 0.23 -22.01
CA LEU E 213 12.56 0.92 -20.73
C LEU E 213 13.74 0.85 -19.76
N PRO E 214 14.32 -0.34 -19.53
CA PRO E 214 15.43 -0.36 -18.58
C PRO E 214 16.66 0.38 -19.08
N GLU E 215 16.65 0.81 -20.33
CA GLU E 215 17.78 1.55 -20.88
C GLU E 215 17.63 3.08 -20.76
N ALA E 216 16.39 3.56 -20.62
CA ALA E 216 16.09 4.99 -20.74
C ALA E 216 15.99 5.74 -19.39
N ASP E 217 16.69 6.88 -19.31
CA ASP E 217 16.57 7.89 -18.25
C ASP E 217 15.21 8.59 -18.28
N PHE E 218 14.69 8.80 -19.47
CA PHE E 218 13.40 9.45 -19.65
C PHE E 218 12.51 8.58 -20.49
N ILE E 219 11.24 8.56 -20.15
CA ILE E 219 10.32 7.72 -20.88
C ILE E 219 9.14 8.61 -21.24
N VAL E 220 8.85 8.77 -22.51
CA VAL E 220 7.76 9.61 -22.93
C VAL E 220 6.64 8.71 -23.43
N TRP E 221 5.48 8.80 -22.82
CA TRP E 221 4.52 7.73 -23.01
C TRP E 221 3.34 8.30 -23.76
N VAL E 222 3.01 7.78 -24.92
CA VAL E 222 1.81 8.33 -25.55
C VAL E 222 0.72 7.34 -25.98
N ALA E 223 1.09 6.12 -26.34
CA ALA E 223 0.08 5.19 -26.81
C ALA E 223 -0.65 4.66 -25.58
N SER E 224 -1.62 3.78 -25.78
CA SER E 224 -2.30 3.16 -24.66
C SER E 224 -1.28 2.22 -24.04
N MET E 225 -1.58 1.69 -22.85
CA MET E 225 -0.70 0.67 -22.30
C MET E 225 -1.28 -0.71 -22.65
N PRO E 226 -0.52 -1.50 -23.42
CA PRO E 226 -0.88 -2.87 -23.83
C PRO E 226 -0.89 -3.82 -22.62
N GLN E 227 -1.67 -4.90 -22.71
CA GLN E 227 -2.00 -5.73 -21.55
C GLN E 227 -0.86 -6.51 -20.84
N GLY E 228 -0.02 -7.22 -21.59
CA GLY E 228 1.03 -8.03 -21.02
C GLY E 228 2.09 -7.17 -20.35
N VAL E 229 2.32 -6.04 -21.01
CA VAL E 229 3.43 -5.18 -20.66
C VAL E 229 2.96 -4.18 -19.59
N VAL E 230 3.41 -4.47 -18.38
CA VAL E 230 3.31 -3.55 -17.28
C VAL E 230 4.72 -3.44 -16.67
N ILE E 231 5.21 -2.21 -16.58
CA ILE E 231 6.59 -2.00 -16.27
C ILE E 231 6.88 -2.53 -14.89
N ASP E 232 8.06 -3.09 -14.72
CA ASP E 232 8.52 -3.60 -13.43
C ASP E 232 9.41 -2.52 -12.89
N PRO E 233 8.99 -1.87 -11.80
CA PRO E 233 9.76 -0.72 -11.32
C PRO E 233 11.22 -1.02 -11.06
N ALA E 234 11.54 -2.28 -10.79
CA ALA E 234 12.91 -2.66 -10.40
C ALA E 234 13.91 -2.68 -11.55
N THR E 235 13.40 -2.93 -12.76
CA THR E 235 14.26 -2.98 -13.94
C THR E 235 14.68 -1.55 -14.40
N LEU E 236 14.13 -0.51 -13.76
CA LEU E 236 14.26 0.86 -14.23
C LEU E 236 15.54 1.54 -13.75
N LYS E 237 16.06 2.45 -14.58
CA LYS E 237 17.20 3.27 -14.17
C LYS E 237 16.81 4.07 -12.94
N GLN E 238 17.58 3.97 -11.86
CA GLN E 238 17.01 4.36 -10.57
C GLN E 238 16.74 5.86 -10.44
N PRO E 239 17.58 6.70 -11.03
CA PRO E 239 16.99 8.00 -11.36
C PRO E 239 16.28 7.94 -12.71
N CYS E 240 14.96 8.02 -12.70
CA CYS E 240 14.18 7.84 -13.91
C CYS E 240 12.90 8.66 -13.90
N VAL E 241 12.53 9.18 -15.06
CA VAL E 241 11.38 10.07 -15.16
C VAL E 241 10.44 9.61 -16.25
N LEU E 242 9.19 9.36 -15.89
CA LEU E 242 8.21 8.89 -16.87
C LEU E 242 7.10 9.90 -17.07
N ILE E 243 6.98 10.35 -18.29
CA ILE E 243 6.11 11.46 -18.59
C ILE E 243 4.89 10.93 -19.26
N ASP E 244 3.81 10.95 -18.50
CA ASP E 244 2.59 10.34 -18.97
C ASP E 244 1.96 11.35 -19.91
N GLY E 245 2.56 11.40 -21.09
CA GLY E 245 2.15 12.28 -22.17
C GLY E 245 0.80 11.90 -22.68
N GLY E 246 0.48 10.63 -22.54
CA GLY E 246 -0.66 10.07 -23.21
C GLY E 246 -1.91 10.66 -22.59
N TYR E 247 -3.04 10.30 -23.13
CA TYR E 247 -4.30 10.33 -22.41
C TYR E 247 -4.94 8.97 -22.69
N PRO E 248 -5.59 8.39 -21.67
CA PRO E 248 -5.82 8.90 -20.32
C PRO E 248 -4.58 8.86 -19.45
N LYS E 249 -4.56 9.68 -18.40
CA LYS E 249 -3.42 9.66 -17.52
C LYS E 249 -3.76 8.59 -16.49
N ASN E 250 -3.16 7.43 -16.70
CA ASN E 250 -3.13 6.41 -15.68
C ASN E 250 -1.74 5.94 -15.25
N LEU E 251 -0.71 6.45 -15.92
CA LEU E 251 0.61 5.86 -15.78
C LEU E 251 1.12 5.91 -14.35
N GLY E 252 0.69 6.93 -13.62
CA GLY E 252 1.10 7.16 -12.24
C GLY E 252 0.69 6.06 -11.26
N SER E 253 -0.54 5.59 -11.39
CA SER E 253 -1.03 4.51 -10.55
C SER E 253 -0.68 3.11 -11.09
N LYS E 254 0.02 3.00 -12.23
CA LYS E 254 0.49 1.69 -12.68
C LYS E 254 1.98 1.45 -12.38
N VAL E 255 2.73 2.51 -12.07
CA VAL E 255 4.16 2.37 -11.78
C VAL E 255 4.63 3.34 -10.69
N GLN E 256 5.24 2.82 -9.63
CA GLN E 256 5.69 3.64 -8.53
C GLN E 256 6.78 2.92 -7.76
N GLY E 257 7.77 3.65 -7.30
CA GLY E 257 8.88 3.00 -6.64
C GLY E 257 9.93 4.03 -6.33
N GLU E 258 10.95 3.58 -5.60
CA GLU E 258 12.08 4.43 -5.24
C GLU E 258 12.77 4.93 -6.50
N GLY E 259 13.00 6.24 -6.57
CA GLY E 259 13.69 6.87 -7.67
C GLY E 259 12.90 6.99 -8.95
N ILE E 260 11.66 6.52 -8.92
CA ILE E 260 10.85 6.53 -10.11
C ILE E 260 9.89 7.70 -10.03
N TYR E 261 10.11 8.72 -10.84
CA TYR E 261 9.30 9.93 -10.80
C TYR E 261 8.35 9.99 -12.00
N VAL E 262 7.07 10.14 -11.71
CA VAL E 262 6.03 10.25 -12.75
C VAL E 262 5.48 11.66 -12.85
N LEU E 263 5.40 12.15 -14.08
CA LEU E 263 5.08 13.54 -14.33
C LEU E 263 3.89 13.58 -15.27
N ASN E 264 2.84 14.32 -14.96
CA ASN E 264 1.76 14.42 -15.92
C ASN E 264 2.30 15.11 -17.15
N GLY E 265 2.34 14.40 -18.28
CA GLY E 265 2.85 14.97 -19.52
C GLY E 265 1.80 15.77 -20.25
N GLY E 266 2.25 16.76 -21.01
CA GLY E 266 1.34 17.60 -21.75
C GLY E 266 0.37 18.39 -20.90
N VAL E 267 0.86 18.93 -19.79
CA VAL E 267 0.00 19.74 -18.93
C VAL E 267 0.72 21.05 -18.60
N VAL E 268 0.02 22.14 -18.87
CA VAL E 268 0.58 23.46 -18.66
C VAL E 268 -0.03 24.05 -17.40
N GLU E 269 0.72 24.96 -16.76
CA GLU E 269 0.12 25.84 -15.76
C GLU E 269 0.27 27.27 -16.26
N HIS E 270 -0.87 27.98 -16.31
CA HIS E 270 -0.90 29.39 -16.69
C HIS E 270 -0.26 30.26 -15.60
N CYS E 271 0.50 31.30 -15.99
CA CYS E 271 1.11 32.21 -15.01
C CYS E 271 0.06 33.00 -14.22
N PHE E 272 -1.15 33.09 -14.77
CA PHE E 272 -2.28 33.66 -14.07
C PHE E 272 -3.29 32.58 -13.79
N ASP E 273 -3.96 32.68 -12.65
CA ASP E 273 -5.07 31.81 -12.37
C ASP E 273 -6.23 32.18 -13.29
N ILE E 274 -7.08 31.22 -13.62
CA ILE E 274 -8.30 31.44 -14.40
C ILE E 274 -9.45 30.60 -13.80
N ASP E 275 -10.70 30.96 -14.07
CA ASP E 275 -11.82 30.23 -13.47
C ASP E 275 -12.68 29.49 -14.49
N TRP E 276 -12.80 28.18 -14.28
CA TRP E 276 -13.45 27.28 -15.23
C TRP E 276 -13.80 25.96 -14.57
N GLN E 277 -14.61 25.15 -15.25
CA GLN E 277 -14.87 23.78 -14.81
C GLN E 277 -14.63 22.82 -15.94
N ILE E 278 -13.36 22.68 -16.32
CA ILE E 278 -12.93 21.80 -17.41
C ILE E 278 -12.95 20.31 -17.03
N MET E 279 -13.14 19.47 -18.04
CA MET E 279 -13.02 18.01 -17.87
C MET E 279 -11.73 17.66 -17.16
N SER E 280 -11.72 16.45 -16.59
CA SER E 280 -10.55 15.90 -15.87
C SER E 280 -9.88 16.94 -14.99
N ALA E 281 -10.69 17.81 -14.38
CA ALA E 281 -10.20 18.79 -13.42
C ALA E 281 -9.69 18.08 -12.19
N ALA E 282 -10.21 16.86 -11.99
CA ALA E 282 -9.77 16.02 -10.89
C ALA E 282 -8.28 15.67 -11.00
N GLU E 283 -7.80 15.51 -12.23
CA GLU E 283 -6.42 15.11 -12.45
C GLU E 283 -5.46 16.24 -12.10
N MET E 284 -5.97 17.47 -12.22
CA MET E 284 -5.14 18.67 -12.07
C MET E 284 -5.03 19.12 -10.61
N ALA E 285 -3.80 19.43 -10.19
CA ALA E 285 -3.55 19.86 -8.81
C ALA E 285 -3.97 21.29 -8.57
N ARG E 286 -3.61 22.18 -9.50
CA ARG E 286 -4.08 23.57 -9.49
C ARG E 286 -5.07 23.78 -10.63
N PRO E 287 -6.32 23.33 -10.45
CA PRO E 287 -7.30 23.47 -11.52
C PRO E 287 -7.44 24.89 -12.04
N GLU E 288 -7.20 25.89 -11.21
CA GLU E 288 -7.31 27.28 -11.66
C GLU E 288 -6.12 27.69 -12.54
N ARG E 289 -5.03 26.93 -12.47
CA ARG E 289 -3.84 27.28 -13.23
C ARG E 289 -3.37 26.18 -14.17
N GLN E 290 -3.77 24.92 -13.91
CA GLN E 290 -3.31 23.75 -14.69
C GLN E 290 -4.38 23.12 -15.60
N MET E 291 -3.99 22.82 -16.85
CA MET E 291 -4.88 22.24 -17.86
C MET E 291 -4.18 21.44 -18.97
N PHE E 292 -4.95 20.73 -19.78
CA PHE E 292 -4.32 19.98 -20.88
C PHE E 292 -3.80 20.92 -21.99
N ALA E 293 -2.58 20.67 -22.44
CA ALA E 293 -1.93 21.51 -23.45
C ALA E 293 -2.74 21.55 -24.76
N CYS E 294 -3.52 20.53 -25.08
CA CYS E 294 -4.34 20.61 -26.26
C CYS E 294 -5.43 21.67 -26.06
N PHE E 295 -6.01 21.70 -24.88
CA PHE E 295 -6.99 22.71 -24.52
C PHE E 295 -6.40 24.12 -24.58
N ALA E 296 -5.11 24.22 -24.30
CA ALA E 296 -4.40 25.50 -24.37
C ALA E 296 -4.34 26.05 -25.76
N GLU E 297 -4.34 25.15 -26.75
CA GLU E 297 -4.10 25.54 -28.11
C GLU E 297 -5.31 26.27 -28.70
N ALA E 298 -6.53 25.89 -28.34
CA ALA E 298 -7.69 26.66 -28.83
C ALA E 298 -7.81 28.04 -28.18
N MET E 299 -7.10 28.21 -27.06
CA MET E 299 -6.86 29.50 -26.45
C MET E 299 -5.77 30.25 -27.20
N LEU E 300 -4.59 29.65 -27.31
CA LEU E 300 -3.47 30.35 -27.98
C LEU E 300 -3.99 30.72 -29.37
N LEU E 301 -4.83 29.86 -29.94
CA LEU E 301 -5.41 30.06 -31.28
C LEU E 301 -6.34 31.26 -31.27
N GLU E 302 -7.24 31.34 -30.29
CA GLU E 302 -8.19 32.48 -30.18
C GLU E 302 -7.36 33.72 -29.86
N PHE E 303 -6.34 33.53 -29.03
CA PHE E 303 -5.51 34.62 -28.57
C PHE E 303 -4.80 35.31 -29.73
N GLU E 304 -4.23 34.55 -30.65
CA GLU E 304 -3.47 35.16 -31.74
C GLU E 304 -4.31 35.41 -32.96
N GLY E 305 -5.55 34.93 -32.96
CA GLY E 305 -6.47 35.14 -34.07
C GLY E 305 -6.45 34.07 -35.16
N TRP E 306 -5.52 33.12 -35.07
CA TRP E 306 -5.34 32.16 -36.15
C TRP E 306 -6.49 31.18 -36.08
N HIS E 307 -7.63 31.55 -36.66
CA HIS E 307 -8.79 30.64 -36.70
C HIS E 307 -8.63 29.53 -37.74
N THR E 308 -7.67 28.64 -37.47
CA THR E 308 -7.25 27.62 -38.42
C THR E 308 -7.13 26.28 -37.72
N ASN E 309 -7.00 25.22 -38.51
CA ASN E 309 -6.72 23.90 -38.00
C ASN E 309 -5.24 23.61 -37.73
N PHE E 310 -4.63 24.37 -36.83
CA PHE E 310 -3.18 24.36 -36.67
C PHE E 310 -2.59 22.95 -36.52
N SER E 311 -3.35 22.10 -35.87
CA SER E 311 -2.91 20.74 -35.60
C SER E 311 -3.97 19.76 -36.12
N TRP E 312 -3.57 18.89 -37.04
CA TRP E 312 -4.52 17.97 -37.68
C TRP E 312 -3.83 16.74 -38.29
N GLY E 313 -4.56 15.62 -38.41
CA GLY E 313 -4.02 14.39 -38.96
C GLY E 313 -2.80 13.82 -38.23
N ARG E 314 -2.35 12.63 -38.61
CA ARG E 314 -1.20 12.01 -37.95
C ARG E 314 0.09 12.33 -38.67
N ASN E 315 1.19 12.42 -37.93
N ASN E 315 1.16 12.56 -37.91
CA ASN E 315 2.51 12.82 -38.44
CA ASN E 315 2.48 12.81 -38.46
C ASN E 315 2.51 13.98 -39.45
C ASN E 315 2.58 14.04 -39.36
N GLN E 316 1.67 14.98 -39.19
CA GLN E 316 1.50 16.17 -40.02
C GLN E 316 1.92 17.46 -39.36
N ILE E 317 2.69 17.35 -38.29
CA ILE E 317 3.12 18.52 -37.56
C ILE E 317 4.63 18.60 -37.55
N THR E 318 5.11 19.84 -37.74
CA THR E 318 6.52 20.08 -37.98
C THR E 318 7.12 21.04 -36.95
N ILE E 319 8.45 21.06 -36.86
CA ILE E 319 9.15 21.86 -35.87
C ILE E 319 8.87 23.36 -36.06
N GLU E 320 8.78 23.77 -37.32
CA GLU E 320 8.41 25.14 -37.65
C GLU E 320 7.00 25.44 -37.14
N LYS E 321 6.14 24.43 -37.12
CA LYS E 321 4.80 24.61 -36.58
C LYS E 321 4.77 24.53 -35.04
N MET E 322 5.79 23.94 -34.44
CA MET E 322 5.82 23.82 -32.98
C MET E 322 6.42 25.03 -32.29
N GLU E 323 7.56 25.49 -32.82
CA GLU E 323 8.25 26.68 -32.33
C GLU E 323 7.26 27.82 -32.23
N ALA E 324 6.42 27.96 -33.25
CA ALA E 324 5.49 29.08 -33.33
C ALA E 324 4.52 29.11 -32.16
N ILE E 325 3.75 28.04 -31.95
CA ILE E 325 2.82 28.03 -30.84
C ILE E 325 3.50 27.65 -29.52
N GLY E 326 4.72 27.11 -29.61
CA GLY E 326 5.47 26.79 -28.42
C GLY E 326 6.02 28.01 -27.69
N GLU E 327 6.68 28.89 -28.43
CA GLU E 327 7.14 30.16 -27.87
C GLU E 327 6.01 31.18 -27.73
N ALA E 328 4.98 31.07 -28.56
CA ALA E 328 3.77 31.84 -28.32
C ALA E 328 3.14 31.46 -26.97
N SER E 329 3.26 30.18 -26.60
CA SER E 329 2.80 29.71 -25.29
C SER E 329 3.54 30.41 -24.15
N VAL E 330 4.86 30.53 -24.29
CA VAL E 330 5.68 31.22 -23.30
C VAL E 330 5.29 32.71 -23.24
N ARG E 331 5.30 33.37 -24.39
CA ARG E 331 5.03 34.79 -24.43
C ARG E 331 3.57 35.10 -24.05
N HIS E 332 2.68 34.13 -24.13
CA HIS E 332 1.33 34.40 -23.66
C HIS E 332 1.18 34.21 -22.15
N GLY E 333 2.07 33.44 -21.53
CA GLY E 333 1.95 33.16 -20.11
C GLY E 333 1.52 31.74 -19.74
N PHE E 334 2.06 30.77 -20.47
CA PHE E 334 1.79 29.34 -20.22
C PHE E 334 3.11 28.62 -19.97
N GLN E 335 3.21 27.89 -18.88
CA GLN E 335 4.42 27.12 -18.63
C GLN E 335 4.16 25.64 -18.33
N PRO E 336 5.13 24.81 -18.72
CA PRO E 336 4.93 23.37 -18.54
C PRO E 336 5.07 22.93 -17.08
N LEU E 337 4.32 21.89 -16.69
CA LEU E 337 4.36 21.38 -15.32
C LEU E 337 5.71 20.76 -15.03
N ALA E 338 6.23 20.99 -13.84
CA ALA E 338 7.55 20.47 -13.51
C ALA E 338 7.43 19.51 -12.37
N LEU E 339 8.53 18.83 -12.06
CA LEU E 339 8.53 17.84 -10.99
C LEU E 339 8.37 18.51 -9.64
N ALA E 340 7.95 17.74 -8.65
CA ALA E 340 7.88 18.15 -7.25
C ALA E 340 8.65 17.13 -6.38
N ILE E 341 9.98 17.13 -6.48
CA ILE E 341 10.80 16.14 -5.77
C ILE E 341 11.69 16.91 -4.78
N GLU E 342 11.00 17.58 -3.87
CA GLU E 342 11.52 18.09 -2.62
C GLU E 342 11.15 17.14 -1.46
N ASN E 343 10.35 16.11 -1.74
CA ASN E 343 10.00 15.13 -0.71
C ASN E 343 11.21 14.26 -0.32
N LEU E 344 11.22 13.79 0.93
CA LEU E 344 12.43 13.27 1.59
C LEU E 344 13.12 12.14 0.84
N TYR E 345 14.42 12.03 1.10
CA TYR E 345 15.24 10.91 0.63
C TYR E 345 16.44 10.69 1.55
#